data_5MQ1
# 
_entry.id   5MQ1 
# 
_audit_conform.dict_name       mmcif_pdbx.dic 
_audit_conform.dict_version    5.391 
_audit_conform.dict_location   http://mmcif.pdb.org/dictionaries/ascii/mmcif_pdbx.dic 
# 
loop_
_database_2.database_id 
_database_2.database_code 
_database_2.pdbx_database_accession 
_database_2.pdbx_DOI 
PDB   5MQ1         pdb_00005mq1 10.2210/pdb5mq1/pdb 
WWPDB D_1200002830 ?            ?                   
# 
loop_
_pdbx_audit_revision_history.ordinal 
_pdbx_audit_revision_history.data_content_type 
_pdbx_audit_revision_history.major_revision 
_pdbx_audit_revision_history.minor_revision 
_pdbx_audit_revision_history.revision_date 
1 'Structure model' 1 0 2018-01-17 
2 'Structure model' 1 1 2024-05-01 
# 
_pdbx_audit_revision_details.ordinal             1 
_pdbx_audit_revision_details.revision_ordinal    1 
_pdbx_audit_revision_details.data_content_type   'Structure model' 
_pdbx_audit_revision_details.provider            repository 
_pdbx_audit_revision_details.type                'Initial release' 
_pdbx_audit_revision_details.description         ? 
_pdbx_audit_revision_details.details             ? 
# 
loop_
_pdbx_audit_revision_group.ordinal 
_pdbx_audit_revision_group.revision_ordinal 
_pdbx_audit_revision_group.data_content_type 
_pdbx_audit_revision_group.group 
1 2 'Structure model' Advisory                 
2 2 'Structure model' 'Data collection'        
3 2 'Structure model' 'Database references'    
4 2 'Structure model' 'Derived calculations'   
5 2 'Structure model' 'Refinement description' 
# 
loop_
_pdbx_audit_revision_category.ordinal 
_pdbx_audit_revision_category.revision_ordinal 
_pdbx_audit_revision_category.data_content_type 
_pdbx_audit_revision_category.category 
1 2 'Structure model' chem_comp_atom                
2 2 'Structure model' chem_comp_bond                
3 2 'Structure model' database_2                    
4 2 'Structure model' pdbx_initial_refinement_model 
5 2 'Structure model' pdbx_struct_conn_angle        
6 2 'Structure model' pdbx_struct_special_symmetry  
7 2 'Structure model' pdbx_unobs_or_zero_occ_atoms  
8 2 'Structure model' struct_conn                   
# 
loop_
_pdbx_audit_revision_item.ordinal 
_pdbx_audit_revision_item.revision_ordinal 
_pdbx_audit_revision_item.data_content_type 
_pdbx_audit_revision_item.item 
1  2 'Structure model' '_database_2.pdbx_DOI'                        
2  2 'Structure model' '_database_2.pdbx_database_accession'         
3  2 'Structure model' '_pdbx_struct_conn_angle.ptnr1_auth_comp_id'  
4  2 'Structure model' '_pdbx_struct_conn_angle.ptnr1_auth_seq_id'   
5  2 'Structure model' '_pdbx_struct_conn_angle.ptnr1_label_atom_id' 
6  2 'Structure model' '_pdbx_struct_conn_angle.ptnr1_label_comp_id' 
7  2 'Structure model' '_pdbx_struct_conn_angle.ptnr1_label_seq_id'  
8  2 'Structure model' '_pdbx_struct_conn_angle.ptnr2_auth_seq_id'   
9  2 'Structure model' '_pdbx_struct_conn_angle.ptnr2_label_asym_id' 
10 2 'Structure model' '_pdbx_struct_conn_angle.ptnr2_symmetry'      
11 2 'Structure model' '_pdbx_struct_conn_angle.ptnr3_auth_comp_id'  
12 2 'Structure model' '_pdbx_struct_conn_angle.ptnr3_auth_seq_id'   
13 2 'Structure model' '_pdbx_struct_conn_angle.ptnr3_label_atom_id' 
14 2 'Structure model' '_pdbx_struct_conn_angle.ptnr3_label_comp_id' 
15 2 'Structure model' '_pdbx_struct_conn_angle.ptnr3_label_seq_id'  
16 2 'Structure model' '_pdbx_struct_conn_angle.value'               
17 2 'Structure model' '_struct_conn.pdbx_dist_value'                
18 2 'Structure model' '_struct_conn.ptnr1_auth_comp_id'             
19 2 'Structure model' '_struct_conn.ptnr1_auth_seq_id'              
20 2 'Structure model' '_struct_conn.ptnr1_label_atom_id'            
21 2 'Structure model' '_struct_conn.ptnr1_label_comp_id'            
22 2 'Structure model' '_struct_conn.ptnr1_label_seq_id'             
23 2 'Structure model' '_struct_conn.ptnr2_auth_seq_id'              
24 2 'Structure model' '_struct_conn.ptnr2_label_asym_id'            
25 2 'Structure model' '_struct_conn.ptnr2_symmetry'                 
# 
_pdbx_database_status.status_code                     REL 
_pdbx_database_status.status_code_sf                  REL 
_pdbx_database_status.status_code_mr                  ? 
_pdbx_database_status.entry_id                        5MQ1 
_pdbx_database_status.recvd_initial_deposition_date   2016-12-19 
_pdbx_database_status.SG_entry                        Y 
_pdbx_database_status.deposit_site                    PDBE 
_pdbx_database_status.process_site                    PDBE 
_pdbx_database_status.status_code_cs                  ? 
_pdbx_database_status.methods_development_category    ? 
_pdbx_database_status.pdb_format_compatible           Y 
_pdbx_database_status.status_code_nmr_data            ? 
# 
loop_
_audit_author.name 
_audit_author.pdbx_ordinal 
_audit_author.identifier_ORCID 
'Diaz-Saez, L.'                        1  ? 
'Martin, L.J.'                         2  ? 
'Panagakou, I.'                        3  ? 
'Picaud, S.'                           4  ? 
'Krojer, T.'                           5  ? 
'von Delft, F.'                        6  ? 
'Knapp, S.'                            7  ? 
'Arrowsmith, C.H.'                     8  ? 
'Edwards, A.M.'                        9  ? 
'Bountra, C.'                          10 ? 
'Huber, K.'                            11 ? 
'Structural Genomics Consortium (SGC)' 12 ? 
# 
_citation.abstract                  ? 
_citation.abstract_id_CAS           ? 
_citation.book_id_ISBN              ? 
_citation.book_publisher            ? 
_citation.book_publisher_city       ? 
_citation.book_title                ? 
_citation.coordinate_linkage        ? 
_citation.country                   ? 
_citation.database_id_Medline       ? 
_citation.details                   ? 
_citation.id                        primary 
_citation.journal_abbrev            'To Be Published' 
_citation.journal_id_ASTM           ? 
_citation.journal_id_CSD            0353 
_citation.journal_id_ISSN           ? 
_citation.journal_full              ? 
_citation.journal_issue             ? 
_citation.journal_volume            ? 
_citation.language                  ? 
_citation.page_first                ? 
_citation.page_last                 ? 
_citation.title                     'Crystal structure of the BRD7 bromodomain in complex with BI-9564' 
_citation.year                      ? 
_citation.database_id_CSD           ? 
_citation.pdbx_database_id_DOI      ? 
_citation.pdbx_database_id_PubMed   ? 
_citation.unpublished_flag          ? 
# 
loop_
_citation_author.citation_id 
_citation_author.name 
_citation_author.ordinal 
_citation_author.identifier_ORCID 
primary 'Diaz-Saez, L.'                        1  ? 
primary 'Martin, L.J.'                         2  ? 
primary 'Panagakou, I.'                        3  ? 
primary 'Picaud, S.'                           4  ? 
primary 'Krojer, T.'                           5  ? 
primary 'von Delft, F.'                        6  ? 
primary 'Knapp, S.'                            7  ? 
primary 'Arrowsmith, C.H.'                     8  ? 
primary 'Edwards, A.M.'                        9  ? 
primary 'Bountra, C.'                          10 ? 
primary 'Huber, K.'                            11 ? 
primary 'Structural Genomics Consortium (SGC)' 12 ? 
# 
loop_
_entity.id 
_entity.type 
_entity.src_method 
_entity.pdbx_description 
_entity.formula_weight 
_entity.pdbx_number_of_molecules 
_entity.pdbx_ec 
_entity.pdbx_mutation 
_entity.pdbx_fragment 
_entity.details 
1 polymer     man 'Bromodomain-containing protein 7'                                                   13175.279 1   ? ? ? ? 
2 non-polymer syn '4-[4-[(dimethylamino)methyl]-2,5-dimethoxy-phenyl]-2-methyl-2,7-naphthyridin-1-one' 353.415   1   ? ? ? ? 
3 non-polymer syn 'ZINC ION'                                                                           65.409    2   ? ? ? ? 
4 non-polymer syn 'CHLORIDE ION'                                                                       35.453    3   ? ? ? ? 
5 non-polymer syn 'MAGNESIUM ION'                                                                      24.305    1   ? ? ? ? 
6 non-polymer syn 1,2-ETHANEDIOL                                                                       62.068    11  ? ? ? ? 
7 water       nat water                                                                                18.015    224 ? ? ? ? 
# 
_entity_name_com.entity_id   1 
_entity_name_com.name        '75 kDa bromodomain protein,Protein CELTIX-1' 
# 
_entity_poly.entity_id                      1 
_entity_poly.type                           'polypeptide(L)' 
_entity_poly.nstd_linkage                   no 
_entity_poly.nstd_monomer                   no 
_entity_poly.pdbx_seq_one_letter_code       
;MEEVEQTPLQEALNQLMRQLQRKDPSAFFSFPVTDFIAPGYSMIIKHPMDFSTMKEKIKNNDYQSIEELKDNFKLMCTNA
MIYNKPETIYYKAAKKLLHSGMKILSQERIQS
;
_entity_poly.pdbx_seq_one_letter_code_can   
;MEEVEQTPLQEALNQLMRQLQRKDPSAFFSFPVTDFIAPGYSMIIKHPMDFSTMKEKIKNNDYQSIEELKDNFKLMCTNA
MIYNKPETIYYKAAKKLLHSGMKILSQERIQS
;
_entity_poly.pdbx_strand_id                 A 
_entity_poly.pdbx_target_identifier         ? 
# 
loop_
_pdbx_entity_nonpoly.entity_id 
_pdbx_entity_nonpoly.name 
_pdbx_entity_nonpoly.comp_id 
2 '4-[4-[(dimethylamino)methyl]-2,5-dimethoxy-phenyl]-2-methyl-2,7-naphthyridin-1-one' 5U6 
3 'ZINC ION'                                                                           ZN  
4 'CHLORIDE ION'                                                                       CL  
5 'MAGNESIUM ION'                                                                      MG  
6 1,2-ETHANEDIOL                                                                       EDO 
7 water                                                                                HOH 
# 
loop_
_entity_poly_seq.entity_id 
_entity_poly_seq.num 
_entity_poly_seq.mon_id 
_entity_poly_seq.hetero 
1 1   MET n 
1 2   GLU n 
1 3   GLU n 
1 4   VAL n 
1 5   GLU n 
1 6   GLN n 
1 7   THR n 
1 8   PRO n 
1 9   LEU n 
1 10  GLN n 
1 11  GLU n 
1 12  ALA n 
1 13  LEU n 
1 14  ASN n 
1 15  GLN n 
1 16  LEU n 
1 17  MET n 
1 18  ARG n 
1 19  GLN n 
1 20  LEU n 
1 21  GLN n 
1 22  ARG n 
1 23  LYS n 
1 24  ASP n 
1 25  PRO n 
1 26  SER n 
1 27  ALA n 
1 28  PHE n 
1 29  PHE n 
1 30  SER n 
1 31  PHE n 
1 32  PRO n 
1 33  VAL n 
1 34  THR n 
1 35  ASP n 
1 36  PHE n 
1 37  ILE n 
1 38  ALA n 
1 39  PRO n 
1 40  GLY n 
1 41  TYR n 
1 42  SER n 
1 43  MET n 
1 44  ILE n 
1 45  ILE n 
1 46  LYS n 
1 47  HIS n 
1 48  PRO n 
1 49  MET n 
1 50  ASP n 
1 51  PHE n 
1 52  SER n 
1 53  THR n 
1 54  MET n 
1 55  LYS n 
1 56  GLU n 
1 57  LYS n 
1 58  ILE n 
1 59  LYS n 
1 60  ASN n 
1 61  ASN n 
1 62  ASP n 
1 63  TYR n 
1 64  GLN n 
1 65  SER n 
1 66  ILE n 
1 67  GLU n 
1 68  GLU n 
1 69  LEU n 
1 70  LYS n 
1 71  ASP n 
1 72  ASN n 
1 73  PHE n 
1 74  LYS n 
1 75  LEU n 
1 76  MET n 
1 77  CYS n 
1 78  THR n 
1 79  ASN n 
1 80  ALA n 
1 81  MET n 
1 82  ILE n 
1 83  TYR n 
1 84  ASN n 
1 85  LYS n 
1 86  PRO n 
1 87  GLU n 
1 88  THR n 
1 89  ILE n 
1 90  TYR n 
1 91  TYR n 
1 92  LYS n 
1 93  ALA n 
1 94  ALA n 
1 95  LYS n 
1 96  LYS n 
1 97  LEU n 
1 98  LEU n 
1 99  HIS n 
1 100 SER n 
1 101 GLY n 
1 102 MET n 
1 103 LYS n 
1 104 ILE n 
1 105 LEU n 
1 106 SER n 
1 107 GLN n 
1 108 GLU n 
1 109 ARG n 
1 110 ILE n 
1 111 GLN n 
1 112 SER n 
# 
_entity_src_gen.entity_id                          1 
_entity_src_gen.pdbx_src_id                        1 
_entity_src_gen.pdbx_alt_source_flag               sample 
_entity_src_gen.pdbx_seq_type                      'Biological sequence' 
_entity_src_gen.pdbx_beg_seq_num                   1 
_entity_src_gen.pdbx_end_seq_num                   112 
_entity_src_gen.gene_src_common_name               Human 
_entity_src_gen.gene_src_genus                     ? 
_entity_src_gen.pdbx_gene_src_gene                 'BRD7, BP75, CELTIX1' 
_entity_src_gen.gene_src_species                   ? 
_entity_src_gen.gene_src_strain                    ? 
_entity_src_gen.gene_src_tissue                    ? 
_entity_src_gen.gene_src_tissue_fraction           ? 
_entity_src_gen.gene_src_details                   ? 
_entity_src_gen.pdbx_gene_src_fragment             ? 
_entity_src_gen.pdbx_gene_src_scientific_name      'Homo sapiens' 
_entity_src_gen.pdbx_gene_src_ncbi_taxonomy_id     9606 
_entity_src_gen.pdbx_gene_src_variant              ? 
_entity_src_gen.pdbx_gene_src_cell_line            ? 
_entity_src_gen.pdbx_gene_src_atcc                 ? 
_entity_src_gen.pdbx_gene_src_organ                ? 
_entity_src_gen.pdbx_gene_src_organelle            ? 
_entity_src_gen.pdbx_gene_src_cell                 ? 
_entity_src_gen.pdbx_gene_src_cellular_location    ? 
_entity_src_gen.host_org_common_name               ? 
_entity_src_gen.pdbx_host_org_scientific_name      'Escherichia coli BL21(DE3)' 
_entity_src_gen.pdbx_host_org_ncbi_taxonomy_id     469008 
_entity_src_gen.host_org_genus                     ? 
_entity_src_gen.pdbx_host_org_gene                 ? 
_entity_src_gen.pdbx_host_org_organ                ? 
_entity_src_gen.host_org_species                   ? 
_entity_src_gen.pdbx_host_org_tissue               ? 
_entity_src_gen.pdbx_host_org_tissue_fraction      ? 
_entity_src_gen.pdbx_host_org_strain               ? 
_entity_src_gen.pdbx_host_org_variant              'Rosetta pRARE2' 
_entity_src_gen.pdbx_host_org_cell_line            ? 
_entity_src_gen.pdbx_host_org_atcc                 ? 
_entity_src_gen.pdbx_host_org_culture_collection   ? 
_entity_src_gen.pdbx_host_org_cell                 ? 
_entity_src_gen.pdbx_host_org_organelle            ? 
_entity_src_gen.pdbx_host_org_cellular_location    ? 
_entity_src_gen.pdbx_host_org_vector_type          ? 
_entity_src_gen.pdbx_host_org_vector               ? 
_entity_src_gen.host_org_details                   ? 
_entity_src_gen.expression_system_id               ? 
_entity_src_gen.plasmid_name                       ? 
_entity_src_gen.plasmid_details                    ? 
_entity_src_gen.pdbx_description                   ? 
# 
loop_
_chem_comp.id 
_chem_comp.type 
_chem_comp.mon_nstd_flag 
_chem_comp.name 
_chem_comp.pdbx_synonyms 
_chem_comp.formula 
_chem_comp.formula_weight 
5U6 non-polymer         . '4-[4-[(dimethylamino)methyl]-2,5-dimethoxy-phenyl]-2-methyl-2,7-naphthyridin-1-one' ?                 
'C20 H23 N3 O3'  353.415 
ALA 'L-peptide linking' y ALANINE                                                                              ?                 
'C3 H7 N O2'     89.093  
ARG 'L-peptide linking' y ARGININE                                                                             ?                 
'C6 H15 N4 O2 1' 175.209 
ASN 'L-peptide linking' y ASPARAGINE                                                                           ?                 
'C4 H8 N2 O3'    132.118 
ASP 'L-peptide linking' y 'ASPARTIC ACID'                                                                      ?                 
'C4 H7 N O4'     133.103 
CL  non-polymer         . 'CHLORIDE ION'                                                                       ?                 
'Cl -1'          35.453  
CYS 'L-peptide linking' y CYSTEINE                                                                             ?                 
'C3 H7 N O2 S'   121.158 
EDO non-polymer         . 1,2-ETHANEDIOL                                                                       'ETHYLENE GLYCOL' 
'C2 H6 O2'       62.068  
GLN 'L-peptide linking' y GLUTAMINE                                                                            ?                 
'C5 H10 N2 O3'   146.144 
GLU 'L-peptide linking' y 'GLUTAMIC ACID'                                                                      ?                 
'C5 H9 N O4'     147.129 
GLY 'peptide linking'   y GLYCINE                                                                              ?                 
'C2 H5 N O2'     75.067  
HIS 'L-peptide linking' y HISTIDINE                                                                            ?                 
'C6 H10 N3 O2 1' 156.162 
HOH non-polymer         . WATER                                                                                ?                 
'H2 O'           18.015  
ILE 'L-peptide linking' y ISOLEUCINE                                                                           ?                 
'C6 H13 N O2'    131.173 
LEU 'L-peptide linking' y LEUCINE                                                                              ?                 
'C6 H13 N O2'    131.173 
LYS 'L-peptide linking' y LYSINE                                                                               ?                 
'C6 H15 N2 O2 1' 147.195 
MET 'L-peptide linking' y METHIONINE                                                                           ?                 
'C5 H11 N O2 S'  149.211 
MG  non-polymer         . 'MAGNESIUM ION'                                                                      ?                 
'Mg 2'           24.305  
PHE 'L-peptide linking' y PHENYLALANINE                                                                        ?                 
'C9 H11 N O2'    165.189 
PRO 'L-peptide linking' y PROLINE                                                                              ?                 
'C5 H9 N O2'     115.130 
SER 'L-peptide linking' y SERINE                                                                               ?                 
'C3 H7 N O3'     105.093 
THR 'L-peptide linking' y THREONINE                                                                            ?                 
'C4 H9 N O3'     119.119 
TYR 'L-peptide linking' y TYROSINE                                                                             ?                 
'C9 H11 N O3'    181.189 
VAL 'L-peptide linking' y VALINE                                                                               ?                 
'C5 H11 N O2'    117.146 
ZN  non-polymer         . 'ZINC ION'                                                                           ?                 
'Zn 2'           65.409  
# 
loop_
_pdbx_poly_seq_scheme.asym_id 
_pdbx_poly_seq_scheme.entity_id 
_pdbx_poly_seq_scheme.seq_id 
_pdbx_poly_seq_scheme.mon_id 
_pdbx_poly_seq_scheme.ndb_seq_num 
_pdbx_poly_seq_scheme.pdb_seq_num 
_pdbx_poly_seq_scheme.auth_seq_num 
_pdbx_poly_seq_scheme.pdb_mon_id 
_pdbx_poly_seq_scheme.auth_mon_id 
_pdbx_poly_seq_scheme.pdb_strand_id 
_pdbx_poly_seq_scheme.pdb_ins_code 
_pdbx_poly_seq_scheme.hetero 
A 1 1   MET 1   128 ?   ?   ?   A . n 
A 1 2   GLU 2   129 ?   ?   ?   A . n 
A 1 3   GLU 3   130 ?   ?   ?   A . n 
A 1 4   VAL 4   131 ?   ?   ?   A . n 
A 1 5   GLU 5   132 132 GLU GLU A . n 
A 1 6   GLN 6   133 133 GLN GLN A . n 
A 1 7   THR 7   134 134 THR THR A . n 
A 1 8   PRO 8   135 135 PRO PRO A . n 
A 1 9   LEU 9   136 136 LEU LEU A . n 
A 1 10  GLN 10  137 137 GLN GLN A . n 
A 1 11  GLU 11  138 138 GLU GLU A . n 
A 1 12  ALA 12  139 139 ALA ALA A . n 
A 1 13  LEU 13  140 140 LEU LEU A . n 
A 1 14  ASN 14  141 141 ASN ASN A . n 
A 1 15  GLN 15  142 142 GLN GLN A . n 
A 1 16  LEU 16  143 143 LEU LEU A . n 
A 1 17  MET 17  144 144 MET MET A . n 
A 1 18  ARG 18  145 145 ARG ARG A . n 
A 1 19  GLN 19  146 146 GLN GLN A . n 
A 1 20  LEU 20  147 147 LEU LEU A . n 
A 1 21  GLN 21  148 148 GLN GLN A . n 
A 1 22  ARG 22  149 149 ARG ARG A . n 
A 1 23  LYS 23  150 150 LYS LYS A . n 
A 1 24  ASP 24  151 151 ASP ASP A . n 
A 1 25  PRO 25  152 152 PRO PRO A . n 
A 1 26  SER 26  153 153 SER SER A . n 
A 1 27  ALA 27  154 154 ALA ALA A . n 
A 1 28  PHE 28  155 155 PHE PHE A . n 
A 1 29  PHE 29  156 156 PHE PHE A . n 
A 1 30  SER 30  157 157 SER SER A . n 
A 1 31  PHE 31  158 158 PHE PHE A . n 
A 1 32  PRO 32  159 159 PRO PRO A . n 
A 1 33  VAL 33  160 160 VAL VAL A . n 
A 1 34  THR 34  161 161 THR THR A . n 
A 1 35  ASP 35  162 162 ASP ASP A . n 
A 1 36  PHE 36  163 163 PHE PHE A . n 
A 1 37  ILE 37  164 164 ILE ILE A . n 
A 1 38  ALA 38  165 165 ALA ALA A . n 
A 1 39  PRO 39  166 166 PRO PRO A . n 
A 1 40  GLY 40  167 167 GLY GLY A . n 
A 1 41  TYR 41  168 168 TYR TYR A . n 
A 1 42  SER 42  169 169 SER SER A . n 
A 1 43  MET 43  170 170 MET MET A . n 
A 1 44  ILE 44  171 171 ILE ILE A . n 
A 1 45  ILE 45  172 172 ILE ILE A . n 
A 1 46  LYS 46  173 173 LYS LYS A . n 
A 1 47  HIS 47  174 174 HIS HIS A . n 
A 1 48  PRO 48  175 175 PRO PRO A . n 
A 1 49  MET 49  176 176 MET MET A . n 
A 1 50  ASP 50  177 177 ASP ASP A . n 
A 1 51  PHE 51  178 178 PHE PHE A . n 
A 1 52  SER 52  179 179 SER SER A . n 
A 1 53  THR 53  180 180 THR THR A . n 
A 1 54  MET 54  181 181 MET MET A . n 
A 1 55  LYS 55  182 182 LYS LYS A . n 
A 1 56  GLU 56  183 183 GLU GLU A . n 
A 1 57  LYS 57  184 184 LYS LYS A . n 
A 1 58  ILE 58  185 185 ILE ILE A . n 
A 1 59  LYS 59  186 186 LYS LYS A . n 
A 1 60  ASN 60  187 187 ASN ASN A . n 
A 1 61  ASN 61  188 188 ASN ASN A . n 
A 1 62  ASP 62  189 189 ASP ASP A . n 
A 1 63  TYR 63  190 190 TYR TYR A . n 
A 1 64  GLN 64  191 191 GLN GLN A . n 
A 1 65  SER 65  192 192 SER SER A . n 
A 1 66  ILE 66  193 193 ILE ILE A . n 
A 1 67  GLU 67  194 194 GLU GLU A . n 
A 1 68  GLU 68  195 195 GLU GLU A . n 
A 1 69  LEU 69  196 196 LEU LEU A . n 
A 1 70  LYS 70  197 197 LYS LYS A . n 
A 1 71  ASP 71  198 198 ASP ASP A . n 
A 1 72  ASN 72  199 199 ASN ASN A . n 
A 1 73  PHE 73  200 200 PHE PHE A . n 
A 1 74  LYS 74  201 201 LYS LYS A . n 
A 1 75  LEU 75  202 202 LEU LEU A . n 
A 1 76  MET 76  203 203 MET MET A . n 
A 1 77  CYS 77  204 204 CYS CYS A . n 
A 1 78  THR 78  205 205 THR THR A . n 
A 1 79  ASN 79  206 206 ASN ASN A . n 
A 1 80  ALA 80  207 207 ALA ALA A . n 
A 1 81  MET 81  208 208 MET MET A . n 
A 1 82  ILE 82  209 209 ILE ILE A . n 
A 1 83  TYR 83  210 210 TYR TYR A . n 
A 1 84  ASN 84  211 211 ASN ASN A . n 
A 1 85  LYS 85  212 212 LYS LYS A . n 
A 1 86  PRO 86  213 213 PRO PRO A . n 
A 1 87  GLU 87  214 214 GLU GLU A . n 
A 1 88  THR 88  215 215 THR THR A . n 
A 1 89  ILE 89  216 216 ILE ILE A . n 
A 1 90  TYR 90  217 217 TYR TYR A . n 
A 1 91  TYR 91  218 218 TYR TYR A . n 
A 1 92  LYS 92  219 219 LYS LYS A . n 
A 1 93  ALA 93  220 220 ALA ALA A . n 
A 1 94  ALA 94  221 221 ALA ALA A . n 
A 1 95  LYS 95  222 222 LYS LYS A . n 
A 1 96  LYS 96  223 223 LYS LYS A . n 
A 1 97  LEU 97  224 224 LEU LEU A . n 
A 1 98  LEU 98  225 225 LEU LEU A . n 
A 1 99  HIS 99  226 226 HIS HIS A . n 
A 1 100 SER 100 227 227 SER SER A . n 
A 1 101 GLY 101 228 228 GLY GLY A . n 
A 1 102 MET 102 229 229 MET MET A . n 
A 1 103 LYS 103 230 230 LYS LYS A . n 
A 1 104 ILE 104 231 231 ILE ILE A . n 
A 1 105 LEU 105 232 232 LEU LEU A . n 
A 1 106 SER 106 233 233 SER SER A . n 
A 1 107 GLN 107 234 234 GLN GLN A . n 
A 1 108 GLU 108 235 235 GLU GLU A . n 
A 1 109 ARG 109 236 236 ARG ARG A . n 
A 1 110 ILE 110 237 237 ILE ILE A . n 
A 1 111 GLN 111 238 238 GLN GLN A . n 
A 1 112 SER 112 239 239 SER SER A . n 
# 
loop_
_pdbx_nonpoly_scheme.asym_id 
_pdbx_nonpoly_scheme.entity_id 
_pdbx_nonpoly_scheme.mon_id 
_pdbx_nonpoly_scheme.ndb_seq_num 
_pdbx_nonpoly_scheme.pdb_seq_num 
_pdbx_nonpoly_scheme.auth_seq_num 
_pdbx_nonpoly_scheme.pdb_mon_id 
_pdbx_nonpoly_scheme.auth_mon_id 
_pdbx_nonpoly_scheme.pdb_strand_id 
_pdbx_nonpoly_scheme.pdb_ins_code 
B 2 5U6 1   700  700 5U6 DRG A . 
C 3 ZN  1   701  701 ZN  ZN  A . 
D 3 ZN  1   702  702 ZN  ZN  A . 
E 4 CL  1   703  703 CL  CL  A . 
F 4 CL  1   704  704 CL  CL  A . 
G 4 CL  1   705  705 CL  CL  A . 
H 5 MG  1   706  706 MG  MG  A . 
I 6 EDO 1   707  707 EDO EDO A . 
J 6 EDO 1   708  708 EDO EDO A . 
K 6 EDO 1   709  709 EDO EDO A . 
L 6 EDO 1   710  710 EDO EDO A . 
M 6 EDO 1   711  711 EDO EDO A . 
N 6 EDO 1   712  712 EDO EDO A . 
O 6 EDO 1   713  713 EDO EDO A . 
P 6 EDO 1   714  714 EDO EDO A . 
Q 6 EDO 1   715  715 EDO EDO A . 
R 6 EDO 1   716  716 EDO EDO A . 
S 6 EDO 1   717  717 EDO EDO A . 
T 7 HOH 1   801  196 HOH HOH A . 
T 7 HOH 2   802  88  HOH HOH A . 
T 7 HOH 3   803  221 HOH HOH A . 
T 7 HOH 4   804  136 HOH HOH A . 
T 7 HOH 5   805  199 HOH HOH A . 
T 7 HOH 6   806  182 HOH HOH A . 
T 7 HOH 7   807  82  HOH HOH A . 
T 7 HOH 8   808  181 HOH HOH A . 
T 7 HOH 9   809  166 HOH HOH A . 
T 7 HOH 10  810  137 HOH HOH A . 
T 7 HOH 11  811  135 HOH HOH A . 
T 7 HOH 12  812  210 HOH HOH A . 
T 7 HOH 13  813  24  HOH HOH A . 
T 7 HOH 14  814  236 HOH HOH A . 
T 7 HOH 15  815  94  HOH HOH A . 
T 7 HOH 16  816  214 HOH HOH A . 
T 7 HOH 17  817  235 HOH HOH A . 
T 7 HOH 18  818  11  HOH HOH A . 
T 7 HOH 19  819  174 HOH HOH A . 
T 7 HOH 20  820  227 HOH HOH A . 
T 7 HOH 21  821  218 HOH HOH A . 
T 7 HOH 22  822  197 HOH HOH A . 
T 7 HOH 23  823  118 HOH HOH A . 
T 7 HOH 24  824  77  HOH HOH A . 
T 7 HOH 25  825  1   HOH HOH A . 
T 7 HOH 26  826  125 HOH HOH A . 
T 7 HOH 27  827  190 HOH HOH A . 
T 7 HOH 28  828  75  HOH HOH A . 
T 7 HOH 29  829  87  HOH HOH A . 
T 7 HOH 30  830  76  HOH HOH A . 
T 7 HOH 31  831  211 HOH HOH A . 
T 7 HOH 32  832  19  HOH HOH A . 
T 7 HOH 33  833  158 HOH HOH A . 
T 7 HOH 34  834  6   HOH HOH A . 
T 7 HOH 35  835  232 HOH HOH A . 
T 7 HOH 36  836  18  HOH HOH A . 
T 7 HOH 37  837  7   HOH HOH A . 
T 7 HOH 38  838  93  HOH HOH A . 
T 7 HOH 39  839  31  HOH HOH A . 
T 7 HOH 40  840  242 HOH HOH A . 
T 7 HOH 41  841  79  HOH HOH A . 
T 7 HOH 42  842  69  HOH HOH A . 
T 7 HOH 43  843  159 HOH HOH A . 
T 7 HOH 44  844  222 HOH HOH A . 
T 7 HOH 45  845  161 HOH HOH A . 
T 7 HOH 46  846  51  HOH HOH A . 
T 7 HOH 47  847  5   HOH HOH A . 
T 7 HOH 48  848  114 HOH HOH A . 
T 7 HOH 49  849  86  HOH HOH A . 
T 7 HOH 50  850  177 HOH HOH A . 
T 7 HOH 51  851  20  HOH HOH A . 
T 7 HOH 52  852  22  HOH HOH A . 
T 7 HOH 53  853  170 HOH HOH A . 
T 7 HOH 54  854  74  HOH HOH A . 
T 7 HOH 55  855  30  HOH HOH A . 
T 7 HOH 56  856  188 HOH HOH A . 
T 7 HOH 57  857  173 HOH HOH A . 
T 7 HOH 58  858  71  HOH HOH A . 
T 7 HOH 59  859  246 HOH HOH A . 
T 7 HOH 60  860  97  HOH HOH A . 
T 7 HOH 61  861  160 HOH HOH A . 
T 7 HOH 62  862  50  HOH HOH A . 
T 7 HOH 63  863  85  HOH HOH A . 
T 7 HOH 64  864  165 HOH HOH A . 
T 7 HOH 65  865  153 HOH HOH A . 
T 7 HOH 66  866  17  HOH HOH A . 
T 7 HOH 67  867  16  HOH HOH A . 
T 7 HOH 68  868  60  HOH HOH A . 
T 7 HOH 69  869  263 HOH HOH A . 
T 7 HOH 70  870  98  HOH HOH A . 
T 7 HOH 71  871  10  HOH HOH A . 
T 7 HOH 72  872  89  HOH HOH A . 
T 7 HOH 73  873  228 HOH HOH A . 
T 7 HOH 74  874  4   HOH HOH A . 
T 7 HOH 75  875  107 HOH HOH A . 
T 7 HOH 76  876  179 HOH HOH A . 
T 7 HOH 77  877  14  HOH HOH A . 
T 7 HOH 78  878  91  HOH HOH A . 
T 7 HOH 79  879  48  HOH HOH A . 
T 7 HOH 80  880  47  HOH HOH A . 
T 7 HOH 81  881  55  HOH HOH A . 
T 7 HOH 82  882  175 HOH HOH A . 
T 7 HOH 83  883  40  HOH HOH A . 
T 7 HOH 84  884  28  HOH HOH A . 
T 7 HOH 85  885  202 HOH HOH A . 
T 7 HOH 86  886  12  HOH HOH A . 
T 7 HOH 87  887  3   HOH HOH A . 
T 7 HOH 88  888  35  HOH HOH A . 
T 7 HOH 89  889  26  HOH HOH A . 
T 7 HOH 90  890  57  HOH HOH A . 
T 7 HOH 91  891  192 HOH HOH A . 
T 7 HOH 92  892  38  HOH HOH A . 
T 7 HOH 93  893  34  HOH HOH A . 
T 7 HOH 94  894  193 HOH HOH A . 
T 7 HOH 95  895  215 HOH HOH A . 
T 7 HOH 96  896  207 HOH HOH A . 
T 7 HOH 97  897  27  HOH HOH A . 
T 7 HOH 98  898  45  HOH HOH A . 
T 7 HOH 99  899  154 HOH HOH A . 
T 7 HOH 100 900  13  HOH HOH A . 
T 7 HOH 101 901  46  HOH HOH A . 
T 7 HOH 102 902  108 HOH HOH A . 
T 7 HOH 103 903  80  HOH HOH A . 
T 7 HOH 104 904  65  HOH HOH A . 
T 7 HOH 105 905  29  HOH HOH A . 
T 7 HOH 106 906  62  HOH HOH A . 
T 7 HOH 107 907  49  HOH HOH A . 
T 7 HOH 108 908  41  HOH HOH A . 
T 7 HOH 109 909  123 HOH HOH A . 
T 7 HOH 110 910  168 HOH HOH A . 
T 7 HOH 111 911  189 HOH HOH A . 
T 7 HOH 112 912  169 HOH HOH A . 
T 7 HOH 113 913  185 HOH HOH A . 
T 7 HOH 114 914  162 HOH HOH A . 
T 7 HOH 115 915  249 HOH HOH A . 
T 7 HOH 116 916  129 HOH HOH A . 
T 7 HOH 117 917  109 HOH HOH A . 
T 7 HOH 118 918  223 HOH HOH A . 
T 7 HOH 119 919  67  HOH HOH A . 
T 7 HOH 120 920  212 HOH HOH A . 
T 7 HOH 121 921  84  HOH HOH A . 
T 7 HOH 122 922  112 HOH HOH A . 
T 7 HOH 123 923  15  HOH HOH A . 
T 7 HOH 124 924  68  HOH HOH A . 
T 7 HOH 125 925  53  HOH HOH A . 
T 7 HOH 126 926  183 HOH HOH A . 
T 7 HOH 127 927  132 HOH HOH A . 
T 7 HOH 128 928  25  HOH HOH A . 
T 7 HOH 129 929  157 HOH HOH A . 
T 7 HOH 130 930  56  HOH HOH A . 
T 7 HOH 131 931  99  HOH HOH A . 
T 7 HOH 132 932  138 HOH HOH A . 
T 7 HOH 133 933  204 HOH HOH A . 
T 7 HOH 134 934  44  HOH HOH A . 
T 7 HOH 135 935  127 HOH HOH A . 
T 7 HOH 136 936  234 HOH HOH A . 
T 7 HOH 137 937  78  HOH HOH A . 
T 7 HOH 138 938  141 HOH HOH A . 
T 7 HOH 139 939  42  HOH HOH A . 
T 7 HOH 140 940  113 HOH HOH A . 
T 7 HOH 141 941  250 HOH HOH A . 
T 7 HOH 142 942  33  HOH HOH A . 
T 7 HOH 143 943  115 HOH HOH A . 
T 7 HOH 144 944  36  HOH HOH A . 
T 7 HOH 145 945  39  HOH HOH A . 
T 7 HOH 146 946  2   HOH HOH A . 
T 7 HOH 147 947  262 HOH HOH A . 
T 7 HOH 148 948  21  HOH HOH A . 
T 7 HOH 149 949  64  HOH HOH A . 
T 7 HOH 150 950  164 HOH HOH A . 
T 7 HOH 151 951  54  HOH HOH A . 
T 7 HOH 152 952  258 HOH HOH A . 
T 7 HOH 153 953  105 HOH HOH A . 
T 7 HOH 154 954  100 HOH HOH A . 
T 7 HOH 155 955  230 HOH HOH A . 
T 7 HOH 156 956  205 HOH HOH A . 
T 7 HOH 157 957  37  HOH HOH A . 
T 7 HOH 158 958  163 HOH HOH A . 
T 7 HOH 159 959  149 HOH HOH A . 
T 7 HOH 160 960  140 HOH HOH A . 
T 7 HOH 161 961  264 HOH HOH A . 
T 7 HOH 162 962  95  HOH HOH A . 
T 7 HOH 163 963  176 HOH HOH A . 
T 7 HOH 164 964  198 HOH HOH A . 
T 7 HOH 165 965  187 HOH HOH A . 
T 7 HOH 166 966  178 HOH HOH A . 
T 7 HOH 167 967  119 HOH HOH A . 
T 7 HOH 168 968  213 HOH HOH A . 
T 7 HOH 169 969  241 HOH HOH A . 
T 7 HOH 170 970  145 HOH HOH A . 
T 7 HOH 171 971  233 HOH HOH A . 
T 7 HOH 172 972  90  HOH HOH A . 
T 7 HOH 173 973  152 HOH HOH A . 
T 7 HOH 174 974  131 HOH HOH A . 
T 7 HOH 175 975  151 HOH HOH A . 
T 7 HOH 176 976  133 HOH HOH A . 
T 7 HOH 177 977  239 HOH HOH A . 
T 7 HOH 178 978  208 HOH HOH A . 
T 7 HOH 179 979  203 HOH HOH A . 
T 7 HOH 180 980  148 HOH HOH A . 
T 7 HOH 181 981  172 HOH HOH A . 
T 7 HOH 182 982  142 HOH HOH A . 
T 7 HOH 183 983  243 HOH HOH A . 
T 7 HOH 184 984  72  HOH HOH A . 
T 7 HOH 185 985  144 HOH HOH A . 
T 7 HOH 186 986  253 HOH HOH A . 
T 7 HOH 187 987  130 HOH HOH A . 
T 7 HOH 188 988  209 HOH HOH A . 
T 7 HOH 189 989  63  HOH HOH A . 
T 7 HOH 190 990  200 HOH HOH A . 
T 7 HOH 191 991  58  HOH HOH A . 
T 7 HOH 192 992  252 HOH HOH A . 
T 7 HOH 193 993  117 HOH HOH A . 
T 7 HOH 194 994  238 HOH HOH A . 
T 7 HOH 195 995  217 HOH HOH A . 
T 7 HOH 196 996  184 HOH HOH A . 
T 7 HOH 197 997  101 HOH HOH A . 
T 7 HOH 198 998  225 HOH HOH A . 
T 7 HOH 199 999  226 HOH HOH A . 
T 7 HOH 200 1000 102 HOH HOH A . 
T 7 HOH 201 1001 231 HOH HOH A . 
T 7 HOH 202 1002 224 HOH HOH A . 
T 7 HOH 203 1003 147 HOH HOH A . 
T 7 HOH 204 1004 206 HOH HOH A . 
T 7 HOH 205 1005 245 HOH HOH A . 
T 7 HOH 206 1006 219 HOH HOH A . 
T 7 HOH 207 1007 70  HOH HOH A . 
T 7 HOH 208 1008 146 HOH HOH A . 
T 7 HOH 209 1009 61  HOH HOH A . 
T 7 HOH 210 1010 171 HOH HOH A . 
T 7 HOH 211 1011 122 HOH HOH A . 
T 7 HOH 212 1012 259 HOH HOH A . 
T 7 HOH 213 1013 23  HOH HOH A . 
T 7 HOH 214 1014 216 HOH HOH A . 
T 7 HOH 215 1015 201 HOH HOH A . 
T 7 HOH 216 1016 121 HOH HOH A . 
T 7 HOH 217 1017 156 HOH HOH A . 
T 7 HOH 218 1018 134 HOH HOH A . 
T 7 HOH 219 1019 128 HOH HOH A . 
T 7 HOH 220 1020 167 HOH HOH A . 
T 7 HOH 221 1021 116 HOH HOH A . 
T 7 HOH 222 1022 143 HOH HOH A . 
T 7 HOH 223 1023 73  HOH HOH A . 
T 7 HOH 224 1024 247 HOH HOH A . 
# 
loop_
_pdbx_unobs_or_zero_occ_atoms.id 
_pdbx_unobs_or_zero_occ_atoms.PDB_model_num 
_pdbx_unobs_or_zero_occ_atoms.polymer_flag 
_pdbx_unobs_or_zero_occ_atoms.occupancy_flag 
_pdbx_unobs_or_zero_occ_atoms.auth_asym_id 
_pdbx_unobs_or_zero_occ_atoms.auth_comp_id 
_pdbx_unobs_or_zero_occ_atoms.auth_seq_id 
_pdbx_unobs_or_zero_occ_atoms.PDB_ins_code 
_pdbx_unobs_or_zero_occ_atoms.auth_atom_id 
_pdbx_unobs_or_zero_occ_atoms.label_alt_id 
_pdbx_unobs_or_zero_occ_atoms.label_asym_id 
_pdbx_unobs_or_zero_occ_atoms.label_comp_id 
_pdbx_unobs_or_zero_occ_atoms.label_seq_id 
_pdbx_unobs_or_zero_occ_atoms.label_atom_id 
1 1 Y 1 A GLU 132 ? CG  ? A GLU 5   CG  
2 1 Y 1 A GLU 132 ? CD  ? A GLU 5   CD  
3 1 Y 1 A GLU 132 ? OE1 ? A GLU 5   OE1 
4 1 Y 1 A GLU 132 ? OE2 ? A GLU 5   OE2 
5 1 Y 1 A GLN 142 ? CD  ? A GLN 15  CD  
6 1 Y 1 A GLN 142 ? OE1 ? A GLN 15  OE1 
7 1 Y 1 A GLN 142 ? NE2 ? A GLN 15  NE2 
8 1 Y 0 A LYS 230 ? CE  B A LYS 103 CE  
9 1 Y 0 A LYS 230 ? NZ  B A LYS 103 NZ  
# 
loop_
_software.citation_id 
_software.classification 
_software.compiler_name 
_software.compiler_version 
_software.contact_author 
_software.contact_author_email 
_software.date 
_software.description 
_software.dependencies 
_software.hardware 
_software.language 
_software.location 
_software.mods 
_software.name 
_software.os 
_software.os_version 
_software.type 
_software.version 
_software.pdbx_ordinal 
? refinement       ? ? ? ? ? ? ? ? ? ? ? REFMAC  ? ? ? 5.8.0158 1 
? 'data reduction' ? ? ? ? ? ? ? ? ? ? ? XDS     ? ? ? .        2 
? 'data scaling'   ? ? ? ? ? ? ? ? ? ? ? Aimless ? ? ? .        3 
? phasing          ? ? ? ? ? ? ? ? ? ? ? PHASER  ? ? ? .        4 
# 
_cell.angle_alpha                  90.00 
_cell.angle_alpha_esd              ? 
_cell.angle_beta                   90.00 
_cell.angle_beta_esd               ? 
_cell.angle_gamma                  90.00 
_cell.angle_gamma_esd              ? 
_cell.entry_id                     5MQ1 
_cell.details                      ? 
_cell.formula_units_Z              ? 
_cell.length_a                     66.870 
_cell.length_a_esd                 ? 
_cell.length_b                     125.255 
_cell.length_b_esd                 ? 
_cell.length_c                     37.353 
_cell.length_c_esd                 ? 
_cell.volume                       ? 
_cell.volume_esd                   ? 
_cell.Z_PDB                        8 
_cell.reciprocal_angle_alpha       ? 
_cell.reciprocal_angle_beta        ? 
_cell.reciprocal_angle_gamma       ? 
_cell.reciprocal_angle_alpha_esd   ? 
_cell.reciprocal_angle_beta_esd    ? 
_cell.reciprocal_angle_gamma_esd   ? 
_cell.reciprocal_length_a          ? 
_cell.reciprocal_length_b          ? 
_cell.reciprocal_length_c          ? 
_cell.reciprocal_length_a_esd      ? 
_cell.reciprocal_length_b_esd      ? 
_cell.reciprocal_length_c_esd      ? 
_cell.pdbx_unique_axis             ? 
# 
_symmetry.entry_id                         5MQ1 
_symmetry.cell_setting                     ? 
_symmetry.Int_Tables_number                20 
_symmetry.space_group_name_Hall            ? 
_symmetry.space_group_name_H-M             'C 2 2 21' 
_symmetry.pdbx_full_space_group_name_H-M   ? 
# 
_exptl.absorpt_coefficient_mu     ? 
_exptl.absorpt_correction_T_max   ? 
_exptl.absorpt_correction_T_min   ? 
_exptl.absorpt_correction_type    ? 
_exptl.absorpt_process_details    ? 
_exptl.entry_id                   5MQ1 
_exptl.crystals_number            1 
_exptl.details                    ? 
_exptl.method                     'X-RAY DIFFRACTION' 
_exptl.method_details             ? 
# 
_exptl_crystal.colour                      ? 
_exptl_crystal.density_diffrn              ? 
_exptl_crystal.density_Matthews            2.61 
_exptl_crystal.density_method              ? 
_exptl_crystal.density_percent_sol         52.85 
_exptl_crystal.description                 ? 
_exptl_crystal.F_000                       ? 
_exptl_crystal.id                          1 
_exptl_crystal.preparation                 ? 
_exptl_crystal.size_max                    ? 
_exptl_crystal.size_mid                    ? 
_exptl_crystal.size_min                    ? 
_exptl_crystal.size_rad                    ? 
_exptl_crystal.colour_lustre               ? 
_exptl_crystal.colour_modifier             ? 
_exptl_crystal.colour_primary              ? 
_exptl_crystal.density_meas                ? 
_exptl_crystal.density_meas_esd            ? 
_exptl_crystal.density_meas_gt             ? 
_exptl_crystal.density_meas_lt             ? 
_exptl_crystal.density_meas_temp           ? 
_exptl_crystal.density_meas_temp_esd       ? 
_exptl_crystal.density_meas_temp_gt        ? 
_exptl_crystal.density_meas_temp_lt        ? 
_exptl_crystal.pdbx_crystal_image_url      ? 
_exptl_crystal.pdbx_crystal_image_format   ? 
_exptl_crystal.pdbx_mosaicity              ? 
_exptl_crystal.pdbx_mosaicity_esd          ? 
# 
_exptl_crystal_grow.apparatus       ? 
_exptl_crystal_grow.atmosphere      ? 
_exptl_crystal_grow.crystal_id      1 
_exptl_crystal_grow.details         ? 
_exptl_crystal_grow.method          'VAPOR DIFFUSION, SITTING DROP' 
_exptl_crystal_grow.method_ref      ? 
_exptl_crystal_grow.pH              7.0 
_exptl_crystal_grow.pressure        ? 
_exptl_crystal_grow.pressure_esd    ? 
_exptl_crystal_grow.seeding         ? 
_exptl_crystal_grow.seeding_ref     ? 
_exptl_crystal_grow.temp            277 
_exptl_crystal_grow.temp_details    ? 
_exptl_crystal_grow.temp_esd        ? 
_exptl_crystal_grow.time            ? 
_exptl_crystal_grow.pdbx_details    '20% PEG6000, 10%EDO, 0.1 M HEPES pH 7.0, 0.01 M ZnCl2' 
_exptl_crystal_grow.pdbx_pH_range   ? 
# 
_diffrn.ambient_environment    ? 
_diffrn.ambient_temp           80 
_diffrn.ambient_temp_details   ? 
_diffrn.ambient_temp_esd       ? 
_diffrn.crystal_id             1 
_diffrn.crystal_support        ? 
_diffrn.crystal_treatment      ? 
_diffrn.details                ? 
_diffrn.id                     1 
_diffrn.ambient_pressure       ? 
_diffrn.ambient_pressure_esd   ? 
_diffrn.ambient_pressure_gt    ? 
_diffrn.ambient_pressure_lt    ? 
_diffrn.ambient_temp_gt        ? 
_diffrn.ambient_temp_lt        ? 
# 
_diffrn_detector.details                      ? 
_diffrn_detector.detector                     PIXEL 
_diffrn_detector.diffrn_id                    1 
_diffrn_detector.type                         'DECTRIS PILATUS 6M' 
_diffrn_detector.area_resol_mean              ? 
_diffrn_detector.dtime                        ? 
_diffrn_detector.pdbx_frames_total            ? 
_diffrn_detector.pdbx_collection_time_total   ? 
_diffrn_detector.pdbx_collection_date         2016-09-12 
# 
_diffrn_radiation.collimation                      ? 
_diffrn_radiation.diffrn_id                        1 
_diffrn_radiation.filter_edge                      ? 
_diffrn_radiation.inhomogeneity                    ? 
_diffrn_radiation.monochromator                    ? 
_diffrn_radiation.polarisn_norm                    ? 
_diffrn_radiation.polarisn_ratio                   ? 
_diffrn_radiation.probe                            ? 
_diffrn_radiation.type                             ? 
_diffrn_radiation.xray_symbol                      ? 
_diffrn_radiation.wavelength_id                    1 
_diffrn_radiation.pdbx_monochromatic_or_laue_m_l   M 
_diffrn_radiation.pdbx_wavelength_list             ? 
_diffrn_radiation.pdbx_wavelength                  ? 
_diffrn_radiation.pdbx_diffrn_protocol             'SINGLE WAVELENGTH' 
_diffrn_radiation.pdbx_analyzer                    ? 
_diffrn_radiation.pdbx_scattering_type             x-ray 
# 
_diffrn_radiation_wavelength.id           1 
_diffrn_radiation_wavelength.wavelength   0.92819 
_diffrn_radiation_wavelength.wt           1.0 
# 
_diffrn_source.current                     ? 
_diffrn_source.details                     ? 
_diffrn_source.diffrn_id                   1 
_diffrn_source.power                       ? 
_diffrn_source.size                        ? 
_diffrn_source.source                      SYNCHROTRON 
_diffrn_source.target                      ? 
_diffrn_source.type                        'DIAMOND BEAMLINE I04-1' 
_diffrn_source.voltage                     ? 
_diffrn_source.take-off_angle              ? 
_diffrn_source.pdbx_wavelength_list        0.92819 
_diffrn_source.pdbx_wavelength             ? 
_diffrn_source.pdbx_synchrotron_beamline   I04-1 
_diffrn_source.pdbx_synchrotron_site       Diamond 
# 
_reflns.B_iso_Wilson_estimate            ? 
_reflns.entry_id                         5MQ1 
_reflns.data_reduction_details           ? 
_reflns.data_reduction_method            ? 
_reflns.d_resolution_high                1.5 
_reflns.d_resolution_low                 35.42 
_reflns.details                          ? 
_reflns.limit_h_max                      ? 
_reflns.limit_h_min                      ? 
_reflns.limit_k_max                      ? 
_reflns.limit_k_min                      ? 
_reflns.limit_l_max                      ? 
_reflns.limit_l_min                      ? 
_reflns.number_all                       ? 
_reflns.number_obs                       25529 
_reflns.observed_criterion               ? 
_reflns.observed_criterion_F_max         ? 
_reflns.observed_criterion_F_min         ? 
_reflns.observed_criterion_I_max         ? 
_reflns.observed_criterion_I_min         ? 
_reflns.observed_criterion_sigma_F       ? 
_reflns.observed_criterion_sigma_I       ? 
_reflns.percent_possible_obs             99.7 
_reflns.R_free_details                   ? 
_reflns.Rmerge_F_all                     ? 
_reflns.Rmerge_F_obs                     ? 
_reflns.Friedel_coverage                 ? 
_reflns.number_gt                        ? 
_reflns.threshold_expression             ? 
_reflns.pdbx_redundancy                  6.6 
_reflns.pdbx_Rmerge_I_obs                ? 
_reflns.pdbx_Rmerge_I_all                ? 
_reflns.pdbx_Rsym_value                  ? 
_reflns.pdbx_netI_over_av_sigmaI         ? 
_reflns.pdbx_netI_over_sigmaI            10.4 
_reflns.pdbx_res_netI_over_av_sigmaI_2   ? 
_reflns.pdbx_res_netI_over_sigmaI_2      ? 
_reflns.pdbx_chi_squared                 ? 
_reflns.pdbx_scaling_rejects             ? 
_reflns.pdbx_d_res_high_opt              ? 
_reflns.pdbx_d_res_low_opt               ? 
_reflns.pdbx_d_res_opt_method            ? 
_reflns.phase_calculation_details        ? 
_reflns.pdbx_Rrim_I_all                  ? 
_reflns.pdbx_Rpim_I_all                  ? 
_reflns.pdbx_d_opt                       ? 
_reflns.pdbx_number_measured_all         ? 
_reflns.pdbx_diffrn_id                   1 
_reflns.pdbx_ordinal                     1 
_reflns.pdbx_CC_half                     ? 
_reflns.pdbx_R_split                     ? 
# 
_reflns_shell.d_res_high                  1.5 
_reflns_shell.d_res_low                   1.53 
_reflns_shell.meanI_over_sigI_all         ? 
_reflns_shell.meanI_over_sigI_obs         2.1 
_reflns_shell.number_measured_all         ? 
_reflns_shell.number_measured_obs         ? 
_reflns_shell.number_possible             ? 
_reflns_shell.number_unique_all           ? 
_reflns_shell.number_unique_obs           ? 
_reflns_shell.percent_possible_all        100 
_reflns_shell.percent_possible_obs        ? 
_reflns_shell.Rmerge_F_all                ? 
_reflns_shell.Rmerge_F_obs                ? 
_reflns_shell.Rmerge_I_all                ? 
_reflns_shell.Rmerge_I_obs                ? 
_reflns_shell.meanI_over_sigI_gt          ? 
_reflns_shell.meanI_over_uI_all           ? 
_reflns_shell.meanI_over_uI_gt            ? 
_reflns_shell.number_measured_gt          ? 
_reflns_shell.number_unique_gt            ? 
_reflns_shell.percent_possible_gt         ? 
_reflns_shell.Rmerge_F_gt                 ? 
_reflns_shell.Rmerge_I_gt                 ? 
_reflns_shell.pdbx_redundancy             6.4 
_reflns_shell.pdbx_Rsym_value             ? 
_reflns_shell.pdbx_chi_squared            ? 
_reflns_shell.pdbx_netI_over_sigmaI_all   ? 
_reflns_shell.pdbx_netI_over_sigmaI_obs   ? 
_reflns_shell.pdbx_Rrim_I_all             ? 
_reflns_shell.pdbx_Rpim_I_all             ? 
_reflns_shell.pdbx_rejects                ? 
_reflns_shell.pdbx_ordinal                1 
_reflns_shell.pdbx_diffrn_id              1 
_reflns_shell.pdbx_CC_half                ? 
_reflns_shell.pdbx_R_split                ? 
# 
_refine.aniso_B[1][1]                            0.39 
_refine.aniso_B[1][2]                            0.00 
_refine.aniso_B[1][3]                            0.00 
_refine.aniso_B[2][2]                            -0.60 
_refine.aniso_B[2][3]                            0.00 
_refine.aniso_B[3][3]                            0.21 
_refine.B_iso_max                                ? 
_refine.B_iso_mean                               13.488 
_refine.B_iso_min                                ? 
_refine.correlation_coeff_Fo_to_Fc               0.964 
_refine.correlation_coeff_Fo_to_Fc_free          0.954 
_refine.details                                  'HYDROGENS HAVE BEEN ADDED IN THE RIDING POSITIONS' 
_refine.diff_density_max                         ? 
_refine.diff_density_max_esd                     ? 
_refine.diff_density_min                         ? 
_refine.diff_density_min_esd                     ? 
_refine.diff_density_rms                         ? 
_refine.diff_density_rms_esd                     ? 
_refine.entry_id                                 5MQ1 
_refine.pdbx_refine_id                           'X-RAY DIFFRACTION' 
_refine.ls_abs_structure_details                 ? 
_refine.ls_abs_structure_Flack                   ? 
_refine.ls_abs_structure_Flack_esd               ? 
_refine.ls_abs_structure_Rogers                  ? 
_refine.ls_abs_structure_Rogers_esd              ? 
_refine.ls_d_res_high                            1.50 
_refine.ls_d_res_low                             35.42 
_refine.ls_extinction_coef                       ? 
_refine.ls_extinction_coef_esd                   ? 
_refine.ls_extinction_expression                 ? 
_refine.ls_extinction_method                     ? 
_refine.ls_goodness_of_fit_all                   ? 
_refine.ls_goodness_of_fit_all_esd               ? 
_refine.ls_goodness_of_fit_obs                   ? 
_refine.ls_goodness_of_fit_obs_esd               ? 
_refine.ls_hydrogen_treatment                    ? 
_refine.ls_matrix_type                           ? 
_refine.ls_number_constraints                    ? 
_refine.ls_number_parameters                     ? 
_refine.ls_number_reflns_all                     ? 
_refine.ls_number_reflns_obs                     24238 
_refine.ls_number_reflns_R_free                  1286 
_refine.ls_number_reflns_R_work                  ? 
_refine.ls_number_restraints                     ? 
_refine.ls_percent_reflns_obs                    99.59 
_refine.ls_percent_reflns_R_free                 5.0 
_refine.ls_R_factor_all                          ? 
_refine.ls_R_factor_obs                          0.16337 
_refine.ls_R_factor_R_free                       0.19033 
_refine.ls_R_factor_R_free_error                 ? 
_refine.ls_R_factor_R_free_error_details         ? 
_refine.ls_R_factor_R_work                       0.16191 
_refine.ls_R_Fsqd_factor_obs                     ? 
_refine.ls_R_I_factor_obs                        ? 
_refine.ls_redundancy_reflns_all                 ? 
_refine.ls_redundancy_reflns_obs                 ? 
_refine.ls_restrained_S_all                      ? 
_refine.ls_restrained_S_obs                      ? 
_refine.ls_shift_over_esd_max                    ? 
_refine.ls_shift_over_esd_mean                   ? 
_refine.ls_structure_factor_coef                 ? 
_refine.ls_weighting_details                     ? 
_refine.ls_weighting_scheme                      ? 
_refine.ls_wR_factor_all                         ? 
_refine.ls_wR_factor_obs                         ? 
_refine.ls_wR_factor_R_free                      ? 
_refine.ls_wR_factor_R_work                      ? 
_refine.occupancy_max                            ? 
_refine.occupancy_min                            ? 
_refine.solvent_model_details                    ? 
_refine.solvent_model_param_bsol                 ? 
_refine.solvent_model_param_ksol                 ? 
_refine.ls_R_factor_gt                           ? 
_refine.ls_goodness_of_fit_gt                    ? 
_refine.ls_goodness_of_fit_ref                   ? 
_refine.ls_shift_over_su_max                     ? 
_refine.ls_shift_over_su_max_lt                  ? 
_refine.ls_shift_over_su_mean                    ? 
_refine.ls_shift_over_su_mean_lt                 ? 
_refine.pdbx_ls_sigma_I                          ? 
_refine.pdbx_ls_sigma_F                          ? 
_refine.pdbx_ls_sigma_Fsqd                       ? 
_refine.pdbx_data_cutoff_high_absF               ? 
_refine.pdbx_data_cutoff_high_rms_absF           ? 
_refine.pdbx_data_cutoff_low_absF                ? 
_refine.pdbx_isotropic_thermal_model             ? 
_refine.pdbx_ls_cross_valid_method               THROUGHOUT 
_refine.pdbx_method_to_determine_struct          'MOLECULAR REPLACEMENT' 
_refine.pdbx_starting_model                      'BRD9 in complex with TB-472' 
_refine.pdbx_stereochemistry_target_values       ? 
_refine.pdbx_R_Free_selection_details            RANDOM 
_refine.pdbx_stereochem_target_val_spec_case     ? 
_refine.pdbx_overall_ESU_R                       0.066 
_refine.pdbx_overall_ESU_R_Free                  0.068 
_refine.pdbx_solvent_vdw_probe_radii             1.20 
_refine.pdbx_solvent_ion_probe_radii             0.80 
_refine.pdbx_solvent_shrinkage_radii             0.80 
_refine.pdbx_real_space_R                        ? 
_refine.pdbx_density_correlation                 ? 
_refine.pdbx_pd_number_of_powder_patterns        ? 
_refine.pdbx_pd_number_of_points                 ? 
_refine.pdbx_pd_meas_number_of_points            ? 
_refine.pdbx_pd_proc_ls_prof_R_factor            ? 
_refine.pdbx_pd_proc_ls_prof_wR_factor           ? 
_refine.pdbx_pd_Marquardt_correlation_coeff      ? 
_refine.pdbx_pd_Fsqrd_R_factor                   ? 
_refine.pdbx_pd_ls_matrix_band_width             ? 
_refine.pdbx_overall_phase_error                 ? 
_refine.pdbx_overall_SU_R_free_Cruickshank_DPI   ? 
_refine.pdbx_overall_SU_R_free_Blow_DPI          ? 
_refine.pdbx_overall_SU_R_Blow_DPI               ? 
_refine.pdbx_TLS_residual_ADP_flag               ? 
_refine.pdbx_diffrn_id                           1 
_refine.overall_SU_B                             1.203 
_refine.overall_SU_ML                            0.044 
_refine.overall_SU_R_Cruickshank_DPI             ? 
_refine.overall_SU_R_free                        ? 
_refine.overall_FOM_free_R_set                   ? 
_refine.overall_FOM_work_R_set                   ? 
_refine.pdbx_average_fsc_overall                 ? 
_refine.pdbx_average_fsc_work                    ? 
_refine.pdbx_average_fsc_free                    ? 
# 
_refine_hist.pdbx_refine_id                   'X-RAY DIFFRACTION' 
_refine_hist.cycle_id                         1 
_refine_hist.pdbx_number_atoms_protein        880 
_refine_hist.pdbx_number_atoms_nucleic_acid   0 
_refine_hist.pdbx_number_atoms_ligand         76 
_refine_hist.number_atoms_solvent             224 
_refine_hist.number_atoms_total               1180 
_refine_hist.d_res_high                       1.50 
_refine_hist.d_res_low                        35.42 
# 
loop_
_refine_ls_restr.pdbx_refine_id 
_refine_ls_restr.criterion 
_refine_ls_restr.dev_ideal 
_refine_ls_restr.dev_ideal_target 
_refine_ls_restr.number 
_refine_ls_restr.rejects 
_refine_ls_restr.type 
_refine_ls_restr.weight 
_refine_ls_restr.pdbx_restraint_function 
'X-RAY DIFFRACTION' ? 0.020  0.020  1138 ? r_bond_refined_d             ? ? 
'X-RAY DIFFRACTION' ? 0.003  0.020  1125 ? r_bond_other_d               ? ? 
'X-RAY DIFFRACTION' ? 1.942  2.031  1543 ? r_angle_refined_deg          ? ? 
'X-RAY DIFFRACTION' ? 1.116  3.005  2667 ? r_angle_other_deg            ? ? 
'X-RAY DIFFRACTION' ? 4.973  5.000  146  ? r_dihedral_angle_1_deg       ? ? 
'X-RAY DIFFRACTION' ? 42.557 26.038 53   ? r_dihedral_angle_2_deg       ? ? 
'X-RAY DIFFRACTION' ? 15.037 15.000 244  ? r_dihedral_angle_3_deg       ? ? 
'X-RAY DIFFRACTION' ? 5.229  15.000 4    ? r_dihedral_angle_4_deg       ? ? 
'X-RAY DIFFRACTION' ? 0.118  0.200  163  ? r_chiral_restr               ? ? 
'X-RAY DIFFRACTION' ? 0.010  0.021  1222 ? r_gen_planes_refined         ? ? 
'X-RAY DIFFRACTION' ? 0.002  0.020  203  ? r_gen_planes_other           ? ? 
'X-RAY DIFFRACTION' ? ?      ?      ?    ? r_nbd_refined                ? ? 
'X-RAY DIFFRACTION' ? ?      ?      ?    ? r_nbd_other                  ? ? 
'X-RAY DIFFRACTION' ? ?      ?      ?    ? r_nbtor_refined              ? ? 
'X-RAY DIFFRACTION' ? ?      ?      ?    ? r_nbtor_other                ? ? 
'X-RAY DIFFRACTION' ? ?      ?      ?    ? r_xyhbond_nbd_refined        ? ? 
'X-RAY DIFFRACTION' ? ?      ?      ?    ? r_xyhbond_nbd_other          ? ? 
'X-RAY DIFFRACTION' ? ?      ?      ?    ? r_metal_ion_refined          ? ? 
'X-RAY DIFFRACTION' ? ?      ?      ?    ? r_metal_ion_other            ? ? 
'X-RAY DIFFRACTION' ? ?      ?      ?    ? r_symmetry_vdw_refined       ? ? 
'X-RAY DIFFRACTION' ? ?      ?      ?    ? r_symmetry_vdw_other         ? ? 
'X-RAY DIFFRACTION' ? ?      ?      ?    ? r_symmetry_hbond_refined     ? ? 
'X-RAY DIFFRACTION' ? ?      ?      ?    ? r_symmetry_hbond_other       ? ? 
'X-RAY DIFFRACTION' ? ?      ?      ?    ? r_symmetry_metal_ion_refined ? ? 
'X-RAY DIFFRACTION' ? ?      ?      ?    ? r_symmetry_metal_ion_other   ? ? 
'X-RAY DIFFRACTION' ? 1.058  1.043  483  ? r_mcbond_it                  ? ? 
'X-RAY DIFFRACTION' ? 1.054  1.041  482  ? r_mcbond_other               ? ? 
'X-RAY DIFFRACTION' ? 1.822  1.558  615  ? r_mcangle_it                 ? ? 
'X-RAY DIFFRACTION' ? 1.821  1.561  616  ? r_mcangle_other              ? ? 
'X-RAY DIFFRACTION' ? 1.575  1.270  655  ? r_scbond_it                  ? ? 
'X-RAY DIFFRACTION' ? 1.545  1.271  655  ? r_scbond_other               ? ? 
'X-RAY DIFFRACTION' ? ?      ?      ?    ? r_scangle_it                 ? ? 
'X-RAY DIFFRACTION' ? 2.299  1.780  903  ? r_scangle_other              ? ? 
'X-RAY DIFFRACTION' ? 6.063  14.778 1386 ? r_long_range_B_refined       ? ? 
'X-RAY DIFFRACTION' ? 5.514  12.968 1304 ? r_long_range_B_other         ? ? 
'X-RAY DIFFRACTION' ? ?      ?      ?    ? r_rigid_bond_restr           ? ? 
'X-RAY DIFFRACTION' ? ?      ?      ?    ? r_sphericity_free            ? ? 
'X-RAY DIFFRACTION' ? ?      ?      ?    ? r_sphericity_bonded          ? ? 
# 
_refine_ls_shell.pdbx_refine_id                   'X-RAY DIFFRACTION' 
_refine_ls_shell.d_res_high                       1.500 
_refine_ls_shell.d_res_low                        1.539 
_refine_ls_shell.number_reflns_all                ? 
_refine_ls_shell.number_reflns_obs                ? 
_refine_ls_shell.number_reflns_R_free             105 
_refine_ls_shell.number_reflns_R_work             1752 
_refine_ls_shell.percent_reflns_obs               100.00 
_refine_ls_shell.percent_reflns_R_free            ? 
_refine_ls_shell.R_factor_all                     ? 
_refine_ls_shell.R_factor_obs                     ? 
_refine_ls_shell.R_factor_R_free                  0.348 
_refine_ls_shell.R_factor_R_free_error            ? 
_refine_ls_shell.R_factor_R_work                  0.278 
_refine_ls_shell.redundancy_reflns_all            ? 
_refine_ls_shell.redundancy_reflns_obs            ? 
_refine_ls_shell.wR_factor_all                    ? 
_refine_ls_shell.wR_factor_obs                    ? 
_refine_ls_shell.wR_factor_R_free                 ? 
_refine_ls_shell.wR_factor_R_work                 ? 
_refine_ls_shell.pdbx_total_number_of_bins_used   20 
_refine_ls_shell.pdbx_phase_error                 ? 
_refine_ls_shell.pdbx_fsc_work                    ? 
_refine_ls_shell.pdbx_fsc_free                    ? 
# 
_struct.entry_id                     5MQ1 
_struct.title                        'Crystal structure of the BRD7 bromodomain in complex with BI-9564' 
_struct.pdbx_model_details           ? 
_struct.pdbx_formula_weight          ? 
_struct.pdbx_formula_weight_method   ? 
_struct.pdbx_model_type_details      ? 
_struct.pdbx_CASP_flag               N 
# 
_struct_keywords.entry_id        5MQ1 
_struct_keywords.text            'Bromodomain, Transcription' 
_struct_keywords.pdbx_keywords   TRANSCRIPTION 
# 
loop_
_struct_asym.id 
_struct_asym.pdbx_blank_PDB_chainid_flag 
_struct_asym.pdbx_modified 
_struct_asym.entity_id 
_struct_asym.details 
A N N 1 ? 
B N N 2 ? 
C N N 3 ? 
D N N 3 ? 
E N N 4 ? 
F N N 4 ? 
G N N 4 ? 
H N N 5 ? 
I N N 6 ? 
J N N 6 ? 
K N N 6 ? 
L N N 6 ? 
M N N 6 ? 
N N N 6 ? 
O N N 6 ? 
P N N 6 ? 
Q N N 6 ? 
R N N 6 ? 
S N N 6 ? 
T N N 7 ? 
# 
_struct_ref.id                         1 
_struct_ref.db_name                    UNP 
_struct_ref.db_code                    BRD7_HUMAN 
_struct_ref.pdbx_db_accession          Q9NPI1 
_struct_ref.pdbx_db_isoform            ? 
_struct_ref.entity_id                  1 
_struct_ref.pdbx_seq_one_letter_code   
;EEVEQTPLQEALNQLMRQLQRKDPSAFFSFPVTDFIAPGYSMIIKHPMDFSTMKEKIKNNDYQSIEELKDNFKLMCTNAM
IYNKPETIYYKAAKKLLHSGMKILSQERIQS
;
_struct_ref.pdbx_align_begin           129 
# 
_struct_ref_seq.align_id                      1 
_struct_ref_seq.ref_id                        1 
_struct_ref_seq.pdbx_PDB_id_code              5MQ1 
_struct_ref_seq.pdbx_strand_id                A 
_struct_ref_seq.seq_align_beg                 2 
_struct_ref_seq.pdbx_seq_align_beg_ins_code   ? 
_struct_ref_seq.seq_align_end                 112 
_struct_ref_seq.pdbx_seq_align_end_ins_code   ? 
_struct_ref_seq.pdbx_db_accession             Q9NPI1 
_struct_ref_seq.db_align_beg                  129 
_struct_ref_seq.pdbx_db_align_beg_ins_code    ? 
_struct_ref_seq.db_align_end                  239 
_struct_ref_seq.pdbx_db_align_end_ins_code    ? 
_struct_ref_seq.pdbx_auth_seq_align_beg       129 
_struct_ref_seq.pdbx_auth_seq_align_end       239 
# 
_struct_ref_seq_dif.align_id                     1 
_struct_ref_seq_dif.pdbx_pdb_id_code             5MQ1 
_struct_ref_seq_dif.mon_id                       MET 
_struct_ref_seq_dif.pdbx_pdb_strand_id           A 
_struct_ref_seq_dif.seq_num                      1 
_struct_ref_seq_dif.pdbx_pdb_ins_code            ? 
_struct_ref_seq_dif.pdbx_seq_db_name             UNP 
_struct_ref_seq_dif.pdbx_seq_db_accession_code   Q9NPI1 
_struct_ref_seq_dif.db_mon_id                    ? 
_struct_ref_seq_dif.pdbx_seq_db_seq_num          ? 
_struct_ref_seq_dif.details                      'initiating methionine' 
_struct_ref_seq_dif.pdbx_auth_seq_num            128 
_struct_ref_seq_dif.pdbx_ordinal                 1 
# 
_pdbx_struct_assembly.id                   1 
_pdbx_struct_assembly.details              author_and_software_defined_assembly 
_pdbx_struct_assembly.method_details       PISA 
_pdbx_struct_assembly.oligomeric_details   monomeric 
_pdbx_struct_assembly.oligomeric_count     1 
# 
loop_
_pdbx_struct_assembly_prop.biol_id 
_pdbx_struct_assembly_prop.type 
_pdbx_struct_assembly_prop.value 
_pdbx_struct_assembly_prop.details 
1 'ABSA (A^2)' 2440 ? 
1 MORE         -57  ? 
1 'SSA (A^2)'  7700 ? 
# 
_pdbx_struct_assembly_gen.assembly_id       1 
_pdbx_struct_assembly_gen.oper_expression   1 
_pdbx_struct_assembly_gen.asym_id_list      A,B,C,D,E,F,G,H,I,J,K,L,M,N,O,P,Q,R,S,T 
# 
_pdbx_struct_oper_list.id                   1 
_pdbx_struct_oper_list.type                 'identity operation' 
_pdbx_struct_oper_list.name                 1_555 
_pdbx_struct_oper_list.symmetry_operation   x,y,z 
_pdbx_struct_oper_list.matrix[1][1]         1.0000000000 
_pdbx_struct_oper_list.matrix[1][2]         0.0000000000 
_pdbx_struct_oper_list.matrix[1][3]         0.0000000000 
_pdbx_struct_oper_list.vector[1]            0.0000000000 
_pdbx_struct_oper_list.matrix[2][1]         0.0000000000 
_pdbx_struct_oper_list.matrix[2][2]         1.0000000000 
_pdbx_struct_oper_list.matrix[2][3]         0.0000000000 
_pdbx_struct_oper_list.vector[2]            0.0000000000 
_pdbx_struct_oper_list.matrix[3][1]         0.0000000000 
_pdbx_struct_oper_list.matrix[3][2]         0.0000000000 
_pdbx_struct_oper_list.matrix[3][3]         1.0000000000 
_pdbx_struct_oper_list.vector[3]            0.0000000000 
# 
loop_
_struct_conf.conf_type_id 
_struct_conf.id 
_struct_conf.pdbx_PDB_helix_id 
_struct_conf.beg_label_comp_id 
_struct_conf.beg_label_asym_id 
_struct_conf.beg_label_seq_id 
_struct_conf.pdbx_beg_PDB_ins_code 
_struct_conf.end_label_comp_id 
_struct_conf.end_label_asym_id 
_struct_conf.end_label_seq_id 
_struct_conf.pdbx_end_PDB_ins_code 
_struct_conf.beg_auth_comp_id 
_struct_conf.beg_auth_asym_id 
_struct_conf.beg_auth_seq_id 
_struct_conf.end_auth_comp_id 
_struct_conf.end_auth_asym_id 
_struct_conf.end_auth_seq_id 
_struct_conf.pdbx_PDB_helix_class 
_struct_conf.details 
_struct_conf.pdbx_PDB_helix_length 
HELX_P HELX_P1 AA1 THR A 7  ? LYS A 23  ? THR A 134 LYS A 150 1 ? 17 
HELX_P HELX_P2 AA2 GLY A 40 ? ILE A 45  ? GLY A 167 ILE A 172 1 ? 6  
HELX_P HELX_P3 AA3 ASP A 50 ? ASN A 60  ? ASP A 177 ASN A 187 1 ? 11 
HELX_P HELX_P4 AA4 SER A 65 ? ASN A 84  ? SER A 192 ASN A 211 1 ? 20 
HELX_P HELX_P5 AA5 THR A 88 ? SER A 106 ? THR A 215 SER A 233 1 ? 19 
# 
_struct_conf_type.id          HELX_P 
_struct_conf_type.criteria    ? 
_struct_conf_type.reference   ? 
# 
loop_
_struct_conn.id 
_struct_conn.conn_type_id 
_struct_conn.pdbx_leaving_atom_flag 
_struct_conn.pdbx_PDB_id 
_struct_conn.ptnr1_label_asym_id 
_struct_conn.ptnr1_label_comp_id 
_struct_conn.ptnr1_label_seq_id 
_struct_conn.ptnr1_label_atom_id 
_struct_conn.pdbx_ptnr1_label_alt_id 
_struct_conn.pdbx_ptnr1_PDB_ins_code 
_struct_conn.pdbx_ptnr1_standard_comp_id 
_struct_conn.ptnr1_symmetry 
_struct_conn.ptnr2_label_asym_id 
_struct_conn.ptnr2_label_comp_id 
_struct_conn.ptnr2_label_seq_id 
_struct_conn.ptnr2_label_atom_id 
_struct_conn.pdbx_ptnr2_label_alt_id 
_struct_conn.pdbx_ptnr2_PDB_ins_code 
_struct_conn.ptnr1_auth_asym_id 
_struct_conn.ptnr1_auth_comp_id 
_struct_conn.ptnr1_auth_seq_id 
_struct_conn.ptnr2_auth_asym_id 
_struct_conn.ptnr2_auth_comp_id 
_struct_conn.ptnr2_auth_seq_id 
_struct_conn.ptnr2_symmetry 
_struct_conn.pdbx_ptnr3_label_atom_id 
_struct_conn.pdbx_ptnr3_label_seq_id 
_struct_conn.pdbx_ptnr3_label_comp_id 
_struct_conn.pdbx_ptnr3_label_asym_id 
_struct_conn.pdbx_ptnr3_label_alt_id 
_struct_conn.pdbx_ptnr3_PDB_ins_code 
_struct_conn.details 
_struct_conn.pdbx_dist_value 
_struct_conn.pdbx_value_order 
_struct_conn.pdbx_role 
metalc1  metalc ? ? A HIS 47  NE2 ? ? ? 1_555 D ZN  . ZN ? ? A HIS 174 A ZN  702 3_557 ? ? ? ? ? ? ? 2.093 ? ? 
metalc2  metalc ? ? A GLU 67  OE1 ? ? ? 1_555 C ZN  . ZN ? ? A GLU 194 A ZN  701 1_555 ? ? ? ? ? ? ? 1.949 ? ? 
metalc3  metalc ? ? A GLU 67  OE1 ? ? ? 1_555 C ZN  . ZN ? ? A GLU 194 A ZN  701 3_557 ? ? ? ? ? ? ? 1.968 ? ? 
metalc4  metalc ? ? A ASP 71  OD2 ? ? ? 1_555 C ZN  . ZN ? ? A ASP 198 A ZN  701 1_555 ? ? ? ? ? ? ? 1.901 ? ? 
metalc5  metalc ? ? A ASP 71  OD2 ? ? ? 1_555 C ZN  . ZN ? ? A ASP 198 A ZN  701 3_557 ? ? ? ? ? ? ? 2.045 ? ? 
metalc6  metalc ? ? A HIS 99  NE2 ? ? ? 1_555 D ZN  . ZN ? ? A HIS 226 A ZN  702 1_555 ? ? ? ? ? ? ? 2.050 ? ? 
metalc7  metalc ? ? A GLU 108 OE1 A ? ? 1_555 H MG  . MG ? ? A GLU 235 A MG  706 4_577 ? ? ? ? ? ? ? 2.087 ? ? 
metalc8  metalc ? ? A GLU 108 OE2 C ? ? 1_555 H MG  . MG ? ? A GLU 235 A MG  706 4_577 ? ? ? ? ? ? ? 2.158 ? ? 
metalc9  metalc ? ? H MG  .   MG  ? ? ? 1_555 T HOH . O  ? ? A MG  706 A HOH 826 4_577 ? ? ? ? ? ? ? 2.054 ? ? 
metalc10 metalc ? ? H MG  .   MG  ? ? ? 1_555 T HOH . O  ? ? A MG  706 A HOH 909 4_577 ? ? ? ? ? ? ? 1.914 ? ? 
# 
_struct_conn_type.id          metalc 
_struct_conn_type.criteria    ? 
_struct_conn_type.reference   ? 
# 
loop_
_pdbx_struct_conn_angle.id 
_pdbx_struct_conn_angle.ptnr1_label_atom_id 
_pdbx_struct_conn_angle.ptnr1_label_alt_id 
_pdbx_struct_conn_angle.ptnr1_label_asym_id 
_pdbx_struct_conn_angle.ptnr1_label_comp_id 
_pdbx_struct_conn_angle.ptnr1_label_seq_id 
_pdbx_struct_conn_angle.ptnr1_auth_atom_id 
_pdbx_struct_conn_angle.ptnr1_auth_asym_id 
_pdbx_struct_conn_angle.ptnr1_auth_comp_id 
_pdbx_struct_conn_angle.ptnr1_auth_seq_id 
_pdbx_struct_conn_angle.ptnr1_PDB_ins_code 
_pdbx_struct_conn_angle.ptnr1_symmetry 
_pdbx_struct_conn_angle.ptnr2_label_atom_id 
_pdbx_struct_conn_angle.ptnr2_label_alt_id 
_pdbx_struct_conn_angle.ptnr2_label_asym_id 
_pdbx_struct_conn_angle.ptnr2_label_comp_id 
_pdbx_struct_conn_angle.ptnr2_label_seq_id 
_pdbx_struct_conn_angle.ptnr2_auth_atom_id 
_pdbx_struct_conn_angle.ptnr2_auth_asym_id 
_pdbx_struct_conn_angle.ptnr2_auth_comp_id 
_pdbx_struct_conn_angle.ptnr2_auth_seq_id 
_pdbx_struct_conn_angle.ptnr2_PDB_ins_code 
_pdbx_struct_conn_angle.ptnr2_symmetry 
_pdbx_struct_conn_angle.ptnr3_label_atom_id 
_pdbx_struct_conn_angle.ptnr3_label_alt_id 
_pdbx_struct_conn_angle.ptnr3_label_asym_id 
_pdbx_struct_conn_angle.ptnr3_label_comp_id 
_pdbx_struct_conn_angle.ptnr3_label_seq_id 
_pdbx_struct_conn_angle.ptnr3_auth_atom_id 
_pdbx_struct_conn_angle.ptnr3_auth_asym_id 
_pdbx_struct_conn_angle.ptnr3_auth_comp_id 
_pdbx_struct_conn_angle.ptnr3_auth_seq_id 
_pdbx_struct_conn_angle.ptnr3_PDB_ins_code 
_pdbx_struct_conn_angle.ptnr3_symmetry 
_pdbx_struct_conn_angle.value 
_pdbx_struct_conn_angle.value_esd 
1  NE2 ? A HIS 47  ? A HIS 174 ? 1_555 ZN ? D ZN . ? A ZN 702 ? 3_557 NE2 ? A HIS 99  ? A HIS 226 ? 1_555 72.9  ? 
2  OE1 ? A GLU 67  ? A GLU 194 ? 1_555 ZN ? C ZN . ? A ZN 701 ? 1_555 OE1 ? A GLU 67  ? A GLU 194 ? 1_555 0.0   ? 
3  OE1 ? A GLU 67  ? A GLU 194 ? 1_555 ZN ? C ZN . ? A ZN 701 ? 1_555 OD2 ? A ASP 71  ? A ASP 198 ? 1_555 118.8 ? 
4  OE1 ? A GLU 67  ? A GLU 194 ? 1_555 ZN ? C ZN . ? A ZN 701 ? 1_555 OD2 ? A ASP 71  ? A ASP 198 ? 1_555 118.8 ? 
5  OE1 ? A GLU 67  ? A GLU 194 ? 1_555 ZN ? C ZN . ? A ZN 701 ? 1_555 OD2 ? A ASP 71  ? A ASP 198 ? 1_555 118.8 ? 
6  OE1 ? A GLU 67  ? A GLU 194 ? 1_555 ZN ? C ZN . ? A ZN 701 ? 1_555 OD2 ? A ASP 71  ? A ASP 198 ? 1_555 118.8 ? 
7  OD2 ? A ASP 71  ? A ASP 198 ? 1_555 ZN ? C ZN . ? A ZN 701 ? 1_555 OD2 ? A ASP 71  ? A ASP 198 ? 1_555 0.0   ? 
8  OE1 A A GLU 108 ? A GLU 235 ? 1_555 MG ? H MG . ? A MG 706 ? 4_577 OE2 C A GLU 108 ? A GLU 235 ? 1_555 13.6  ? 
9  OE1 A A GLU 108 ? A GLU 235 ? 1_555 MG ? H MG . ? A MG 706 ? 4_577 O   ? T HOH .   ? A HOH 826 ? 4_577 46.7  ? 
10 OE2 C A GLU 108 ? A GLU 235 ? 1_555 MG ? H MG . ? A MG 706 ? 4_577 O   ? T HOH .   ? A HOH 826 ? 4_577 34.5  ? 
11 OE1 A A GLU 108 ? A GLU 235 ? 1_555 MG ? H MG . ? A MG 706 ? 4_577 O   ? T HOH .   ? A HOH 909 ? 4_577 41.0  ? 
12 OE2 C A GLU 108 ? A GLU 235 ? 1_555 MG ? H MG . ? A MG 706 ? 4_577 O   ? T HOH .   ? A HOH 909 ? 4_577 28.0  ? 
13 O   ? T HOH .   ? A HOH 826 ? 4_577 MG ? H MG . ? A MG 706 ? 4_577 O   ? T HOH .   ? A HOH 909 ? 4_577 7.9   ? 
# 
loop_
_struct_site.id 
_struct_site.pdbx_evidence_code 
_struct_site.pdbx_auth_asym_id 
_struct_site.pdbx_auth_comp_id 
_struct_site.pdbx_auth_seq_id 
_struct_site.pdbx_auth_ins_code 
_struct_site.pdbx_num_residues 
_struct_site.details 
AC1 Software A 5U6 700 ? 14 'binding site for residue 5U6 A 700' 
AC2 Software A ZN  701 ? 4  'binding site for residue ZN A 701'  
AC3 Software A ZN  702 ? 4  'binding site for residue ZN A 702'  
AC4 Software A CL  703 ? 5  'binding site for residue CL A 703'  
AC5 Software A CL  704 ? 8  'binding site for residue CL A 704'  
AC6 Software A MG  706 ? 6  'binding site for residue MG A 706'  
AC7 Software A EDO 707 ? 5  'binding site for residue EDO A 707' 
AC8 Software A EDO 708 ? 7  'binding site for residue EDO A 708' 
AC9 Software A EDO 709 ? 3  'binding site for residue EDO A 709' 
AD1 Software A EDO 710 ? 5  'binding site for residue EDO A 710' 
AD2 Software A EDO 711 ? 3  'binding site for residue EDO A 711' 
AD3 Software A EDO 712 ? 6  'binding site for residue EDO A 712' 
AD4 Software A EDO 713 ? 4  'binding site for residue EDO A 713' 
AD5 Software A EDO 714 ? 10 'binding site for residue EDO A 714' 
AD6 Software A EDO 715 ? 4  'binding site for residue EDO A 715' 
AD7 Software A EDO 716 ? 6  'binding site for residue EDO A 716' 
AD8 Software A EDO 717 ? 6  'binding site for residue EDO A 717' 
# 
loop_
_struct_site_gen.id 
_struct_site_gen.site_id 
_struct_site_gen.pdbx_num_res 
_struct_site_gen.label_comp_id 
_struct_site_gen.label_asym_id 
_struct_site_gen.label_seq_id 
_struct_site_gen.pdbx_auth_ins_code 
_struct_site_gen.auth_comp_id 
_struct_site_gen.auth_asym_id 
_struct_site_gen.auth_seq_id 
_struct_site_gen.label_atom_id 
_struct_site_gen.label_alt_id 
_struct_site_gen.symmetry 
_struct_site_gen.details 
1   AC1 14 SER A 26  ? SER A 153 . ? 1_555 ? 
2   AC1 14 ALA A 27  ? ALA A 154 . ? 1_555 ? 
3   AC1 14 PHE A 28  ? PHE A 155 . ? 1_555 ? 
4   AC1 14 PHE A 29  ? PHE A 156 . ? 1_555 ? 
5   AC1 14 PHE A 31  ? PHE A 158 . ? 1_555 ? 
6   AC1 14 PRO A 32  ? PRO A 159 . ? 1_555 ? 
7   AC1 14 ASP A 35  ? ASP A 162 . ? 6_574 ? 
8   AC1 14 ILE A 37  ? ILE A 164 . ? 1_555 ? 
9   AC1 14 ALA A 38  ? ALA A 165 . ? 1_555 ? 
10  AC1 14 ASN A 84  ? ASN A 211 . ? 1_555 ? 
11  AC1 14 TYR A 90  ? TYR A 217 . ? 1_555 ? 
12  AC1 14 HOH T .   ? HOH A 825 . ? 1_555 ? 
13  AC1 14 HOH T .   ? HOH A 842 . ? 6_574 ? 
14  AC1 14 HOH T .   ? HOH A 928 . ? 1_555 ? 
15  AC2 4  GLU A 67  ? GLU A 194 . ? 3_557 ? 
16  AC2 4  GLU A 67  ? GLU A 194 . ? 1_555 ? 
17  AC2 4  ASP A 71  ? ASP A 198 . ? 1_555 ? 
18  AC2 4  ASP A 71  ? ASP A 198 . ? 3_557 ? 
19  AC3 4  HIS A 47  ? HIS A 174 . ? 3_557 ? 
20  AC3 4  HIS A 99  ? HIS A 226 . ? 1_555 ? 
21  AC3 4  CL  E .   ? CL  A 703 . ? 1_555 ? 
22  AC3 4  CL  F .   ? CL  A 704 . ? 1_555 ? 
23  AC4 5  HIS A 47  ? HIS A 174 . ? 3_557 ? 
24  AC4 5  HIS A 99  ? HIS A 226 . ? 1_555 ? 
25  AC4 5  ZN  D .   ? ZN  A 702 . ? 1_555 ? 
26  AC4 5  CL  F .   ? CL  A 704 . ? 1_555 ? 
27  AC4 5  EDO P .   ? EDO A 714 . ? 3_557 ? 
28  AC5 8  LYS A 46  ? LYS A 173 . ? 3_557 ? 
29  AC5 8  HIS A 47  ? HIS A 174 . ? 3_557 ? 
30  AC5 8  LYS A 95  ? LYS A 222 . ? 1_555 ? 
31  AC5 8  HIS A 99  ? HIS A 226 . ? 1_555 ? 
32  AC5 8  ZN  D .   ? ZN  A 702 . ? 1_555 ? 
33  AC5 8  CL  E .   ? CL  A 703 . ? 1_555 ? 
34  AC5 8  EDO P .   ? EDO A 714 . ? 3_557 ? 
35  AC5 8  HOH T .   ? HOH A 979 . ? 3_557 ? 
36  AC6 6  GLU A 108 ? GLU A 235 . ? 4_577 ? 
37  AC6 6  GLU A 108 ? GLU A 235 . ? 2_575 ? 
38  AC6 6  HOH T .   ? HOH A 826 . ? 2_575 ? 
39  AC6 6  HOH T .   ? HOH A 826 . ? 4_577 ? 
40  AC6 6  HOH T .   ? HOH A 909 . ? 2_575 ? 
41  AC6 6  HOH T .   ? HOH A 909 . ? 4_577 ? 
42  AC7 5  LYS A 23  ? LYS A 150 . ? 1_555 ? 
43  AC7 5  ASP A 24  ? ASP A 151 . ? 1_555 ? 
44  AC7 5  PRO A 25  ? PRO A 152 . ? 1_555 ? 
45  AC7 5  SER A 26  ? SER A 153 . ? 1_555 ? 
46  AC7 5  HOH T .   ? HOH A 881 . ? 1_555 ? 
47  AC8 7  THR A 34  ? THR A 161 . ? 1_555 ? 
48  AC8 7  ASP A 35  ? ASP A 162 . ? 1_555 ? 
49  AC8 7  ILE A 89  ? ILE A 216 . ? 6_575 ? 
50  AC8 7  TYR A 90  ? TYR A 217 . ? 6_575 ? 
51  AC8 7  HOH T .   ? HOH A 809 . ? 1_555 ? 
52  AC8 7  HOH T .   ? HOH A 840 . ? 1_555 ? 
53  AC8 7  HOH T .   ? HOH A 849 . ? 1_555 ? 
54  AC9 3  PHE A 36  ? PHE A 163 . ? 1_555 ? 
55  AC9 3  LYS A 96  ? LYS A 223 . ? 6_575 ? 
56  AC9 3  HOH T .   ? HOH A 865 . ? 1_555 ? 
57  AD1 5  ILE A 44  ? ILE A 171 . ? 1_555 ? 
58  AD1 5  TYR A 83  ? TYR A 210 . ? 1_555 ? 
59  AD1 5  LYS A 85  ? LYS A 212 . ? 1_555 ? 
60  AD1 5  HOH T .   ? HOH A 819 . ? 1_555 ? 
61  AD1 5  HOH T .   ? HOH A 882 . ? 1_555 ? 
62  AD2 3  LYS A 74  ? LYS A 201 . ? 1_555 ? 
63  AD2 3  SER A 112 ? SER A 239 . ? 4_577 ? 
64  AD2 3  HOH T .   ? HOH A 880 . ? 1_555 ? 
65  AD3 6  LYS A 95  ? LYS A 222 . ? 1_555 ? 
66  AD3 6  LYS A 96  ? LYS A 223 . ? 1_555 ? 
67  AD3 6  EDO Q .   ? EDO A 715 . ? 1_555 ? 
68  AD3 6  HOH T .   ? HOH A 818 . ? 1_555 ? 
69  AD3 6  HOH T .   ? HOH A 827 . ? 1_555 ? 
70  AD3 6  HOH T .   ? HOH A 886 . ? 1_555 ? 
71  AD4 4  LYS A 23  ? LYS A 150 . ? 1_555 ? 
72  AD4 4  ILE A 104 ? ILE A 231 . ? 1_555 ? 
73  AD4 4  HOH T .   ? HOH A 822 . ? 1_555 ? 
74  AD4 4  HOH T .   ? HOH A 836 . ? 1_555 ? 
75  AD5 10 ILE A 44  ? ILE A 171 . ? 1_555 ? 
76  AD5 10 ILE A 45  ? ILE A 172 . ? 1_555 ? 
77  AD5 10 LYS A 46  ? LYS A 173 . ? 1_555 ? 
78  AD5 10 MET A 81  ? MET A 208 . ? 3_557 ? 
79  AD5 10 TYR A 91  ? TYR A 218 . ? 3_557 ? 
80  AD5 10 LYS A 95  ? LYS A 222 . ? 3_557 ? 
81  AD5 10 CL  E .   ? CL  A 703 . ? 3_557 ? 
82  AD5 10 CL  F .   ? CL  A 704 . ? 3_557 ? 
83  AD5 10 HOH T .   ? HOH A 802 . ? 1_555 ? 
84  AD5 10 HOH T .   ? HOH A 813 . ? 1_555 ? 
85  AD6 4  EDO N .   ? EDO A 712 . ? 1_555 ? 
86  AD6 4  HOH T .   ? HOH A 818 . ? 1_555 ? 
87  AD6 4  HOH T .   ? HOH A 856 . ? 1_555 ? 
88  AD6 4  HOH T .   ? HOH A 911 . ? 1_555 ? 
89  AD7 6  GLN A 107 ? GLN A 234 . ? 4_577 ? 
90  AD7 6  GLU A 108 ? GLU A 235 . ? 4_577 ? 
91  AD7 6  ARG A 109 ? ARG A 236 . ? 1_555 ? 
92  AD7 6  ILE A 110 ? ILE A 237 . ? 1_555 ? 
93  AD7 6  HOH T .   ? HOH A 811 . ? 1_555 ? 
94  AD7 6  HOH T .   ? HOH A 820 . ? 1_555 ? 
95  AD8 6  LYS A 23  ? LYS A 150 . ? 1_555 ? 
96  AD8 6  SER A 100 ? SER A 227 . ? 1_555 ? 
97  AD8 6  LYS A 103 ? LYS A 230 . ? 1_555 ? 
98  AD8 6  HOH T .   ? HOH A 836 . ? 1_555 ? 
99  AD8 6  HOH T .   ? HOH A 845 . ? 1_555 ? 
100 AD8 6  HOH T .   ? HOH A 893 . ? 1_555 ? 
# 
loop_
_pdbx_validate_close_contact.id 
_pdbx_validate_close_contact.PDB_model_num 
_pdbx_validate_close_contact.auth_atom_id_1 
_pdbx_validate_close_contact.auth_asym_id_1 
_pdbx_validate_close_contact.auth_comp_id_1 
_pdbx_validate_close_contact.auth_seq_id_1 
_pdbx_validate_close_contact.PDB_ins_code_1 
_pdbx_validate_close_contact.label_alt_id_1 
_pdbx_validate_close_contact.auth_atom_id_2 
_pdbx_validate_close_contact.auth_asym_id_2 
_pdbx_validate_close_contact.auth_comp_id_2 
_pdbx_validate_close_contact.auth_seq_id_2 
_pdbx_validate_close_contact.PDB_ins_code_2 
_pdbx_validate_close_contact.label_alt_id_2 
_pdbx_validate_close_contact.dist 
1 1 O A HOH 829 ? ? O A HOH 1006 ? ? 2.14 
2 1 O A HOH 816 ? ? O A HOH 913  ? ? 2.19 
# 
loop_
_pdbx_validate_symm_contact.id 
_pdbx_validate_symm_contact.PDB_model_num 
_pdbx_validate_symm_contact.auth_atom_id_1 
_pdbx_validate_symm_contact.auth_asym_id_1 
_pdbx_validate_symm_contact.auth_comp_id_1 
_pdbx_validate_symm_contact.auth_seq_id_1 
_pdbx_validate_symm_contact.PDB_ins_code_1 
_pdbx_validate_symm_contact.label_alt_id_1 
_pdbx_validate_symm_contact.site_symmetry_1 
_pdbx_validate_symm_contact.auth_atom_id_2 
_pdbx_validate_symm_contact.auth_asym_id_2 
_pdbx_validate_symm_contact.auth_comp_id_2 
_pdbx_validate_symm_contact.auth_seq_id_2 
_pdbx_validate_symm_contact.PDB_ins_code_2 
_pdbx_validate_symm_contact.label_alt_id_2 
_pdbx_validate_symm_contact.site_symmetry_2 
_pdbx_validate_symm_contact.dist 
1 1 O A HOH 954 ? ? 1_555 O A HOH 954 ? ? 3_557 0.54 
2 1 O A HOH 943 ? ? 1_555 O A HOH 973 ? ? 6_575 1.93 
3 1 O A HOH 805 ? ? 1_555 O A HOH 907 ? ? 3_557 2.07 
# 
loop_
_pdbx_validate_rmsd_angle.id 
_pdbx_validate_rmsd_angle.PDB_model_num 
_pdbx_validate_rmsd_angle.auth_atom_id_1 
_pdbx_validate_rmsd_angle.auth_asym_id_1 
_pdbx_validate_rmsd_angle.auth_comp_id_1 
_pdbx_validate_rmsd_angle.auth_seq_id_1 
_pdbx_validate_rmsd_angle.PDB_ins_code_1 
_pdbx_validate_rmsd_angle.label_alt_id_1 
_pdbx_validate_rmsd_angle.auth_atom_id_2 
_pdbx_validate_rmsd_angle.auth_asym_id_2 
_pdbx_validate_rmsd_angle.auth_comp_id_2 
_pdbx_validate_rmsd_angle.auth_seq_id_2 
_pdbx_validate_rmsd_angle.PDB_ins_code_2 
_pdbx_validate_rmsd_angle.label_alt_id_2 
_pdbx_validate_rmsd_angle.auth_atom_id_3 
_pdbx_validate_rmsd_angle.auth_asym_id_3 
_pdbx_validate_rmsd_angle.auth_comp_id_3 
_pdbx_validate_rmsd_angle.auth_seq_id_3 
_pdbx_validate_rmsd_angle.PDB_ins_code_3 
_pdbx_validate_rmsd_angle.label_alt_id_3 
_pdbx_validate_rmsd_angle.angle_value 
_pdbx_validate_rmsd_angle.angle_target_value 
_pdbx_validate_rmsd_angle.angle_deviation 
_pdbx_validate_rmsd_angle.angle_standard_deviation 
_pdbx_validate_rmsd_angle.linker_flag 
1 1 CG A MET 208 ? B SD A MET 208 ? B CE A MET 208 ? B 82.70  100.20 -17.50 1.60 N 
2 1 CD A LYS 230 ? B CE A LYS 230 ? B NZ A LYS 230 ? B 130.34 111.70 18.64  2.30 N 
# 
loop_
_pdbx_struct_special_symmetry.id 
_pdbx_struct_special_symmetry.PDB_model_num 
_pdbx_struct_special_symmetry.auth_asym_id 
_pdbx_struct_special_symmetry.auth_comp_id 
_pdbx_struct_special_symmetry.auth_seq_id 
_pdbx_struct_special_symmetry.PDB_ins_code 
_pdbx_struct_special_symmetry.label_asym_id 
_pdbx_struct_special_symmetry.label_comp_id 
_pdbx_struct_special_symmetry.label_seq_id 
1 1 A ZN  701  ? C ZN  . 
2 1 A MG  706  ? H MG  . 
3 1 A HOH 1007 ? T HOH . 
# 
loop_
_pdbx_distant_solvent_atoms.id 
_pdbx_distant_solvent_atoms.PDB_model_num 
_pdbx_distant_solvent_atoms.auth_atom_id 
_pdbx_distant_solvent_atoms.label_alt_id 
_pdbx_distant_solvent_atoms.auth_asym_id 
_pdbx_distant_solvent_atoms.auth_comp_id 
_pdbx_distant_solvent_atoms.auth_seq_id 
_pdbx_distant_solvent_atoms.PDB_ins_code 
_pdbx_distant_solvent_atoms.neighbor_macromolecule_distance 
_pdbx_distant_solvent_atoms.neighbor_ligand_distance 
1 1 O ? A HOH 1023 ? 6.22 . 
2 1 O ? A HOH 1024 ? 6.71 . 
# 
loop_
_pdbx_unobs_or_zero_occ_residues.id 
_pdbx_unobs_or_zero_occ_residues.PDB_model_num 
_pdbx_unobs_or_zero_occ_residues.polymer_flag 
_pdbx_unobs_or_zero_occ_residues.occupancy_flag 
_pdbx_unobs_or_zero_occ_residues.auth_asym_id 
_pdbx_unobs_or_zero_occ_residues.auth_comp_id 
_pdbx_unobs_or_zero_occ_residues.auth_seq_id 
_pdbx_unobs_or_zero_occ_residues.PDB_ins_code 
_pdbx_unobs_or_zero_occ_residues.label_asym_id 
_pdbx_unobs_or_zero_occ_residues.label_comp_id 
_pdbx_unobs_or_zero_occ_residues.label_seq_id 
1 1 Y 1 A MET 128 ? A MET 1 
2 1 Y 1 A GLU 129 ? A GLU 2 
3 1 Y 1 A GLU 130 ? A GLU 3 
4 1 Y 1 A VAL 131 ? A VAL 4 
# 
loop_
_chem_comp_atom.comp_id 
_chem_comp_atom.atom_id 
_chem_comp_atom.type_symbol 
_chem_comp_atom.pdbx_aromatic_flag 
_chem_comp_atom.pdbx_stereo_config 
_chem_comp_atom.pdbx_ordinal 
5U6 N3   N  Y N 1   
5U6 C4   C  Y N 2   
5U6 C5   C  Y N 3   
5U6 C6   C  Y N 4   
5U6 C7   C  N N 5   
5U6 C10  C  N N 6   
5U6 C13  C  Y N 7   
5U6 C17  C  Y N 8   
5U6 C20  C  Y N 9   
5U6 C21  C  Y N 10  
5U6 C24  C  N N 11  
5U6 C26  C  N N 12  
5U6 C18  C  Y N 13  
5U6 C1   C  Y N 14  
5U6 N8   N  N N 15  
5U6 C2   C  Y N 16  
5U6 C16  C  N N 17  
5U6 O25  O  N N 18  
5U6 C9   C  N N 19  
5U6 C12  C  N N 20  
5U6 C19  C  Y N 21  
5U6 C14  C  N N 22  
5U6 O22  O  N N 23  
5U6 N15  N  N N 24  
5U6 O11  O  N N 25  
5U6 C23  C  N N 26  
5U6 H1   H  N N 27  
5U6 H2   H  N N 28  
5U6 H3   H  N N 29  
5U6 H4   H  N N 30  
5U6 H5   H  N N 31  
5U6 H6   H  N N 32  
5U6 H7   H  N N 33  
5U6 H8   H  N N 34  
5U6 H9   H  N N 35  
5U6 H10  H  N N 36  
5U6 H11  H  N N 37  
5U6 H12  H  N N 38  
5U6 H13  H  N N 39  
5U6 H14  H  N N 40  
5U6 H15  H  N N 41  
5U6 H16  H  N N 42  
5U6 H17  H  N N 43  
5U6 H18  H  N N 44  
5U6 H19  H  N N 45  
5U6 H20  H  N N 46  
5U6 H22  H  N N 47  
5U6 H23  H  N N 48  
5U6 H24  H  N N 49  
ALA N    N  N N 50  
ALA CA   C  N S 51  
ALA C    C  N N 52  
ALA O    O  N N 53  
ALA CB   C  N N 54  
ALA OXT  O  N N 55  
ALA H    H  N N 56  
ALA H2   H  N N 57  
ALA HA   H  N N 58  
ALA HB1  H  N N 59  
ALA HB2  H  N N 60  
ALA HB3  H  N N 61  
ALA HXT  H  N N 62  
ARG N    N  N N 63  
ARG CA   C  N S 64  
ARG C    C  N N 65  
ARG O    O  N N 66  
ARG CB   C  N N 67  
ARG CG   C  N N 68  
ARG CD   C  N N 69  
ARG NE   N  N N 70  
ARG CZ   C  N N 71  
ARG NH1  N  N N 72  
ARG NH2  N  N N 73  
ARG OXT  O  N N 74  
ARG H    H  N N 75  
ARG H2   H  N N 76  
ARG HA   H  N N 77  
ARG HB2  H  N N 78  
ARG HB3  H  N N 79  
ARG HG2  H  N N 80  
ARG HG3  H  N N 81  
ARG HD2  H  N N 82  
ARG HD3  H  N N 83  
ARG HE   H  N N 84  
ARG HH11 H  N N 85  
ARG HH12 H  N N 86  
ARG HH21 H  N N 87  
ARG HH22 H  N N 88  
ARG HXT  H  N N 89  
ASN N    N  N N 90  
ASN CA   C  N S 91  
ASN C    C  N N 92  
ASN O    O  N N 93  
ASN CB   C  N N 94  
ASN CG   C  N N 95  
ASN OD1  O  N N 96  
ASN ND2  N  N N 97  
ASN OXT  O  N N 98  
ASN H    H  N N 99  
ASN H2   H  N N 100 
ASN HA   H  N N 101 
ASN HB2  H  N N 102 
ASN HB3  H  N N 103 
ASN HD21 H  N N 104 
ASN HD22 H  N N 105 
ASN HXT  H  N N 106 
ASP N    N  N N 107 
ASP CA   C  N S 108 
ASP C    C  N N 109 
ASP O    O  N N 110 
ASP CB   C  N N 111 
ASP CG   C  N N 112 
ASP OD1  O  N N 113 
ASP OD2  O  N N 114 
ASP OXT  O  N N 115 
ASP H    H  N N 116 
ASP H2   H  N N 117 
ASP HA   H  N N 118 
ASP HB2  H  N N 119 
ASP HB3  H  N N 120 
ASP HD2  H  N N 121 
ASP HXT  H  N N 122 
CL  CL   CL N N 123 
CYS N    N  N N 124 
CYS CA   C  N R 125 
CYS C    C  N N 126 
CYS O    O  N N 127 
CYS CB   C  N N 128 
CYS SG   S  N N 129 
CYS OXT  O  N N 130 
CYS H    H  N N 131 
CYS H2   H  N N 132 
CYS HA   H  N N 133 
CYS HB2  H  N N 134 
CYS HB3  H  N N 135 
CYS HG   H  N N 136 
CYS HXT  H  N N 137 
EDO C1   C  N N 138 
EDO O1   O  N N 139 
EDO C2   C  N N 140 
EDO O2   O  N N 141 
EDO H11  H  N N 142 
EDO H12  H  N N 143 
EDO HO1  H  N N 144 
EDO H21  H  N N 145 
EDO H22  H  N N 146 
EDO HO2  H  N N 147 
GLN N    N  N N 148 
GLN CA   C  N S 149 
GLN C    C  N N 150 
GLN O    O  N N 151 
GLN CB   C  N N 152 
GLN CG   C  N N 153 
GLN CD   C  N N 154 
GLN OE1  O  N N 155 
GLN NE2  N  N N 156 
GLN OXT  O  N N 157 
GLN H    H  N N 158 
GLN H2   H  N N 159 
GLN HA   H  N N 160 
GLN HB2  H  N N 161 
GLN HB3  H  N N 162 
GLN HG2  H  N N 163 
GLN HG3  H  N N 164 
GLN HE21 H  N N 165 
GLN HE22 H  N N 166 
GLN HXT  H  N N 167 
GLU N    N  N N 168 
GLU CA   C  N S 169 
GLU C    C  N N 170 
GLU O    O  N N 171 
GLU CB   C  N N 172 
GLU CG   C  N N 173 
GLU CD   C  N N 174 
GLU OE1  O  N N 175 
GLU OE2  O  N N 176 
GLU OXT  O  N N 177 
GLU H    H  N N 178 
GLU H2   H  N N 179 
GLU HA   H  N N 180 
GLU HB2  H  N N 181 
GLU HB3  H  N N 182 
GLU HG2  H  N N 183 
GLU HG3  H  N N 184 
GLU HE2  H  N N 185 
GLU HXT  H  N N 186 
GLY N    N  N N 187 
GLY CA   C  N N 188 
GLY C    C  N N 189 
GLY O    O  N N 190 
GLY OXT  O  N N 191 
GLY H    H  N N 192 
GLY H2   H  N N 193 
GLY HA2  H  N N 194 
GLY HA3  H  N N 195 
GLY HXT  H  N N 196 
HIS N    N  N N 197 
HIS CA   C  N S 198 
HIS C    C  N N 199 
HIS O    O  N N 200 
HIS CB   C  N N 201 
HIS CG   C  Y N 202 
HIS ND1  N  Y N 203 
HIS CD2  C  Y N 204 
HIS CE1  C  Y N 205 
HIS NE2  N  Y N 206 
HIS OXT  O  N N 207 
HIS H    H  N N 208 
HIS H2   H  N N 209 
HIS HA   H  N N 210 
HIS HB2  H  N N 211 
HIS HB3  H  N N 212 
HIS HD1  H  N N 213 
HIS HD2  H  N N 214 
HIS HE1  H  N N 215 
HIS HE2  H  N N 216 
HIS HXT  H  N N 217 
HOH O    O  N N 218 
HOH H1   H  N N 219 
HOH H2   H  N N 220 
ILE N    N  N N 221 
ILE CA   C  N S 222 
ILE C    C  N N 223 
ILE O    O  N N 224 
ILE CB   C  N S 225 
ILE CG1  C  N N 226 
ILE CG2  C  N N 227 
ILE CD1  C  N N 228 
ILE OXT  O  N N 229 
ILE H    H  N N 230 
ILE H2   H  N N 231 
ILE HA   H  N N 232 
ILE HB   H  N N 233 
ILE HG12 H  N N 234 
ILE HG13 H  N N 235 
ILE HG21 H  N N 236 
ILE HG22 H  N N 237 
ILE HG23 H  N N 238 
ILE HD11 H  N N 239 
ILE HD12 H  N N 240 
ILE HD13 H  N N 241 
ILE HXT  H  N N 242 
LEU N    N  N N 243 
LEU CA   C  N S 244 
LEU C    C  N N 245 
LEU O    O  N N 246 
LEU CB   C  N N 247 
LEU CG   C  N N 248 
LEU CD1  C  N N 249 
LEU CD2  C  N N 250 
LEU OXT  O  N N 251 
LEU H    H  N N 252 
LEU H2   H  N N 253 
LEU HA   H  N N 254 
LEU HB2  H  N N 255 
LEU HB3  H  N N 256 
LEU HG   H  N N 257 
LEU HD11 H  N N 258 
LEU HD12 H  N N 259 
LEU HD13 H  N N 260 
LEU HD21 H  N N 261 
LEU HD22 H  N N 262 
LEU HD23 H  N N 263 
LEU HXT  H  N N 264 
LYS N    N  N N 265 
LYS CA   C  N S 266 
LYS C    C  N N 267 
LYS O    O  N N 268 
LYS CB   C  N N 269 
LYS CG   C  N N 270 
LYS CD   C  N N 271 
LYS CE   C  N N 272 
LYS NZ   N  N N 273 
LYS OXT  O  N N 274 
LYS H    H  N N 275 
LYS H2   H  N N 276 
LYS HA   H  N N 277 
LYS HB2  H  N N 278 
LYS HB3  H  N N 279 
LYS HG2  H  N N 280 
LYS HG3  H  N N 281 
LYS HD2  H  N N 282 
LYS HD3  H  N N 283 
LYS HE2  H  N N 284 
LYS HE3  H  N N 285 
LYS HZ1  H  N N 286 
LYS HZ2  H  N N 287 
LYS HZ3  H  N N 288 
LYS HXT  H  N N 289 
MET N    N  N N 290 
MET CA   C  N S 291 
MET C    C  N N 292 
MET O    O  N N 293 
MET CB   C  N N 294 
MET CG   C  N N 295 
MET SD   S  N N 296 
MET CE   C  N N 297 
MET OXT  O  N N 298 
MET H    H  N N 299 
MET H2   H  N N 300 
MET HA   H  N N 301 
MET HB2  H  N N 302 
MET HB3  H  N N 303 
MET HG2  H  N N 304 
MET HG3  H  N N 305 
MET HE1  H  N N 306 
MET HE2  H  N N 307 
MET HE3  H  N N 308 
MET HXT  H  N N 309 
MG  MG   MG N N 310 
PHE N    N  N N 311 
PHE CA   C  N S 312 
PHE C    C  N N 313 
PHE O    O  N N 314 
PHE CB   C  N N 315 
PHE CG   C  Y N 316 
PHE CD1  C  Y N 317 
PHE CD2  C  Y N 318 
PHE CE1  C  Y N 319 
PHE CE2  C  Y N 320 
PHE CZ   C  Y N 321 
PHE OXT  O  N N 322 
PHE H    H  N N 323 
PHE H2   H  N N 324 
PHE HA   H  N N 325 
PHE HB2  H  N N 326 
PHE HB3  H  N N 327 
PHE HD1  H  N N 328 
PHE HD2  H  N N 329 
PHE HE1  H  N N 330 
PHE HE2  H  N N 331 
PHE HZ   H  N N 332 
PHE HXT  H  N N 333 
PRO N    N  N N 334 
PRO CA   C  N S 335 
PRO C    C  N N 336 
PRO O    O  N N 337 
PRO CB   C  N N 338 
PRO CG   C  N N 339 
PRO CD   C  N N 340 
PRO OXT  O  N N 341 
PRO H    H  N N 342 
PRO HA   H  N N 343 
PRO HB2  H  N N 344 
PRO HB3  H  N N 345 
PRO HG2  H  N N 346 
PRO HG3  H  N N 347 
PRO HD2  H  N N 348 
PRO HD3  H  N N 349 
PRO HXT  H  N N 350 
SER N    N  N N 351 
SER CA   C  N S 352 
SER C    C  N N 353 
SER O    O  N N 354 
SER CB   C  N N 355 
SER OG   O  N N 356 
SER OXT  O  N N 357 
SER H    H  N N 358 
SER H2   H  N N 359 
SER HA   H  N N 360 
SER HB2  H  N N 361 
SER HB3  H  N N 362 
SER HG   H  N N 363 
SER HXT  H  N N 364 
THR N    N  N N 365 
THR CA   C  N S 366 
THR C    C  N N 367 
THR O    O  N N 368 
THR CB   C  N R 369 
THR OG1  O  N N 370 
THR CG2  C  N N 371 
THR OXT  O  N N 372 
THR H    H  N N 373 
THR H2   H  N N 374 
THR HA   H  N N 375 
THR HB   H  N N 376 
THR HG1  H  N N 377 
THR HG21 H  N N 378 
THR HG22 H  N N 379 
THR HG23 H  N N 380 
THR HXT  H  N N 381 
TYR N    N  N N 382 
TYR CA   C  N S 383 
TYR C    C  N N 384 
TYR O    O  N N 385 
TYR CB   C  N N 386 
TYR CG   C  Y N 387 
TYR CD1  C  Y N 388 
TYR CD2  C  Y N 389 
TYR CE1  C  Y N 390 
TYR CE2  C  Y N 391 
TYR CZ   C  Y N 392 
TYR OH   O  N N 393 
TYR OXT  O  N N 394 
TYR H    H  N N 395 
TYR H2   H  N N 396 
TYR HA   H  N N 397 
TYR HB2  H  N N 398 
TYR HB3  H  N N 399 
TYR HD1  H  N N 400 
TYR HD2  H  N N 401 
TYR HE1  H  N N 402 
TYR HE2  H  N N 403 
TYR HH   H  N N 404 
TYR HXT  H  N N 405 
VAL N    N  N N 406 
VAL CA   C  N S 407 
VAL C    C  N N 408 
VAL O    O  N N 409 
VAL CB   C  N N 410 
VAL CG1  C  N N 411 
VAL CG2  C  N N 412 
VAL OXT  O  N N 413 
VAL H    H  N N 414 
VAL H2   H  N N 415 
VAL HA   H  N N 416 
VAL HB   H  N N 417 
VAL HG11 H  N N 418 
VAL HG12 H  N N 419 
VAL HG13 H  N N 420 
VAL HG21 H  N N 421 
VAL HG22 H  N N 422 
VAL HG23 H  N N 423 
VAL HXT  H  N N 424 
ZN  ZN   ZN N N 425 
# 
loop_
_chem_comp_bond.comp_id 
_chem_comp_bond.atom_id_1 
_chem_comp_bond.atom_id_2 
_chem_comp_bond.value_order 
_chem_comp_bond.pdbx_aromatic_flag 
_chem_comp_bond.pdbx_stereo_config 
_chem_comp_bond.pdbx_ordinal 
5U6 C26 O25  sing N N 1   
5U6 O25 C17  sing N N 2   
5U6 C13 C17  doub Y N 3   
5U6 C13 C21  sing Y N 4   
5U6 C17 C18  sing Y N 5   
5U6 C14 C21  sing N N 6   
5U6 C14 N15  sing N N 7   
5U6 C21 C20  doub Y N 8   
5U6 C16 N15  sing N N 9   
5U6 C18 C10  sing N N 10  
5U6 C18 C19  doub Y N 11  
5U6 N15 C24  sing N N 12  
5U6 C1  C5   doub Y N 13  
5U6 C1  C2   sing Y N 14  
5U6 C10 C5   sing N N 15  
5U6 C10 C9   doub N N 16  
5U6 C20 C19  sing Y N 17  
5U6 C20 O22  sing N N 18  
5U6 C5  C6   sing Y N 19  
5U6 C2  N3   doub Y N 20  
5U6 C9  N8   sing N N 21  
5U6 C6  C4   doub Y N 22  
5U6 C6  C7   sing N N 23  
5U6 N3  C4   sing Y N 24  
5U6 N8  C7   sing N N 25  
5U6 N8  C12  sing N N 26  
5U6 C7  O11  doub N N 27  
5U6 O22 C23  sing N N 28  
5U6 C4  H1   sing N N 29  
5U6 C13 H2   sing N N 30  
5U6 C24 H3   sing N N 31  
5U6 C24 H4   sing N N 32  
5U6 C24 H5   sing N N 33  
5U6 C26 H6   sing N N 34  
5U6 C26 H7   sing N N 35  
5U6 C26 H8   sing N N 36  
5U6 C1  H9   sing N N 37  
5U6 C2  H10  sing N N 38  
5U6 C16 H11  sing N N 39  
5U6 C16 H12  sing N N 40  
5U6 C16 H13  sing N N 41  
5U6 C9  H14  sing N N 42  
5U6 C12 H15  sing N N 43  
5U6 C12 H16  sing N N 44  
5U6 C12 H17  sing N N 45  
5U6 C19 H18  sing N N 46  
5U6 C14 H19  sing N N 47  
5U6 C14 H20  sing N N 48  
5U6 C23 H22  sing N N 49  
5U6 C23 H23  sing N N 50  
5U6 C23 H24  sing N N 51  
ALA N   CA   sing N N 52  
ALA N   H    sing N N 53  
ALA N   H2   sing N N 54  
ALA CA  C    sing N N 55  
ALA CA  CB   sing N N 56  
ALA CA  HA   sing N N 57  
ALA C   O    doub N N 58  
ALA C   OXT  sing N N 59  
ALA CB  HB1  sing N N 60  
ALA CB  HB2  sing N N 61  
ALA CB  HB3  sing N N 62  
ALA OXT HXT  sing N N 63  
ARG N   CA   sing N N 64  
ARG N   H    sing N N 65  
ARG N   H2   sing N N 66  
ARG CA  C    sing N N 67  
ARG CA  CB   sing N N 68  
ARG CA  HA   sing N N 69  
ARG C   O    doub N N 70  
ARG C   OXT  sing N N 71  
ARG CB  CG   sing N N 72  
ARG CB  HB2  sing N N 73  
ARG CB  HB3  sing N N 74  
ARG CG  CD   sing N N 75  
ARG CG  HG2  sing N N 76  
ARG CG  HG3  sing N N 77  
ARG CD  NE   sing N N 78  
ARG CD  HD2  sing N N 79  
ARG CD  HD3  sing N N 80  
ARG NE  CZ   sing N N 81  
ARG NE  HE   sing N N 82  
ARG CZ  NH1  sing N N 83  
ARG CZ  NH2  doub N N 84  
ARG NH1 HH11 sing N N 85  
ARG NH1 HH12 sing N N 86  
ARG NH2 HH21 sing N N 87  
ARG NH2 HH22 sing N N 88  
ARG OXT HXT  sing N N 89  
ASN N   CA   sing N N 90  
ASN N   H    sing N N 91  
ASN N   H2   sing N N 92  
ASN CA  C    sing N N 93  
ASN CA  CB   sing N N 94  
ASN CA  HA   sing N N 95  
ASN C   O    doub N N 96  
ASN C   OXT  sing N N 97  
ASN CB  CG   sing N N 98  
ASN CB  HB2  sing N N 99  
ASN CB  HB3  sing N N 100 
ASN CG  OD1  doub N N 101 
ASN CG  ND2  sing N N 102 
ASN ND2 HD21 sing N N 103 
ASN ND2 HD22 sing N N 104 
ASN OXT HXT  sing N N 105 
ASP N   CA   sing N N 106 
ASP N   H    sing N N 107 
ASP N   H2   sing N N 108 
ASP CA  C    sing N N 109 
ASP CA  CB   sing N N 110 
ASP CA  HA   sing N N 111 
ASP C   O    doub N N 112 
ASP C   OXT  sing N N 113 
ASP CB  CG   sing N N 114 
ASP CB  HB2  sing N N 115 
ASP CB  HB3  sing N N 116 
ASP CG  OD1  doub N N 117 
ASP CG  OD2  sing N N 118 
ASP OD2 HD2  sing N N 119 
ASP OXT HXT  sing N N 120 
CYS N   CA   sing N N 121 
CYS N   H    sing N N 122 
CYS N   H2   sing N N 123 
CYS CA  C    sing N N 124 
CYS CA  CB   sing N N 125 
CYS CA  HA   sing N N 126 
CYS C   O    doub N N 127 
CYS C   OXT  sing N N 128 
CYS CB  SG   sing N N 129 
CYS CB  HB2  sing N N 130 
CYS CB  HB3  sing N N 131 
CYS SG  HG   sing N N 132 
CYS OXT HXT  sing N N 133 
EDO C1  O1   sing N N 134 
EDO C1  C2   sing N N 135 
EDO C1  H11  sing N N 136 
EDO C1  H12  sing N N 137 
EDO O1  HO1  sing N N 138 
EDO C2  O2   sing N N 139 
EDO C2  H21  sing N N 140 
EDO C2  H22  sing N N 141 
EDO O2  HO2  sing N N 142 
GLN N   CA   sing N N 143 
GLN N   H    sing N N 144 
GLN N   H2   sing N N 145 
GLN CA  C    sing N N 146 
GLN CA  CB   sing N N 147 
GLN CA  HA   sing N N 148 
GLN C   O    doub N N 149 
GLN C   OXT  sing N N 150 
GLN CB  CG   sing N N 151 
GLN CB  HB2  sing N N 152 
GLN CB  HB3  sing N N 153 
GLN CG  CD   sing N N 154 
GLN CG  HG2  sing N N 155 
GLN CG  HG3  sing N N 156 
GLN CD  OE1  doub N N 157 
GLN CD  NE2  sing N N 158 
GLN NE2 HE21 sing N N 159 
GLN NE2 HE22 sing N N 160 
GLN OXT HXT  sing N N 161 
GLU N   CA   sing N N 162 
GLU N   H    sing N N 163 
GLU N   H2   sing N N 164 
GLU CA  C    sing N N 165 
GLU CA  CB   sing N N 166 
GLU CA  HA   sing N N 167 
GLU C   O    doub N N 168 
GLU C   OXT  sing N N 169 
GLU CB  CG   sing N N 170 
GLU CB  HB2  sing N N 171 
GLU CB  HB3  sing N N 172 
GLU CG  CD   sing N N 173 
GLU CG  HG2  sing N N 174 
GLU CG  HG3  sing N N 175 
GLU CD  OE1  doub N N 176 
GLU CD  OE2  sing N N 177 
GLU OE2 HE2  sing N N 178 
GLU OXT HXT  sing N N 179 
GLY N   CA   sing N N 180 
GLY N   H    sing N N 181 
GLY N   H2   sing N N 182 
GLY CA  C    sing N N 183 
GLY CA  HA2  sing N N 184 
GLY CA  HA3  sing N N 185 
GLY C   O    doub N N 186 
GLY C   OXT  sing N N 187 
GLY OXT HXT  sing N N 188 
HIS N   CA   sing N N 189 
HIS N   H    sing N N 190 
HIS N   H2   sing N N 191 
HIS CA  C    sing N N 192 
HIS CA  CB   sing N N 193 
HIS CA  HA   sing N N 194 
HIS C   O    doub N N 195 
HIS C   OXT  sing N N 196 
HIS CB  CG   sing N N 197 
HIS CB  HB2  sing N N 198 
HIS CB  HB3  sing N N 199 
HIS CG  ND1  sing Y N 200 
HIS CG  CD2  doub Y N 201 
HIS ND1 CE1  doub Y N 202 
HIS ND1 HD1  sing N N 203 
HIS CD2 NE2  sing Y N 204 
HIS CD2 HD2  sing N N 205 
HIS CE1 NE2  sing Y N 206 
HIS CE1 HE1  sing N N 207 
HIS NE2 HE2  sing N N 208 
HIS OXT HXT  sing N N 209 
HOH O   H1   sing N N 210 
HOH O   H2   sing N N 211 
ILE N   CA   sing N N 212 
ILE N   H    sing N N 213 
ILE N   H2   sing N N 214 
ILE CA  C    sing N N 215 
ILE CA  CB   sing N N 216 
ILE CA  HA   sing N N 217 
ILE C   O    doub N N 218 
ILE C   OXT  sing N N 219 
ILE CB  CG1  sing N N 220 
ILE CB  CG2  sing N N 221 
ILE CB  HB   sing N N 222 
ILE CG1 CD1  sing N N 223 
ILE CG1 HG12 sing N N 224 
ILE CG1 HG13 sing N N 225 
ILE CG2 HG21 sing N N 226 
ILE CG2 HG22 sing N N 227 
ILE CG2 HG23 sing N N 228 
ILE CD1 HD11 sing N N 229 
ILE CD1 HD12 sing N N 230 
ILE CD1 HD13 sing N N 231 
ILE OXT HXT  sing N N 232 
LEU N   CA   sing N N 233 
LEU N   H    sing N N 234 
LEU N   H2   sing N N 235 
LEU CA  C    sing N N 236 
LEU CA  CB   sing N N 237 
LEU CA  HA   sing N N 238 
LEU C   O    doub N N 239 
LEU C   OXT  sing N N 240 
LEU CB  CG   sing N N 241 
LEU CB  HB2  sing N N 242 
LEU CB  HB3  sing N N 243 
LEU CG  CD1  sing N N 244 
LEU CG  CD2  sing N N 245 
LEU CG  HG   sing N N 246 
LEU CD1 HD11 sing N N 247 
LEU CD1 HD12 sing N N 248 
LEU CD1 HD13 sing N N 249 
LEU CD2 HD21 sing N N 250 
LEU CD2 HD22 sing N N 251 
LEU CD2 HD23 sing N N 252 
LEU OXT HXT  sing N N 253 
LYS N   CA   sing N N 254 
LYS N   H    sing N N 255 
LYS N   H2   sing N N 256 
LYS CA  C    sing N N 257 
LYS CA  CB   sing N N 258 
LYS CA  HA   sing N N 259 
LYS C   O    doub N N 260 
LYS C   OXT  sing N N 261 
LYS CB  CG   sing N N 262 
LYS CB  HB2  sing N N 263 
LYS CB  HB3  sing N N 264 
LYS CG  CD   sing N N 265 
LYS CG  HG2  sing N N 266 
LYS CG  HG3  sing N N 267 
LYS CD  CE   sing N N 268 
LYS CD  HD2  sing N N 269 
LYS CD  HD3  sing N N 270 
LYS CE  NZ   sing N N 271 
LYS CE  HE2  sing N N 272 
LYS CE  HE3  sing N N 273 
LYS NZ  HZ1  sing N N 274 
LYS NZ  HZ2  sing N N 275 
LYS NZ  HZ3  sing N N 276 
LYS OXT HXT  sing N N 277 
MET N   CA   sing N N 278 
MET N   H    sing N N 279 
MET N   H2   sing N N 280 
MET CA  C    sing N N 281 
MET CA  CB   sing N N 282 
MET CA  HA   sing N N 283 
MET C   O    doub N N 284 
MET C   OXT  sing N N 285 
MET CB  CG   sing N N 286 
MET CB  HB2  sing N N 287 
MET CB  HB3  sing N N 288 
MET CG  SD   sing N N 289 
MET CG  HG2  sing N N 290 
MET CG  HG3  sing N N 291 
MET SD  CE   sing N N 292 
MET CE  HE1  sing N N 293 
MET CE  HE2  sing N N 294 
MET CE  HE3  sing N N 295 
MET OXT HXT  sing N N 296 
PHE N   CA   sing N N 297 
PHE N   H    sing N N 298 
PHE N   H2   sing N N 299 
PHE CA  C    sing N N 300 
PHE CA  CB   sing N N 301 
PHE CA  HA   sing N N 302 
PHE C   O    doub N N 303 
PHE C   OXT  sing N N 304 
PHE CB  CG   sing N N 305 
PHE CB  HB2  sing N N 306 
PHE CB  HB3  sing N N 307 
PHE CG  CD1  doub Y N 308 
PHE CG  CD2  sing Y N 309 
PHE CD1 CE1  sing Y N 310 
PHE CD1 HD1  sing N N 311 
PHE CD2 CE2  doub Y N 312 
PHE CD2 HD2  sing N N 313 
PHE CE1 CZ   doub Y N 314 
PHE CE1 HE1  sing N N 315 
PHE CE2 CZ   sing Y N 316 
PHE CE2 HE2  sing N N 317 
PHE CZ  HZ   sing N N 318 
PHE OXT HXT  sing N N 319 
PRO N   CA   sing N N 320 
PRO N   CD   sing N N 321 
PRO N   H    sing N N 322 
PRO CA  C    sing N N 323 
PRO CA  CB   sing N N 324 
PRO CA  HA   sing N N 325 
PRO C   O    doub N N 326 
PRO C   OXT  sing N N 327 
PRO CB  CG   sing N N 328 
PRO CB  HB2  sing N N 329 
PRO CB  HB3  sing N N 330 
PRO CG  CD   sing N N 331 
PRO CG  HG2  sing N N 332 
PRO CG  HG3  sing N N 333 
PRO CD  HD2  sing N N 334 
PRO CD  HD3  sing N N 335 
PRO OXT HXT  sing N N 336 
SER N   CA   sing N N 337 
SER N   H    sing N N 338 
SER N   H2   sing N N 339 
SER CA  C    sing N N 340 
SER CA  CB   sing N N 341 
SER CA  HA   sing N N 342 
SER C   O    doub N N 343 
SER C   OXT  sing N N 344 
SER CB  OG   sing N N 345 
SER CB  HB2  sing N N 346 
SER CB  HB3  sing N N 347 
SER OG  HG   sing N N 348 
SER OXT HXT  sing N N 349 
THR N   CA   sing N N 350 
THR N   H    sing N N 351 
THR N   H2   sing N N 352 
THR CA  C    sing N N 353 
THR CA  CB   sing N N 354 
THR CA  HA   sing N N 355 
THR C   O    doub N N 356 
THR C   OXT  sing N N 357 
THR CB  OG1  sing N N 358 
THR CB  CG2  sing N N 359 
THR CB  HB   sing N N 360 
THR OG1 HG1  sing N N 361 
THR CG2 HG21 sing N N 362 
THR CG2 HG22 sing N N 363 
THR CG2 HG23 sing N N 364 
THR OXT HXT  sing N N 365 
TYR N   CA   sing N N 366 
TYR N   H    sing N N 367 
TYR N   H2   sing N N 368 
TYR CA  C    sing N N 369 
TYR CA  CB   sing N N 370 
TYR CA  HA   sing N N 371 
TYR C   O    doub N N 372 
TYR C   OXT  sing N N 373 
TYR CB  CG   sing N N 374 
TYR CB  HB2  sing N N 375 
TYR CB  HB3  sing N N 376 
TYR CG  CD1  doub Y N 377 
TYR CG  CD2  sing Y N 378 
TYR CD1 CE1  sing Y N 379 
TYR CD1 HD1  sing N N 380 
TYR CD2 CE2  doub Y N 381 
TYR CD2 HD2  sing N N 382 
TYR CE1 CZ   doub Y N 383 
TYR CE1 HE1  sing N N 384 
TYR CE2 CZ   sing Y N 385 
TYR CE2 HE2  sing N N 386 
TYR CZ  OH   sing N N 387 
TYR OH  HH   sing N N 388 
TYR OXT HXT  sing N N 389 
VAL N   CA   sing N N 390 
VAL N   H    sing N N 391 
VAL N   H2   sing N N 392 
VAL CA  C    sing N N 393 
VAL CA  CB   sing N N 394 
VAL CA  HA   sing N N 395 
VAL C   O    doub N N 396 
VAL C   OXT  sing N N 397 
VAL CB  CG1  sing N N 398 
VAL CB  CG2  sing N N 399 
VAL CB  HB   sing N N 400 
VAL CG1 HG11 sing N N 401 
VAL CG1 HG12 sing N N 402 
VAL CG1 HG13 sing N N 403 
VAL CG2 HG21 sing N N 404 
VAL CG2 HG22 sing N N 405 
VAL CG2 HG23 sing N N 406 
VAL OXT HXT  sing N N 407 
# 
_pdbx_initial_refinement_model.accession_code   ? 
_pdbx_initial_refinement_model.id               1 
_pdbx_initial_refinement_model.entity_id_list   ? 
_pdbx_initial_refinement_model.type             other 
_pdbx_initial_refinement_model.source_name      ? 
_pdbx_initial_refinement_model.details          'BRD9 in complex with TB-472' 
# 
_atom_sites.entry_id                    5MQ1 
_atom_sites.fract_transf_matrix[1][1]   -0.01493052 
_atom_sites.fract_transf_matrix[1][2]   0.00077116 
_atom_sites.fract_transf_matrix[1][3]   0.00032708 
_atom_sites.fract_transf_matrix[2][1]   -0.00044549 
_atom_sites.fract_transf_matrix[2][2]   -0.00758452 
_atom_sites.fract_transf_matrix[2][3]   -0.00245375 
_atom_sites.fract_transf_matrix[3][1]   0.00013196 
_atom_sites.fract_transf_matrix[3][2]   -0.00824769 
_atom_sites.fract_transf_matrix[3][3]   0.02546955 
_atom_sites.fract_transf_vector[1]      0.151740 
_atom_sites.fract_transf_vector[2]      1.122695 
_atom_sites.fract_transf_vector[3]      1.177400 
# 
loop_
_atom_type.symbol 
C  
CL 
MG 
N  
O  
S  
ZN 
# 
loop_
_atom_site.group_PDB 
_atom_site.id 
_atom_site.type_symbol 
_atom_site.label_atom_id 
_atom_site.label_alt_id 
_atom_site.label_comp_id 
_atom_site.label_asym_id 
_atom_site.label_entity_id 
_atom_site.label_seq_id 
_atom_site.pdbx_PDB_ins_code 
_atom_site.Cartn_x 
_atom_site.Cartn_y 
_atom_site.Cartn_z 
_atom_site.occupancy 
_atom_site.B_iso_or_equiv 
_atom_site.pdbx_formal_charge 
_atom_site.auth_seq_id 
_atom_site.auth_comp_id 
_atom_site.auth_asym_id 
_atom_site.auth_atom_id 
_atom_site.pdbx_PDB_model_num 
ATOM   1    N  N   . GLU A 1 5   ? -14.236 16.672  11.520  1.00 47.44 ? 132  GLU A N   1 
ATOM   2    C  CA  . GLU A 1 5   ? -13.151 17.685  11.236  1.00 46.49 ? 132  GLU A CA  1 
ATOM   3    C  C   . GLU A 1 5   ? -11.779 17.018  11.070  1.00 44.34 ? 132  GLU A C   1 
ATOM   4    O  O   . GLU A 1 5   ? -11.058 16.806  12.048  1.00 47.77 ? 132  GLU A O   1 
ATOM   5    C  CB  . GLU A 1 5   ? -13.061 18.712  12.366  1.00 46.83 ? 132  GLU A CB  1 
ATOM   6    N  N   . GLN A 1 6   ? -11.414 16.690  9.838   1.00 39.94 ? 133  GLN A N   1 
ATOM   7    C  CA  . GLN A 1 6   ? -10.093 16.089  9.583   1.00 35.12 ? 133  GLN A CA  1 
ATOM   8    C  C   . GLN A 1 6   ? -8.993  17.136  9.334   1.00 29.45 ? 133  GLN A C   1 
ATOM   9    O  O   . GLN A 1 6   ? -9.263  18.258  8.874   1.00 31.58 ? 133  GLN A O   1 
ATOM   10   C  CB  . GLN A 1 6   ? -10.183 15.078  8.443   1.00 35.40 ? 133  GLN A CB  1 
ATOM   11   C  CG  . GLN A 1 6   ? -10.781 13.746  8.922   1.00 36.78 ? 133  GLN A CG  1 
ATOM   12   C  CD  . GLN A 1 6   ? -10.502 12.623  7.960   1.00 36.70 ? 133  GLN A CD  1 
ATOM   13   O  OE1 . GLN A 1 6   ? -10.668 12.794  6.765   1.00 37.45 ? 133  GLN A OE1 1 
ATOM   14   N  NE2 . GLN A 1 6   ? -10.059 11.482  8.472   1.00 37.26 ? 133  GLN A NE2 1 
ATOM   15   N  N   . THR A 1 7   ? -7.761  16.765  9.660   1.00 22.06 ? 134  THR A N   1 
ATOM   16   C  CA  . THR A 1 7   ? -6.612  17.644  9.472   1.00 18.12 ? 134  THR A CA  1 
ATOM   17   C  C   . THR A 1 7   ? -6.220  17.759  7.985   1.00 17.75 ? 134  THR A C   1 
ATOM   18   O  O   . THR A 1 7   ? -6.677  16.957  7.133   1.00 17.05 ? 134  THR A O   1 
ATOM   19   C  CB  . THR A 1 7   ? -5.395  17.165  10.227  1.00 18.36 ? 134  THR A CB  1 
ATOM   20   O  OG1 . THR A 1 7   ? -4.963  15.905  9.629   1.00 15.15 ? 134  THR A OG1 1 
ATOM   21   C  CG2 . THR A 1 7   ? -5.657  17.029  11.772  1.00 19.47 ? 134  THR A CG2 1 
ATOM   22   N  N   . PRO A 1 8   ? -5.400  18.775  7.666   1.00 15.68 ? 135  PRO A N   1 
ATOM   23   C  CA  . PRO A 1 8   ? -4.876  18.804  6.325   1.00 14.67 ? 135  PRO A CA  1 
ATOM   24   C  C   . PRO A 1 8   ? -4.059  17.563  5.917   1.00 13.24 ? 135  PRO A C   1 
ATOM   25   O  O   . PRO A 1 8   ? -4.136  17.151  4.724   1.00 13.64 ? 135  PRO A O   1 
ATOM   26   C  CB  . PRO A 1 8   ? -3.956  20.022  6.340   1.00 15.50 ? 135  PRO A CB  1 
ATOM   27   C  CG  . PRO A 1 8   ? -4.575  20.958  7.360   1.00 16.71 ? 135  PRO A CG  1 
ATOM   28   C  CD  . PRO A 1 8   ? -5.071  20.016  8.437   1.00 16.44 ? 135  PRO A CD  1 
ATOM   29   N  N   . LEU A 1 9   ? -3.309  17.004  6.832   1.00 12.76 ? 136  LEU A N   1 
ATOM   30   C  CA  . LEU A 1 9   ? -2.553  15.754  6.527   1.00 12.80 ? 136  LEU A CA  1 
ATOM   31   C  C   . LEU A 1 9   ? -3.518  14.612  6.204   1.00 14.03 ? 136  LEU A C   1 
ATOM   32   O  O   . LEU A 1 9   ? -3.365  13.883  5.197   1.00 12.67 ? 136  LEU A O   1 
ATOM   33   C  CB  . LEU A 1 9   ? -1.603  15.410  7.656   1.00 13.37 ? 136  LEU A CB  1 
ATOM   34   C  CG  . LEU A 1 9   ? -0.788  14.086  7.502   1.00 14.77 ? 136  LEU A CG  1 
ATOM   35   C  CD1 . LEU A 1 9   ? 0.075   14.148  6.246   1.00 14.24 ? 136  LEU A CD1 1 
ATOM   36   C  CD2 . LEU A 1 9   ? 0.098   13.881  8.725   1.00 16.65 ? 136  LEU A CD2 1 
ATOM   37   N  N   . GLN A 1 10  ? -4.531  14.415  7.047   1.00 14.40 ? 137  GLN A N   1 
ATOM   38   C  CA  . GLN A 1 10  ? -5.553  13.374  6.756   1.00 14.74 ? 137  GLN A CA  1 
ATOM   39   C  C   . GLN A 1 10  ? -6.223  13.542  5.392   1.00 15.61 ? 137  GLN A C   1 
ATOM   40   O  O   . GLN A 1 10  ? -6.397  12.565  4.628   1.00 14.36 ? 137  GLN A O   1 
ATOM   41   C  CB  . GLN A 1 10  ? -6.624  13.267  7.887   1.00 15.78 ? 137  GLN A CB  1 
ATOM   42   C  CG  . GLN A 1 10  ? -6.112  12.730  9.195   1.00 16.36 ? 137  GLN A CG  1 
ATOM   43   C  CD  . GLN A 1 10  ? -7.161  12.846  10.318  1.00 21.17 ? 137  GLN A CD  1 
ATOM   44   O  OE1 . GLN A 1 10  ? -7.646  13.961  10.599  1.00 21.59 ? 137  GLN A OE1 1 
ATOM   45   N  NE2 . GLN A 1 10  ? -7.532  11.718  10.945  1.00 20.30 ? 137  GLN A NE2 1 
ATOM   46   N  N   . GLU A 1 11  ? -6.598  14.769  5.037   1.00 14.68 ? 138  GLU A N   1 
ATOM   47   C  CA  A GLU A 1 11  ? -7.177  15.104  3.749   0.50 16.32 ? 138  GLU A CA  1 
ATOM   48   C  CA  B GLU A 1 11  ? -7.222  15.008  3.748   0.50 16.60 ? 138  GLU A CA  1 
ATOM   49   C  C   . GLU A 1 11  ? -6.243  14.690  2.583   1.00 15.79 ? 138  GLU A C   1 
ATOM   50   O  O   . GLU A 1 11  ? -6.650  14.068  1.573   1.00 15.44 ? 138  GLU A O   1 
ATOM   51   C  CB  A GLU A 1 11  ? -7.433  16.638  3.726   0.50 18.17 ? 138  GLU A CB  1 
ATOM   52   C  CB  B GLU A 1 11  ? -7.825  16.433  3.671   0.50 18.93 ? 138  GLU A CB  1 
ATOM   53   C  CG  A GLU A 1 11  ? -8.233  17.166  2.543   0.50 19.93 ? 138  GLU A CG  1 
ATOM   54   C  CG  B GLU A 1 11  ? -8.974  16.648  4.657   0.50 21.66 ? 138  GLU A CG  1 
ATOM   55   C  CD  A GLU A 1 11  ? -8.146  18.700  2.318   0.50 21.47 ? 138  GLU A CD  1 
ATOM   56   C  CD  B GLU A 1 11  ? -9.686  17.993  4.524   0.50 23.40 ? 138  GLU A CD  1 
ATOM   57   O  OE1 A GLU A 1 11  ? -7.421  19.462  3.035   0.50 20.69 ? 138  GLU A OE1 1 
ATOM   58   O  OE1 B GLU A 1 11  ? -9.069  18.958  4.011   0.50 25.15 ? 138  GLU A OE1 1 
ATOM   59   O  OE2 A GLU A 1 11  ? -8.838  19.140  1.374   0.50 24.06 ? 138  GLU A OE2 1 
ATOM   60   O  OE2 B GLU A 1 11  ? -10.871 18.074  4.962   0.50 26.28 ? 138  GLU A OE2 1 
ATOM   61   N  N   . ALA A 1 12  ? -4.978  15.053  2.733   1.00 14.77 ? 139  ALA A N   1 
ATOM   62   C  CA  . ALA A 1 12  ? -3.950  14.728  1.734   1.00 13.46 ? 139  ALA A CA  1 
ATOM   63   C  C   . ALA A 1 12  ? -3.801  13.192  1.592   1.00 13.06 ? 139  ALA A C   1 
ATOM   64   O  O   . ALA A 1 12  ? -3.638  12.683  0.463   1.00 13.70 ? 139  ALA A O   1 
ATOM   65   C  CB  . ALA A 1 12  ? -2.611  15.332  2.077   1.00 14.27 ? 139  ALA A CB  1 
ATOM   66   N  N   . LEU A 1 13  ? -3.764  12.501  2.719   1.00 12.39 ? 140  LEU A N   1 
ATOM   67   C  CA  . LEU A 1 13  ? -3.604  11.010  2.666   1.00 12.26 ? 140  LEU A CA  1 
ATOM   68   C  C   . LEU A 1 13  ? -4.825  10.364  2.028   1.00 12.99 ? 140  LEU A C   1 
ATOM   69   O  O   . LEU A 1 13  ? -4.678  9.413   1.236   1.00 11.84 ? 140  LEU A O   1 
ATOM   70   C  CB  . LEU A 1 13  ? -3.347  10.450  4.046   1.00 11.74 ? 140  LEU A CB  1 
ATOM   71   C  CG  . LEU A 1 13  ? -2.082  10.960  4.744   1.00 11.55 ? 140  LEU A CG  1 
ATOM   72   C  CD1 . LEU A 1 13  ? -2.028  10.492  6.176   1.00 13.02 ? 140  LEU A CD1 1 
ATOM   73   C  CD2 . LEU A 1 13  ? -0.816  10.509  3.978   1.00 12.94 ? 140  LEU A CD2 1 
ATOM   74   N  N   . ASN A 1 14  ? -6.036  10.865  2.324   1.00 14.09 ? 141  ASN A N   1 
ATOM   75   C  CA  . ASN A 1 14  ? -7.260  10.339  1.671   1.00 15.25 ? 141  ASN A CA  1 
ATOM   76   C  C   . ASN A 1 14  ? -7.225  10.511  0.166   1.00 15.81 ? 141  ASN A C   1 
ATOM   77   O  O   . ASN A 1 14  ? -7.641  9.596   -0.559  1.00 15.98 ? 141  ASN A O   1 
ATOM   78   C  CB  . ASN A 1 14  ? -8.558  11.012  2.224   1.00 16.75 ? 141  ASN A CB  1 
ATOM   79   C  CG  . ASN A 1 14  ? -8.869  10.656  3.649   1.00 19.03 ? 141  ASN A CG  1 
ATOM   80   O  OD1 . ASN A 1 14  ? -8.548  9.576   4.134   1.00 21.11 ? 141  ASN A OD1 1 
ATOM   81   N  ND2 . ASN A 1 14  ? -9.562  11.599  4.346   1.00 21.87 ? 141  ASN A ND2 1 
ATOM   82   N  N   . GLN A 1 15  ? -6.773  11.667  -0.315  1.00 15.68 ? 142  GLN A N   1 
ATOM   83   C  CA  . GLN A 1 15  ? -6.704  11.908  -1.736  1.00 16.41 ? 142  GLN A CA  1 
ATOM   84   C  C   . GLN A 1 15  ? -5.674  10.957  -2.401  1.00 15.19 ? 142  GLN A C   1 
ATOM   85   O  O   . GLN A 1 15  ? -5.953  10.406  -3.483  1.00 15.98 ? 142  GLN A O   1 
ATOM   86   C  CB  . GLN A 1 15  ? -6.353  13.350  -1.992  1.00 18.91 ? 142  GLN A CB  1 
ATOM   87   C  CG  . GLN A 1 15  ? -6.593  13.746  -3.422  1.00 23.42 ? 142  GLN A CG  1 
ATOM   88   N  N   . LEU A 1 16  ? -4.533  10.768  -1.744  1.00 11.88 ? 143  LEU A N   1 
ATOM   89   C  CA  . LEU A 1 16  ? -3.545  9.779   -2.295  1.00 11.75 ? 143  LEU A CA  1 
ATOM   90   C  C   . LEU A 1 16  ? -4.135  8.371   -2.367  1.00 10.66 ? 143  LEU A C   1 
ATOM   91   O  O   . LEU A 1 16  ? -3.951  7.635   -3.398  1.00 10.12 ? 143  LEU A O   1 
ATOM   92   C  CB  . LEU A 1 16  ? -2.210  9.812   -1.545  1.00 11.15 ? 143  LEU A CB  1 
ATOM   93   C  CG  . LEU A 1 16  ? -1.369  11.088  -1.728  1.00 11.56 ? 143  LEU A CG  1 
ATOM   94   C  CD1 . LEU A 1 16  ? -0.330  11.141  -0.636  1.00 11.56 ? 143  LEU A CD1 1 
ATOM   95   C  CD2 . LEU A 1 16  ? -0.779  11.196  -3.131  1.00 12.51 ? 143  LEU A CD2 1 
ATOM   96   N  N   . MET A 1 17  ? -4.834  7.960   -1.316  1.00 10.39 ? 144  MET A N   1 
ATOM   97   C  CA  A MET A 1 17  ? -5.485  6.653   -1.299  0.60 10.86 ? 144  MET A CA  1 
ATOM   98   C  CA  B MET A 1 17  ? -5.493  6.641   -1.284  0.40 11.38 ? 144  MET A CA  1 
ATOM   99   C  C   . MET A 1 17  ? -6.458  6.435   -2.445  1.00 11.39 ? 144  MET A C   1 
ATOM   100  O  O   . MET A 1 17  ? -6.454  5.364   -3.067  1.00 10.82 ? 144  MET A O   1 
ATOM   101  C  CB  A MET A 1 17  ? -6.208  6.476   0.047   0.60 11.00 ? 144  MET A CB  1 
ATOM   102  C  CB  B MET A 1 17  ? -6.233  6.481   0.051   0.40 12.17 ? 144  MET A CB  1 
ATOM   103  C  CG  A MET A 1 17  ? -5.296  6.096   1.222   0.60 11.88 ? 144  MET A CG  1 
ATOM   104  C  CG  B MET A 1 17  ? -6.892  5.146   0.319   0.40 13.36 ? 144  MET A CG  1 
ATOM   105  S  SD  A MET A 1 17  ? -4.481  4.483   1.157   0.60 12.89 ? 144  MET A SD  1 
ATOM   106  S  SD  B MET A 1 17  ? -5.727  3.803   0.683   0.40 15.90 ? 144  MET A SD  1 
ATOM   107  C  CE  A MET A 1 17  ? -5.621  3.748   -0.027  0.60 12.20 ? 144  MET A CE  1 
ATOM   108  C  CE  B MET A 1 17  ? -4.209  4.745   0.919   0.40 15.31 ? 144  MET A CE  1 
ATOM   109  N  N   . ARG A 1 18  ? -7.287  7.433   -2.762  1.00 11.62 ? 145  ARG A N   1 
ATOM   110  C  CA  . ARG A 1 18  ? -8.223  7.291   -3.897  1.00 12.42 ? 145  ARG A CA  1 
ATOM   111  C  C   . ARG A 1 18  ? -7.474  7.007   -5.212  1.00 11.54 ? 145  ARG A C   1 
ATOM   112  O  O   . ARG A 1 18  ? -7.880  6.136   -6.008  1.00 11.13 ? 145  ARG A O   1 
ATOM   113  C  CB  . ARG A 1 18  ? -9.190  8.512   -4.098  1.00 15.00 ? 145  ARG A CB  1 
ATOM   114  C  CG  . ARG A 1 18  ? -10.143 8.796   -2.933  1.00 18.02 ? 145  ARG A CG  1 
ATOM   115  C  CD  . ARG A 1 18  ? -11.076 10.018  -3.190  1.00 20.40 ? 145  ARG A CD  1 
ATOM   116  N  NE  . ARG A 1 18  ? -10.430 11.334  -3.139  1.00 23.99 ? 145  ARG A NE  1 
ATOM   117  C  CZ  . ARG A 1 18  ? -10.321 12.143  -2.060  1.00 25.50 ? 145  ARG A CZ  1 
ATOM   118  N  NH1 . ARG A 1 18  ? -10.728 11.757  -0.834  1.00 27.17 ? 145  ARG A NH1 1 
ATOM   119  N  NH2 . ARG A 1 18  ? -9.746  13.361  -2.213  1.00 25.20 ? 145  ARG A NH2 1 
ATOM   120  N  N   . GLN A 1 19  ? -6.363  7.706   -5.432  1.00 10.07 ? 146  GLN A N   1 
ATOM   121  C  CA  . GLN A 1 19  ? -5.546  7.483   -6.628  1.00 9.79  ? 146  GLN A CA  1 
ATOM   122  C  C   . GLN A 1 19  ? -4.951  6.057   -6.639  1.00 9.24  ? 146  GLN A C   1 
ATOM   123  O  O   . GLN A 1 19  ? -4.960  5.379   -7.664  1.00 9.27  ? 146  GLN A O   1 
ATOM   124  C  CB  . GLN A 1 19  ? -4.403  8.505   -6.749  1.00 11.30 ? 146  GLN A CB  1 
ATOM   125  C  CG  . GLN A 1 19  ? -4.828  9.984   -7.022  1.00 12.59 ? 146  GLN A CG  1 
ATOM   126  C  CD  . GLN A 1 19  ? -3.595  10.871  -7.240  1.00 13.92 ? 146  GLN A CD  1 
ATOM   127  O  OE1 . GLN A 1 19  ? -3.204  11.649  -6.341  1.00 21.03 ? 146  GLN A OE1 1 
ATOM   128  N  NE2 . GLN A 1 19  ? -2.941  10.711  -8.368  1.00 14.19 ? 146  GLN A NE2 1 
ATOM   129  N  N   . LEU A 1 20  ? -4.410  5.633   -5.518  1.00 8.78  ? 147  LEU A N   1 
ATOM   130  C  CA  . LEU A 1 20  ? -3.745  4.309   -5.391  1.00 7.91  ? 147  LEU A CA  1 
ATOM   131  C  C   . LEU A 1 20  ? -4.740  3.159   -5.620  1.00 8.78  ? 147  LEU A C   1 
ATOM   132  O  O   . LEU A 1 20  ? -4.447  2.203   -6.350  1.00 7.92  ? 147  LEU A O   1 
ATOM   133  C  CB  . LEU A 1 20  ? -3.090  4.115   -4.006  1.00 7.63  ? 147  LEU A CB  1 
ATOM   134  C  CG  . LEU A 1 20  ? -1.909  5.034   -3.715  1.00 7.55  ? 147  LEU A CG  1 
ATOM   135  C  CD1 . LEU A 1 20  ? -1.532  4.848   -2.246  1.00 7.94  ? 147  LEU A CD1 1 
ATOM   136  C  CD2 . LEU A 1 20  ? -0.729  4.725   -4.615  1.00 7.73  ? 147  LEU A CD2 1 
ATOM   137  N  N   . GLN A 1 21  ? -5.968  3.293   -5.078  1.00 9.01  ? 148  GLN A N   1 
ATOM   138  C  CA  . GLN A 1 21  ? -6.947  2.200   -5.253  1.00 9.61  ? 148  GLN A CA  1 
ATOM   139  C  C   . GLN A 1 21  ? -7.431  2.100   -6.695  1.00 9.08  ? 148  GLN A C   1 
ATOM   140  O  O   . GLN A 1 21  ? -7.785  0.980   -7.151  1.00 8.96  ? 148  GLN A O   1 
ATOM   141  C  CB  . GLN A 1 21  ? -8.076  2.263   -4.231  1.00 9.92  ? 148  GLN A CB  1 
ATOM   142  C  CG  . GLN A 1 21  ? -7.564  2.074   -2.805  1.00 10.95 ? 148  GLN A CG  1 
ATOM   143  C  CD  . GLN A 1 21  ? -8.616  1.634   -1.814  1.00 11.91 ? 148  GLN A CD  1 
ATOM   144  O  OE1 . GLN A 1 21  ? -9.113  2.480   -1.028  1.00 14.86 ? 148  GLN A OE1 1 
ATOM   145  N  NE2 . GLN A 1 21  ? -8.949  0.322   -1.810  1.00 11.61 ? 148  GLN A NE2 1 
ATOM   146  N  N   . ARG A 1 22  ? -7.459  3.217   -7.443  1.00 10.07 ? 149  ARG A N   1 
ATOM   147  C  CA  . ARG A 1 22  ? -7.813  3.144   -8.880  1.00 11.02 ? 149  ARG A CA  1 
ATOM   148  C  C   . ARG A 1 22  ? -6.821  2.285   -9.678  1.00 10.58 ? 149  ARG A C   1 
ATOM   149  O  O   . ARG A 1 22  ? -7.166  1.734   -10.773 1.00 11.40 ? 149  ARG A O   1 
ATOM   150  C  CB  . ARG A 1 22  ? -7.962  4.523   -9.500  1.00 14.06 ? 149  ARG A CB  1 
ATOM   151  C  CG  . ARG A 1 22  ? -9.239  5.220   -9.030  1.00 17.61 ? 149  ARG A CG  1 
ATOM   152  C  CD  . ARG A 1 22  ? -9.636  6.266   -10.049 1.00 23.04 ? 149  ARG A CD  1 
ATOM   153  N  NE  . ARG A 1 22  ? -8.678  7.328   -10.054 1.00 26.18 ? 149  ARG A NE  1 
ATOM   154  C  CZ  . ARG A 1 22  ? -8.723  8.434   -9.312  1.00 32.51 ? 149  ARG A CZ  1 
ATOM   155  N  NH1 . ARG A 1 22  ? -7.737  9.337   -9.445  1.00 32.98 ? 149  ARG A NH1 1 
ATOM   156  N  NH2 . ARG A 1 22  ? -9.715  8.662   -8.437  1.00 37.29 ? 149  ARG A NH2 1 
ATOM   157  N  N   . LYS A 1 23  ? -5.596  2.131   -9.150  1.00 8.83  ? 150  LYS A N   1 
ATOM   158  C  CA  . LYS A 1 23  ? -4.550  1.296   -9.797  1.00 9.19  ? 150  LYS A CA  1 
ATOM   159  C  C   . LYS A 1 23  ? -4.659  -0.212  -9.416  1.00 8.83  ? 150  LYS A C   1 
ATOM   160  O  O   . LYS A 1 23  ? -3.832  -1.040  -9.902  1.00 8.73  ? 150  LYS A O   1 
ATOM   161  C  CB  . LYS A 1 23  ? -3.125  1.858   -9.460  1.00 9.82  ? 150  LYS A CB  1 
ATOM   162  C  CG  . LYS A 1 23  ? -2.856  3.272   -9.966  1.00 10.69 ? 150  LYS A CG  1 
ATOM   163  C  CD  . LYS A 1 23  ? -3.053  3.411   -11.467 1.00 11.74 ? 150  LYS A CD  1 
ATOM   164  C  CE  . LYS A 1 23  ? -2.594  4.782   -11.996 1.00 14.33 ? 150  LYS A CE  1 
ATOM   165  N  NZ  . LYS A 1 23  ? -2.811  4.920   -13.473 1.00 17.05 ? 150  LYS A NZ  1 
ATOM   166  N  N   . ASP A 1 24  ? -5.692  -0.576  -8.646  1.00 8.59  ? 151  ASP A N   1 
ATOM   167  C  CA  . ASP A 1 24  ? -5.992  -1.954  -8.244  1.00 8.10  ? 151  ASP A CA  1 
ATOM   168  C  C   . ASP A 1 24  ? -7.442  -2.314  -8.689  1.00 8.24  ? 151  ASP A C   1 
ATOM   169  O  O   . ASP A 1 24  ? -8.313  -2.610  -7.851  1.00 7.75  ? 151  ASP A O   1 
ATOM   170  C  CB  . ASP A 1 24  ? -5.843  -2.131  -6.720  1.00 7.88  ? 151  ASP A CB  1 
ATOM   171  C  CG  . ASP A 1 24  ? -6.146  -3.537  -6.214  1.00 7.53  ? 151  ASP A CG  1 
ATOM   172  O  OD1 . ASP A 1 24  ? -5.944  -4.553  -6.972  1.00 8.37  ? 151  ASP A OD1 1 
ATOM   173  O  OD2 . ASP A 1 24  ? -6.534  -3.642  -5.028  1.00 7.51  ? 151  ASP A OD2 1 
ATOM   174  N  N   . PRO A 1 25  ? -7.678  -2.307  -10.033 1.00 8.47  ? 152  PRO A N   1 
ATOM   175  C  CA  . PRO A 1 25  ? -9.060  -2.633  -10.502 1.00 9.02  ? 152  PRO A CA  1 
ATOM   176  C  C   . PRO A 1 25  ? -9.578  -4.058  -10.127 1.00 8.93  ? 152  PRO A C   1 
ATOM   177  O  O   . PRO A 1 25  ? -10.809 -4.273  -10.038 1.00 9.64  ? 152  PRO A O   1 
ATOM   178  C  CB  . PRO A 1 25  ? -8.936  -2.462  -12.037 1.00 9.01  ? 152  PRO A CB  1 
ATOM   179  C  CG  . PRO A 1 25  ? -7.536  -2.605  -12.354 1.00 8.83  ? 152  PRO A CG  1 
ATOM   180  C  CD  . PRO A 1 25  ? -6.786  -2.007  -11.157 1.00 8.82  ? 152  PRO A CD  1 
ATOM   181  N  N   . SER A 1 26  ? -8.649  -5.011  -9.949  1.00 8.14  ? 153  SER A N   1 
ATOM   182  C  CA  . SER A 1 26  ? -9.040  -6.362  -9.512  1.00 7.99  ? 153  SER A CA  1 
ATOM   183  C  C   . SER A 1 26  ? -9.405  -6.482  -8.027  1.00 7.86  ? 153  SER A C   1 
ATOM   184  O  O   . SER A 1 26  ? -9.842  -7.562  -7.585  1.00 8.56  ? 153  SER A O   1 
ATOM   185  C  CB  . SER A 1 26  ? -7.960  -7.385  -9.900  1.00 8.50  ? 153  SER A CB  1 
ATOM   186  O  OG  . SER A 1 26  ? -7.671  -7.381  -11.304 1.00 8.93  ? 153  SER A OG  1 
ATOM   187  N  N   . ALA A 1 27  ? -9.128  -5.434  -7.241  1.00 7.62  ? 154  ALA A N   1 
ATOM   188  C  CA  . ALA A 1 27  ? -9.416  -5.442  -5.807  1.00 8.24  ? 154  ALA A CA  1 
ATOM   189  C  C   . ALA A 1 27  ? -8.665  -6.545  -5.051  1.00 8.02  ? 154  ALA A C   1 
ATOM   190  O  O   . ALA A 1 27  ? -9.149  -7.084  -4.022  1.00 8.67  ? 154  ALA A O   1 
ATOM   191  C  CB  . ALA A 1 27  ? -10.926 -5.532  -5.543  1.00 8.75  ? 154  ALA A CB  1 
ATOM   192  N  N   . PHE A 1 28  ? -7.457  -6.870  -5.515  1.00 7.54  ? 155  PHE A N   1 
ATOM   193  C  CA  . PHE A 1 28  ? -6.653  -7.865  -4.833  1.00 7.22  ? 155  PHE A CA  1 
ATOM   194  C  C   . PHE A 1 28  ? -6.089  -7.324  -3.477  1.00 7.07  ? 155  PHE A C   1 
ATOM   195  O  O   . PHE A 1 28  ? -5.738  -8.105  -2.602  1.00 7.57  ? 155  PHE A O   1 
ATOM   196  C  CB  . PHE A 1 28  ? -5.494  -8.345  -5.690  1.00 7.36  ? 155  PHE A CB  1 
ATOM   197  C  CG  . PHE A 1 28  ? -5.833  -9.164  -6.915  1.00 7.40  ? 155  PHE A CG  1 
ATOM   198  C  CD1 . PHE A 1 28  ? -7.030  -9.873  -7.070  1.00 7.26  ? 155  PHE A CD1 1 
ATOM   199  C  CD2 . PHE A 1 28  ? -4.896  -9.297  -7.926  1.00 7.41  ? 155  PHE A CD2 1 
ATOM   200  C  CE1 . PHE A 1 28  ? -7.271  -10.617 -8.216  1.00 7.42  ? 155  PHE A CE1 1 
ATOM   201  C  CE2 . PHE A 1 28  ? -5.147  -10.038 -9.070  1.00 8.09  ? 155  PHE A CE2 1 
ATOM   202  C  CZ  . PHE A 1 28  ? -6.324  -10.736 -9.190  1.00 7.07  ? 155  PHE A CZ  1 
ATOM   203  N  N   . PHE A 1 29  ? -5.973  -5.997  -3.330  1.00 6.32  ? 156  PHE A N   1 
ATOM   204  C  CA  . PHE A 1 29  ? -5.284  -5.380  -2.184  1.00 6.79  ? 156  PHE A CA  1 
ATOM   205  C  C   . PHE A 1 29  ? -6.277  -4.569  -1.291  1.00 6.90  ? 156  PHE A C   1 
ATOM   206  O  O   . PHE A 1 29  ? -5.850  -3.907  -0.336  1.00 7.18  ? 156  PHE A O   1 
ATOM   207  C  CB  . PHE A 1 29  ? -4.111  -4.511  -2.685  1.00 6.57  ? 156  PHE A CB  1 
ATOM   208  C  CG  . PHE A 1 29  ? -3.103  -5.297  -3.418  1.00 6.38  ? 156  PHE A CG  1 
ATOM   209  C  CD1 . PHE A 1 29  ? -2.119  -5.997  -2.701  1.00 6.63  ? 156  PHE A CD1 1 
ATOM   210  C  CD2 . PHE A 1 29  ? -3.171  -5.443  -4.813  1.00 6.94  ? 156  PHE A CD2 1 
ATOM   211  C  CE1 . PHE A 1 29  ? -1.204  -6.784  -3.356  1.00 6.96  ? 156  PHE A CE1 1 
ATOM   212  C  CE2 . PHE A 1 29  ? -2.213  -6.247  -5.442  1.00 6.75  ? 156  PHE A CE2 1 
ATOM   213  C  CZ  . PHE A 1 29  ? -1.249  -6.899  -4.707  1.00 6.76  ? 156  PHE A CZ  1 
ATOM   214  N  N   . SER A 1 30  ? -7.588  -4.696  -1.536  1.00 7.07  ? 157  SER A N   1 
ATOM   215  C  CA  . SER A 1 30  ? -8.591  -3.934  -0.762  1.00 7.86  ? 157  SER A CA  1 
ATOM   216  C  C   . SER A 1 30  ? -8.717  -4.316  0.702   1.00 7.92  ? 157  SER A C   1 
ATOM   217  O  O   . SER A 1 30  ? -8.933  -3.436  1.558   1.00 8.63  ? 157  SER A O   1 
ATOM   218  C  CB  . SER A 1 30  ? -9.984  -4.052  -1.452  1.00 8.52  ? 157  SER A CB  1 
ATOM   219  O  OG  . SER A 1 30  ? -9.985  -3.558  -2.788  1.00 10.06 ? 157  SER A OG  1 
ATOM   220  N  N   . PHE A 1 31  ? -8.622  -5.620  0.996   1.00 8.01  ? 158  PHE A N   1 
ATOM   221  C  CA  . PHE A 1 31  ? -8.874  -6.188  2.351   1.00 8.30  ? 158  PHE A CA  1 
ATOM   222  C  C   . PHE A 1 31  ? -7.796  -7.197  2.753   1.00 7.99  ? 158  PHE A C   1 
ATOM   223  O  O   . PHE A 1 31  ? -7.023  -7.658  1.891   1.00 7.45  ? 158  PHE A O   1 
ATOM   224  C  CB  . PHE A 1 31  ? -10.294 -6.835  2.386   1.00 9.41  ? 158  PHE A CB  1 
ATOM   225  C  CG  . PHE A 1 31  ? -11.400 -5.826  2.208   1.00 10.24 ? 158  PHE A CG  1 
ATOM   226  C  CD1 . PHE A 1 31  ? -11.753 -4.995  3.271   1.00 11.88 ? 158  PHE A CD1 1 
ATOM   227  C  CD2 . PHE A 1 31  ? -12.060 -5.673  0.992   1.00 11.37 ? 158  PHE A CD2 1 
ATOM   228  C  CE1 . PHE A 1 31  ? -12.773 -4.046  3.118   1.00 12.31 ? 158  PHE A CE1 1 
ATOM   229  C  CE2 . PHE A 1 31  ? -13.065 -4.717  0.841   1.00 12.49 ? 158  PHE A CE2 1 
ATOM   230  C  CZ  . PHE A 1 31  ? -13.370 -3.912  1.895   1.00 12.09 ? 158  PHE A CZ  1 
ATOM   231  N  N   . PRO A 1 32  ? -7.709  -7.546  4.051   1.00 7.78  ? 159  PRO A N   1 
ATOM   232  C  CA  . PRO A 1 32  ? -6.653  -8.485  4.465   1.00 8.16  ? 159  PRO A CA  1 
ATOM   233  C  C   . PRO A 1 32  ? -6.753  -9.859  3.785   1.00 8.04  ? 159  PRO A C   1 
ATOM   234  O  O   . PRO A 1 32  ? -7.878  -10.384 3.536   1.00 8.19  ? 159  PRO A O   1 
ATOM   235  C  CB  . PRO A 1 32  ? -6.878  -8.615  5.977   1.00 8.47  ? 159  PRO A CB  1 
ATOM   236  C  CG  . PRO A 1 32  ? -7.553  -7.352  6.363   1.00 8.48  ? 159  PRO A CG  1 
ATOM   237  C  CD  . PRO A 1 32  ? -8.452  -7.015  5.216   1.00 8.58  ? 159  PRO A CD  1 
ATOM   238  N  N   . VAL A 1 33  ? -5.608  -10.414 3.422   1.00 7.56  ? 160  VAL A N   1 
ATOM   239  C  CA  . VAL A 1 33  ? -5.543  -11.805 2.900   1.00 8.20  ? 160  VAL A CA  1 
ATOM   240  C  C   . VAL A 1 33  ? -5.719  -12.828 4.015   1.00 8.57  ? 160  VAL A C   1 
ATOM   241  O  O   . VAL A 1 33  ? -4.914  -12.885 4.938   1.00 10.47 ? 160  VAL A O   1 
ATOM   242  C  CB  . VAL A 1 33  ? -4.176  -12.082 2.237   1.00 8.14  ? 160  VAL A CB  1 
ATOM   243  C  CG1 . VAL A 1 33  ? -4.127  -13.483 1.643   1.00 8.40  ? 160  VAL A CG1 1 
ATOM   244  C  CG2 . VAL A 1 33  ? -3.864  -11.026 1.133   1.00 8.35  ? 160  VAL A CG2 1 
ATOM   245  N  N   . THR A 1 34  ? -6.764  -13.668 3.915   1.00 8.30  ? 161  THR A N   1 
ATOM   246  C  CA  . THR A 1 34  ? -6.988  -14.728 4.936   1.00 8.05  ? 161  THR A CA  1 
ATOM   247  C  C   . THR A 1 34  ? -6.314  -16.063 4.558   1.00 7.30  ? 161  THR A C   1 
ATOM   248  O  O   . THR A 1 34  ? -5.977  -16.304 3.395   1.00 8.15  ? 161  THR A O   1 
ATOM   249  C  CB  . THR A 1 34  ? -8.526  -14.991 5.114   1.00 8.23  ? 161  THR A CB  1 
ATOM   250  O  OG1 . THR A 1 34  ? -9.003  -15.712 3.971   1.00 9.15  ? 161  THR A OG1 1 
ATOM   251  C  CG2 . THR A 1 34  ? -9.270  -13.654 5.295   1.00 8.68  ? 161  THR A CG2 1 
ATOM   252  N  N   . ASP A 1 35  ? -6.197  -16.989 5.533   1.00 7.70  ? 162  ASP A N   1 
ATOM   253  C  CA  . ASP A 1 35  ? -5.661  -18.337 5.310   1.00 7.83  ? 162  ASP A CA  1 
ATOM   254  C  C   . ASP A 1 35  ? -6.628  -19.193 4.483   1.00 8.00  ? 162  ASP A C   1 
ATOM   255  O  O   . ASP A 1 35  ? -6.216  -20.245 3.999   1.00 7.73  ? 162  ASP A O   1 
ATOM   256  C  CB  . ASP A 1 35  ? -5.245  -19.099 6.626   1.00 9.12  ? 162  ASP A CB  1 
ATOM   257  C  CG  . ASP A 1 35  ? -4.056  -18.380 7.375   1.00 9.39  ? 162  ASP A CG  1 
ATOM   258  O  OD1 . ASP A 1 35  ? -3.464  -17.410 6.765   1.00 8.87  ? 162  ASP A OD1 1 
ATOM   259  O  OD2 . ASP A 1 35  ? -3.681  -18.841 8.448   1.00 10.35 ? 162  ASP A OD2 1 
ATOM   260  N  N   . PHE A 1 36  ? -7.909  -18.773 4.374   1.00 7.81  ? 163  PHE A N   1 
ATOM   261  C  CA  . PHE A 1 36  ? -8.880  -19.487 3.504   1.00 7.97  ? 163  PHE A CA  1 
ATOM   262  C  C   . PHE A 1 36  ? -8.635  -19.132 2.038   1.00 9.07  ? 163  PHE A C   1 
ATOM   263  O  O   . PHE A 1 36  ? -8.599  -20.045 1.203   1.00 10.10 ? 163  PHE A O   1 
ATOM   264  C  CB  . PHE A 1 36  ? -10.327 -19.150 3.990   1.00 7.65  ? 163  PHE A CB  1 
ATOM   265  C  CG  . PHE A 1 36  ? -11.461 -19.829 3.240   1.00 7.84  ? 163  PHE A CG  1 
ATOM   266  C  CD1 . PHE A 1 36  ? -11.382 -21.142 2.833   1.00 8.01  ? 163  PHE A CD1 1 
ATOM   267  C  CD2 . PHE A 1 36  ? -12.636 -19.171 3.056   1.00 8.36  ? 163  PHE A CD2 1 
ATOM   268  C  CE1 . PHE A 1 36  ? -12.465 -21.772 2.171   1.00 8.53  ? 163  PHE A CE1 1 
ATOM   269  C  CE2 . PHE A 1 36  ? -13.727 -19.798 2.439   1.00 8.38  ? 163  PHE A CE2 1 
ATOM   270  C  CZ  . PHE A 1 36  ? -13.608 -21.080 1.983   1.00 8.13  ? 163  PHE A CZ  1 
ATOM   271  N  N   . ILE A 1 37  ? -8.437  -17.848 1.736   1.00 9.34  ? 164  ILE A N   1 
ATOM   272  C  CA  A ILE A 1 37  ? -8.137  -17.559 0.318   0.80 10.97 ? 164  ILE A CA  1 
ATOM   273  C  CA  B ILE A 1 37  ? -8.091  -17.378 0.383   0.20 9.46  ? 164  ILE A CA  1 
ATOM   274  C  C   . ILE A 1 37  ? -6.709  -17.897 -0.090  1.00 9.85  ? 164  ILE A C   1 
ATOM   275  O  O   . ILE A 1 37  ? -6.476  -18.202 -1.281  1.00 10.15 ? 164  ILE A O   1 
ATOM   276  C  CB  A ILE A 1 37  ? -8.500  -16.159 -0.094  0.80 13.06 ? 164  ILE A CB  1 
ATOM   277  C  CB  B ILE A 1 37  ? -8.202  -15.823 0.387   0.20 9.42  ? 164  ILE A CB  1 
ATOM   278  C  CG1 A ILE A 1 37  ? -8.828  -16.125 -1.583  0.80 15.74 ? 164  ILE A CG1 1 
ATOM   279  C  CG1 B ILE A 1 37  ? -9.699  -15.483 0.312   0.20 9.76  ? 164  ILE A CG1 1 
ATOM   280  C  CG2 A ILE A 1 37  ? -7.389  -15.201 0.191   0.80 12.29 ? 164  ILE A CG2 1 
ATOM   281  C  CG2 B ILE A 1 37  ? -7.447  -15.178 -0.755  0.20 9.13  ? 164  ILE A CG2 1 
ATOM   282  C  CD1 A ILE A 1 37  ? -9.507  -14.880 -2.042  0.80 17.38 ? 164  ILE A CD1 1 
ATOM   283  C  CD1 B ILE A 1 37  ? -10.060 -14.040 0.433   0.20 10.02 ? 164  ILE A CD1 1 
ATOM   284  N  N   . ALA A 1 38  ? -5.793  -17.929 0.873   1.00 9.04  ? 165  ALA A N   1 
ATOM   285  C  CA  . ALA A 1 38  ? -4.381  -18.174 0.629   1.00 7.95  ? 165  ALA A CA  1 
ATOM   286  C  C   . ALA A 1 38  ? -3.800  -19.112 1.681   1.00 7.71  ? 165  ALA A C   1 
ATOM   287  O  O   . ALA A 1 38  ? -3.365  -18.672 2.758   1.00 6.85  ? 165  ALA A O   1 
ATOM   288  C  CB  . ALA A 1 38  ? -3.604  -16.814 0.611   1.00 7.54  ? 165  ALA A CB  1 
ATOM   289  N  N   . PRO A 1 39  ? -3.852  -20.440 1.418   1.00 8.13  ? 166  PRO A N   1 
ATOM   290  C  CA  . PRO A 1 39  ? -3.377  -21.386 2.400   1.00 7.99  ? 166  PRO A CA  1 
ATOM   291  C  C   . PRO A 1 39  ? -2.030  -21.065 3.031   1.00 8.48  ? 166  PRO A C   1 
ATOM   292  O  O   . PRO A 1 39  ? -1.063  -20.744 2.304   1.00 9.39  ? 166  PRO A O   1 
ATOM   293  C  CB  . PRO A 1 39  ? -3.319  -22.698 1.603   1.00 8.59  ? 166  PRO A CB  1 
ATOM   294  C  CG  . PRO A 1 39  ? -4.471  -22.598 0.640   1.00 9.10  ? 166  PRO A CG  1 
ATOM   295  C  CD  . PRO A 1 39  ? -4.493  -21.108 0.270   1.00 8.97  ? 166  PRO A CD  1 
ATOM   296  N  N   . GLY A 1 40  ? -1.921  -21.147 4.347   1.00 8.47  ? 167  GLY A N   1 
ATOM   297  C  CA  . GLY A 1 40  ? -0.647  -20.930 5.012   1.00 8.85  ? 167  GLY A CA  1 
ATOM   298  C  C   . GLY A 1 40  ? -0.174  -19.471 5.092   1.00 8.60  ? 167  GLY A C   1 
ATOM   299  O  O   . GLY A 1 40  ? 0.937   -19.251 5.564   1.00 9.24  ? 167  GLY A O   1 
ATOM   300  N  N   . TYR A 1 41  ? -1.002  -18.516 4.677   1.00 8.18  ? 168  TYR A N   1 
ATOM   301  C  CA  . TYR A 1 41  ? -0.513  -17.076 4.588   1.00 8.47  ? 168  TYR A CA  1 
ATOM   302  C  C   . TYR A 1 41  ? 0.071   -16.578 5.891   1.00 9.02  ? 168  TYR A C   1 
ATOM   303  O  O   . TYR A 1 41  ? 1.218   -16.017 5.897   1.00 8.46  ? 168  TYR A O   1 
ATOM   304  C  CB  . TYR A 1 41  ? -1.630  -16.157 4.096   1.00 8.62  ? 168  TYR A CB  1 
ATOM   305  C  CG  . TYR A 1 41  ? -1.149  -14.789 3.638   1.00 7.78  ? 168  TYR A CG  1 
ATOM   306  C  CD1 . TYR A 1 41  ? -0.688  -14.644 2.325   1.00 7.81  ? 168  TYR A CD1 1 
ATOM   307  C  CD2 . TYR A 1 41  ? -1.177  -13.687 4.483   1.00 7.84  ? 168  TYR A CD2 1 
ATOM   308  C  CE1 . TYR A 1 41  ? -0.224  -13.395 1.867   1.00 7.45  ? 168  TYR A CE1 1 
ATOM   309  C  CE2 . TYR A 1 41  ? -0.740  -12.439 4.051   1.00 7.59  ? 168  TYR A CE2 1 
ATOM   310  C  CZ  . TYR A 1 41  ? -0.292  -12.307 2.749   1.00 7.45  ? 168  TYR A CZ  1 
ATOM   311  O  OH  . TYR A 1 41  ? 0.179   -11.037 2.312   1.00 6.95  ? 168  TYR A OH  1 
ATOM   312  N  N   . SER A 1 42  ? -0.643  -16.791 7.011   1.00 8.81  ? 169  SER A N   1 
ATOM   313  C  CA  . SER A 1 42  ? -0.248  -16.259 8.306   1.00 10.04 ? 169  SER A CA  1 
ATOM   314  C  C   . SER A 1 42  ? 1.011   -16.929 8.886   1.00 11.35 ? 169  SER A C   1 
ATOM   315  O  O   . SER A 1 42  ? 1.639   -16.323 9.787   1.00 11.33 ? 169  SER A O   1 
ATOM   316  C  CB  . SER A 1 42  ? -1.407  -16.334 9.307   1.00 10.18 ? 169  SER A CB  1 
ATOM   317  O  OG  . SER A 1 42  ? -1.695  -17.682 9.641   1.00 10.21 ? 169  SER A OG  1 
ATOM   318  N  N   . MET A 1 43  ? 1.367   -18.110 8.386   1.00 12.42 ? 170  MET A N   1 
ATOM   319  C  CA  A MET A 1 43  ? 2.566   -18.899 8.726   0.40 14.02 ? 170  MET A CA  1 
ATOM   320  C  CA  B MET A 1 43  ? 2.565   -18.783 8.839   0.40 13.30 ? 170  MET A CA  1 
ATOM   321  C  CA  C MET A 1 43  ? 2.570   -18.807 8.810   0.20 13.00 ? 170  MET A CA  1 
ATOM   322  C  C   . MET A 1 43  ? 3.801   -18.211 8.111   1.00 13.48 ? 170  MET A C   1 
ATOM   323  O  O   . MET A 1 43  ? 4.922   -18.371 8.581   1.00 15.07 ? 170  MET A O   1 
ATOM   324  C  CB  A MET A 1 43  ? 2.500   -20.366 8.163   0.40 16.23 ? 170  MET A CB  1 
ATOM   325  C  CB  B MET A 1 43  ? 2.429   -20.290 8.654   0.40 14.28 ? 170  MET A CB  1 
ATOM   326  C  CB  C MET A 1 43  ? 2.438   -20.299 8.514   0.20 13.47 ? 170  MET A CB  1 
ATOM   327  C  CG  A MET A 1 43  ? 1.358   -21.298 8.637   0.40 19.32 ? 170  MET A CG  1 
ATOM   328  C  CG  B MET A 1 43  ? 1.198   -20.901 9.359   0.40 15.69 ? 170  MET A CG  1 
ATOM   329  C  CG  C MET A 1 43  ? 1.205   -20.948 9.146   0.20 14.19 ? 170  MET A CG  1 
ATOM   330  S  SD  A MET A 1 43  ? 1.101   -22.920 7.824   0.40 23.50 ? 170  MET A SD  1 
ATOM   331  S  SD  B MET A 1 43  ? 1.102   -20.715 11.143  0.40 18.27 ? 170  MET A SD  1 
ATOM   332  S  SD  C MET A 1 43  ? 1.465   -21.579 10.805  0.20 15.01 ? 170  MET A SD  1 
ATOM   333  C  CE  A MET A 1 43  ? 2.763   -23.586 7.733   0.40 24.22 ? 170  MET A CE  1 
ATOM   334  C  CE  B MET A 1 43  ? 0.010   -19.351 11.340  0.40 17.60 ? 170  MET A CE  1 
ATOM   335  C  CE  C MET A 1 43  ? 1.731   -20.094 11.789  0.20 14.73 ? 170  MET A CE  1 
ATOM   336  N  N   . ILE A 1 44  ? 3.589   -17.508 6.978   1.00 11.02 ? 171  ILE A N   1 
ATOM   337  C  CA  A ILE A 1 44  ? 4.692   -16.928 6.180   0.80 10.68 ? 171  ILE A CA  1 
ATOM   338  C  CA  B ILE A 1 44  ? 4.656   -16.940 6.138   0.20 10.51 ? 171  ILE A CA  1 
ATOM   339  C  C   . ILE A 1 44  ? 4.772   -15.428 6.365   1.00 10.17 ? 171  ILE A C   1 
ATOM   340  O  O   . ILE A 1 44  ? 5.856   -14.913 6.736   1.00 11.11 ? 171  ILE A O   1 
ATOM   341  C  CB  A ILE A 1 44  ? 4.548   -17.312 4.699   0.80 11.14 ? 171  ILE A CB  1 
ATOM   342  C  CB  B ILE A 1 44  ? 4.372   -17.250 4.646   0.20 10.42 ? 171  ILE A CB  1 
ATOM   343  C  CG1 A ILE A 1 44  ? 4.661   -18.871 4.590   0.80 13.01 ? 171  ILE A CG1 1 
ATOM   344  C  CG1 B ILE A 1 44  ? 4.394   -18.769 4.415   0.20 10.68 ? 171  ILE A CG1 1 
ATOM   345  C  CG2 A ILE A 1 44  ? 5.581   -16.601 3.823   0.80 11.88 ? 171  ILE A CG2 1 
ATOM   346  C  CG2 B ILE A 1 44  ? 5.390   -16.594 3.719   0.20 10.56 ? 171  ILE A CG2 1 
ATOM   347  C  CD1 A ILE A 1 44  ? 4.195   -19.399 3.267   0.80 14.02 ? 171  ILE A CD1 1 
ATOM   348  C  CD1 B ILE A 1 44  ? 5.723   -19.388 4.790   0.20 10.70 ? 171  ILE A CD1 1 
ATOM   349  N  N   . ILE A 1 45  ? 3.659   -14.716 6.177   1.00 8.06  ? 172  ILE A N   1 
ATOM   350  C  CA  . ILE A 1 45  ? 3.659   -13.228 6.253   1.00 7.99  ? 172  ILE A CA  1 
ATOM   351  C  C   . ILE A 1 45  ? 3.353   -12.780 7.673   1.00 8.68  ? 172  ILE A C   1 
ATOM   352  O  O   . ILE A 1 45  ? 2.193   -12.922 8.149   1.00 10.33 ? 172  ILE A O   1 
ATOM   353  C  CB  . ILE A 1 45  ? 2.690   -12.619 5.197   1.00 7.47  ? 172  ILE A CB  1 
ATOM   354  C  CG1 . ILE A 1 45  ? 3.135   -13.008 3.768   1.00 7.84  ? 172  ILE A CG1 1 
ATOM   355  C  CG2 . ILE A 1 45  ? 2.540   -11.106 5.331   1.00 7.49  ? 172  ILE A CG2 1 
ATOM   356  C  CD1 . ILE A 1 45  ? 4.566   -12.563 3.384   1.00 7.76  ? 172  ILE A CD1 1 
ATOM   357  N  N   . LYS A 1 46  ? 4.362   -12.253 8.371   1.00 7.70  ? 173  LYS A N   1 
ATOM   358  C  CA  . LYS A 1 46  ? 4.216   -11.894 9.782   1.00 8.50  ? 173  LYS A CA  1 
ATOM   359  C  C   . LYS A 1 46  ? 3.860   -10.432 10.019  1.00 8.06  ? 173  LYS A C   1 
ATOM   360  O  O   . LYS A 1 46  ? 3.491   -10.053 11.159  1.00 10.00 ? 173  LYS A O   1 
ATOM   361  C  CB  . LYS A 1 46  ? 5.499   -12.280 10.584  1.00 10.02 ? 173  LYS A CB  1 
ATOM   362  C  CG  . LYS A 1 46  ? 5.853   -13.759 10.500  1.00 11.53 ? 173  LYS A CG  1 
ATOM   363  C  CD  . LYS A 1 46  ? 4.727   -14.651 11.023  1.00 14.57 ? 173  LYS A CD  1 
ATOM   364  C  CE  . LYS A 1 46  ? 5.038   -16.145 11.024  1.00 18.59 ? 173  LYS A CE  1 
ATOM   365  N  NZ  . LYS A 1 46  ? 3.976   -16.899 11.749  1.00 21.55 ? 173  LYS A NZ  1 
ATOM   366  N  N   . HIS A 1 47  ? 3.927   -9.592  8.977   1.00 7.79  ? 174  HIS A N   1 
ATOM   367  C  CA  . HIS A 1 47  ? 3.639   -8.176  9.078   1.00 7.59  ? 174  HIS A CA  1 
ATOM   368  C  C   . HIS A 1 47  ? 2.677   -7.789  7.918   1.00 7.55  ? 174  HIS A C   1 
ATOM   369  O  O   . HIS A 1 47  ? 3.084   -7.130  6.953   1.00 7.17  ? 174  HIS A O   1 
ATOM   370  C  CB  . HIS A 1 47  ? 4.934   -7.344  9.036   1.00 7.84  ? 174  HIS A CB  1 
ATOM   371  C  CG  . HIS A 1 47  ? 5.993   -7.865  9.981   1.00 8.29  ? 174  HIS A CG  1 
ATOM   372  N  ND1 . HIS A 1 47  ? 5.869   -7.732  11.347  1.00 10.60 ? 174  HIS A ND1 1 
ATOM   373  C  CD2 . HIS A 1 47  ? 7.135   -8.570  9.767   1.00 8.78  ? 174  HIS A CD2 1 
ATOM   374  C  CE1 . HIS A 1 47  ? 6.867   -8.392  11.933  1.00 10.83 ? 174  HIS A CE1 1 
ATOM   375  N  NE2 . HIS A 1 47  ? 7.674   -8.871  10.995  1.00 9.52  ? 174  HIS A NE2 1 
ATOM   376  N  N   . PRO A 1 48  ? 1.449   -8.287  7.930   1.00 7.41  ? 175  PRO A N   1 
ATOM   377  C  CA  . PRO A 1 48  ? 0.505   -8.078  6.856   1.00 7.62  ? 175  PRO A CA  1 
ATOM   378  C  C   . PRO A 1 48  ? 0.084   -6.597  6.681   1.00 7.70  ? 175  PRO A C   1 
ATOM   379  O  O   . PRO A 1 48  ? 0.116   -5.779  7.654   1.00 8.73  ? 175  PRO A O   1 
ATOM   380  C  CB  . PRO A 1 48  ? -0.688  -8.932  7.271   1.00 7.82  ? 175  PRO A CB  1 
ATOM   381  C  CG  . PRO A 1 48  ? -0.613  -8.986  8.771   1.00 8.35  ? 175  PRO A CG  1 
ATOM   382  C  CD  . PRO A 1 48  ? 0.872   -9.079  9.041   1.00 7.93  ? 175  PRO A CD  1 
ATOM   383  N  N   . MET A 1 49  ? -0.321  -6.230  5.456   1.00 7.13  ? 176  MET A N   1 
ATOM   384  C  CA  . MET A 1 49  ? -0.824  -4.902  5.189   1.00 7.69  ? 176  MET A CA  1 
ATOM   385  C  C   . MET A 1 49  ? -1.806  -4.937  4.007   1.00 7.31  ? 176  MET A C   1 
ATOM   386  O  O   . MET A 1 49  ? -1.669  -5.817  3.134   1.00 7.48  ? 176  MET A O   1 
ATOM   387  C  CB  . MET A 1 49  ? 0.323   -3.896  4.937   1.00 7.51  ? 176  MET A CB  1 
ATOM   388  C  CG  . MET A 1 49  ? -0.082  -2.398  4.794   1.00 8.03  ? 176  MET A CG  1 
ATOM   389  S  SD  . MET A 1 49  ? -0.979  -1.722  6.207   1.00 8.87  ? 176  MET A SD  1 
ATOM   390  C  CE  . MET A 1 49  ? 0.137   -2.098  7.562   1.00 9.26  ? 176  MET A CE  1 
ATOM   391  N  N   . ASP A 1 50  ? -2.788  -4.032  4.005   1.00 7.44  ? 177  ASP A N   1 
ATOM   392  C  CA  . ASP A 1 50  ? -3.791  -3.927  2.910   1.00 7.72  ? 177  ASP A CA  1 
ATOM   393  C  C   . ASP A 1 50  ? -4.394  -2.517  2.934   1.00 7.55  ? 177  ASP A C   1 
ATOM   394  O  O   . ASP A 1 50  ? -4.217  -1.773  3.945   1.00 7.06  ? 177  ASP A O   1 
ATOM   395  C  CB  . ASP A 1 50  ? -4.886  -4.981  3.088   1.00 8.13  ? 177  ASP A CB  1 
ATOM   396  C  CG  . ASP A 1 50  ? -5.728  -4.689  4.279   1.00 9.49  ? 177  ASP A CG  1 
ATOM   397  O  OD1 . ASP A 1 50  ? -5.258  -4.958  5.395   1.00 9.71  ? 177  ASP A OD1 1 
ATOM   398  O  OD2 . ASP A 1 50  ? -6.845  -4.117  4.093   1.00 10.09 ? 177  ASP A OD2 1 
ATOM   399  N  N   . PHE A 1 51  ? -5.132  -2.146  1.900   1.00 6.97  ? 178  PHE A N   1 
ATOM   400  C  CA  . PHE A 1 51  ? -5.647  -0.786  1.788   1.00 7.78  ? 178  PHE A CA  1 
ATOM   401  C  C   . PHE A 1 51  ? -6.670  -0.473  2.879   1.00 7.47  ? 178  PHE A C   1 
ATOM   402  O  O   . PHE A 1 51  ? -6.675  0.648   3.388   1.00 8.10  ? 178  PHE A O   1 
ATOM   403  C  CB  . PHE A 1 51  ? -6.297  -0.511  0.438   1.00 7.58  ? 178  PHE A CB  1 
ATOM   404  C  CG  . PHE A 1 51  ? -5.355  -0.263  -0.754  1.00 7.51  ? 178  PHE A CG  1 
ATOM   405  C  CD1 . PHE A 1 51  ? -4.343  0.669   -0.706  1.00 7.81  ? 178  PHE A CD1 1 
ATOM   406  C  CD2 . PHE A 1 51  ? -5.566  -0.932  -1.971  1.00 8.11  ? 178  PHE A CD2 1 
ATOM   407  C  CE1 . PHE A 1 51  ? -3.599  0.976   -1.840  1.00 8.38  ? 178  PHE A CE1 1 
ATOM   408  C  CE2 . PHE A 1 51  ? -4.778  -0.663  -3.114  1.00 8.02  ? 178  PHE A CE2 1 
ATOM   409  C  CZ  . PHE A 1 51  ? -3.825  0.323   -3.046  1.00 8.41  ? 178  PHE A CZ  1 
ATOM   410  N  N   . SER A 1 52  ? -7.515  -1.428  3.318   1.00 8.12  ? 179  SER A N   1 
ATOM   411  C  CA  A SER A 1 52  ? -8.519  -1.128  4.377   0.50 8.25  ? 179  SER A CA  1 
ATOM   412  C  CA  B SER A 1 52  ? -8.514  -1.141  4.384   0.50 8.64  ? 179  SER A CA  1 
ATOM   413  C  C   . SER A 1 52  ? -7.832  -0.794  5.714   1.00 8.81  ? 179  SER A C   1 
ATOM   414  O  O   . SER A 1 52  ? -8.265  0.106   6.429   1.00 9.82  ? 179  SER A O   1 
ATOM   415  C  CB  A SER A 1 52  ? -9.582  -2.244  4.507   0.50 8.49  ? 179  SER A CB  1 
ATOM   416  C  CB  B SER A 1 52  ? -9.490  -2.312  4.561   0.50 9.36  ? 179  SER A CB  1 
ATOM   417  O  OG  A SER A 1 52  ? -9.156  -3.369  5.269   0.50 8.29  ? 179  SER A OG  1 
ATOM   418  O  OG  B SER A 1 52  ? -10.480 -2.004  5.531   0.50 10.38 ? 179  SER A OG  1 
ATOM   419  N  N   . THR A 1 53  ? -6.731  -1.472  6.021   1.00 8.55  ? 180  THR A N   1 
ATOM   420  C  CA  . THR A 1 53  ? -5.959  -1.226  7.228   1.00 8.92  ? 180  THR A CA  1 
ATOM   421  C  C   . THR A 1 53  ? -5.349  0.159   7.155   1.00 8.91  ? 180  THR A C   1 
ATOM   422  O  O   . THR A 1 53  ? -5.378  0.932   8.148   1.00 9.02  ? 180  THR A O   1 
ATOM   423  C  CB  . THR A 1 53  ? -4.909  -2.341  7.451   1.00 9.34  ? 180  THR A CB  1 
ATOM   424  O  OG1 . THR A 1 53  ? -5.608  -3.602  7.604   1.00 10.65 ? 180  THR A OG1 1 
ATOM   425  C  CG2 . THR A 1 53  ? -3.983  -2.061  8.623   1.00 10.21 ? 180  THR A CG2 1 
ATOM   426  N  N   . MET A 1 54  ? -4.804  0.524   5.993   1.00 9.34  ? 181  MET A N   1 
ATOM   427  C  CA  . MET A 1 54  ? -4.260  1.869   5.759   1.00 10.03 ? 181  MET A CA  1 
ATOM   428  C  C   . MET A 1 54  ? -5.336  2.952   5.951   1.00 9.62  ? 181  MET A C   1 
ATOM   429  O  O   . MET A 1 54  ? -5.094  3.965   6.603   1.00 9.21  ? 181  MET A O   1 
ATOM   430  C  CB  . MET A 1 54  ? -3.628  1.972   4.369   1.00 10.14 ? 181  MET A CB  1 
ATOM   431  C  CG  . MET A 1 54  ? -2.368  1.121   4.228   1.00 10.76 ? 181  MET A CG  1 
ATOM   432  S  SD  . MET A 1 54  ? -1.764  0.889   2.515   1.00 12.35 ? 181  MET A SD  1 
ATOM   433  C  CE  . MET A 1 54  ? -1.241  2.451   2.116   1.00 12.83 ? 181  MET A CE  1 
ATOM   434  N  N   . LYS A 1 55  ? -6.526  2.729   5.409   1.00 9.47  ? 182  LYS A N   1 
ATOM   435  C  CA  . LYS A 1 55  ? -7.634  3.722   5.616   1.00 10.94 ? 182  LYS A CA  1 
ATOM   436  C  C   . LYS A 1 55  ? -8.018  3.856   7.113   1.00 11.48 ? 182  LYS A C   1 
ATOM   437  O  O   . LYS A 1 55  ? -8.282  4.987   7.544   1.00 11.66 ? 182  LYS A O   1 
ATOM   438  C  CB  . LYS A 1 55  ? -8.834  3.364   4.700   1.00 13.21 ? 182  LYS A CB  1 
ATOM   439  C  CG  . LYS A 1 55  ? -8.562  3.658   3.271   1.00 16.09 ? 182  LYS A CG  1 
ATOM   440  C  CD  . LYS A 1 55  ? -9.774  3.556   2.309   1.00 18.12 ? 182  LYS A CD  1 
ATOM   441  C  CE  . LYS A 1 55  ? -10.114 2.138   1.983   1.00 19.65 ? 182  LYS A CE  1 
ATOM   442  N  NZ  . LYS A 1 55  ? -11.227 2.139   0.979   1.00 20.18 ? 182  LYS A NZ  1 
ATOM   443  N  N   . GLU A 1 56  ? -8.048  2.774   7.870   1.00 11.45 ? 183  GLU A N   1 
ATOM   444  C  CA  A GLU A 1 56  ? -8.335  2.821   9.302   0.70 12.92 ? 183  GLU A CA  1 
ATOM   445  C  CA  B GLU A 1 56  ? -8.337  2.813   9.313   0.30 12.77 ? 183  GLU A CA  1 
ATOM   446  C  C   . GLU A 1 56  ? -7.244  3.591   10.042  1.00 12.70 ? 183  GLU A C   1 
ATOM   447  O  O   . GLU A 1 56  ? -7.539  4.387   10.939  1.00 12.48 ? 183  GLU A O   1 
ATOM   448  C  CB  A GLU A 1 56  ? -8.553  1.397   9.850   0.70 15.32 ? 183  GLU A CB  1 
ATOM   449  C  CB  B GLU A 1 56  ? -8.533  1.392   9.906   0.30 14.37 ? 183  GLU A CB  1 
ATOM   450  C  CG  A GLU A 1 56  ? -8.934  1.315   11.327  0.70 17.97 ? 183  GLU A CG  1 
ATOM   451  C  CG  B GLU A 1 56  ? -8.933  1.363   11.392  0.30 16.03 ? 183  GLU A CG  1 
ATOM   452  C  CD  A GLU A 1 56  ? -10.371 1.736   11.652  0.70 20.30 ? 183  GLU A CD  1 
ATOM   453  C  CD  B GLU A 1 56  ? -9.470  0.013   11.877  0.30 17.61 ? 183  GLU A CD  1 
ATOM   454  O  OE1 A GLU A 1 56  ? -11.225 2.069   10.788  0.70 21.11 ? 183  GLU A OE1 1 
ATOM   455  O  OE1 B GLU A 1 56  ? -8.849  -0.573  12.780  0.30 19.69 ? 183  GLU A OE1 1 
ATOM   456  O  OE2 A GLU A 1 56  ? -10.634 1.686   12.877  0.70 24.05 ? 183  GLU A OE2 1 
ATOM   457  O  OE2 B GLU A 1 56  ? -10.504 -0.476  11.365  0.30 20.15 ? 183  GLU A OE2 1 
ATOM   458  N  N   . LYS A 1 57  ? -5.974  3.403   9.646   1.00 11.76 ? 184  LYS A N   1 
ATOM   459  C  CA  . LYS A 1 57  ? -4.854  4.202   10.215  1.00 11.36 ? 184  LYS A CA  1 
ATOM   460  C  C   . LYS A 1 57  ? -5.017  5.696   9.957   1.00 11.39 ? 184  LYS A C   1 
ATOM   461  O  O   . LYS A 1 57  ? -4.758  6.528   10.881  1.00 11.53 ? 184  LYS A O   1 
ATOM   462  C  CB  . LYS A 1 57  ? -3.493  3.714   9.682   1.00 11.20 ? 184  LYS A CB  1 
ATOM   463  C  CG  . LYS A 1 57  ? -3.068  2.401   10.271  1.00 11.78 ? 184  LYS A CG  1 
ATOM   464  C  CD  . LYS A 1 57  ? -1.662  1.985   9.831   1.00 12.13 ? 184  LYS A CD  1 
ATOM   465  C  CE  . LYS A 1 57  ? -0.571  2.927   10.316  1.00 13.56 ? 184  LYS A CE  1 
ATOM   466  N  NZ  . LYS A 1 57  ? 0.800   2.326   10.074  1.00 14.99 ? 184  LYS A NZ  1 
ATOM   467  N  N   . ILE A 1 58  ? -5.429  6.078   8.751   1.00 11.08 ? 185  ILE A N   1 
ATOM   468  C  CA  . ILE A 1 58  ? -5.694  7.482   8.450   1.00 12.19 ? 185  ILE A CA  1 
ATOM   469  C  C   . ILE A 1 58  ? -6.763  8.048   9.402   1.00 15.48 ? 185  ILE A C   1 
ATOM   470  O  O   . ILE A 1 58  ? -6.493  9.059   10.100  1.00 15.10 ? 185  ILE A O   1 
ATOM   471  C  CB  . ILE A 1 58  ? -6.081  7.768   6.986   1.00 11.59 ? 185  ILE A CB  1 
ATOM   472  C  CG1 . ILE A 1 58  ? -4.945  7.422   6.002   1.00 11.13 ? 185  ILE A CG1 1 
ATOM   473  C  CG2 . ILE A 1 58  ? -6.426  9.265   6.823   1.00 12.62 ? 185  ILE A CG2 1 
ATOM   474  C  CD1 . ILE A 1 58  ? -5.349  7.338   4.543   1.00 11.56 ? 185  ILE A CD1 1 
ATOM   475  N  N   . LYS A 1 59  ? -7.896  7.355   9.469   1.00 15.63 ? 186  LYS A N   1 
ATOM   476  C  CA  . LYS A 1 59  ? -9.060  7.768   10.318  1.00 19.08 ? 186  LYS A CA  1 
ATOM   477  C  C   . LYS A 1 59  ? -8.642  7.868   11.775  1.00 18.40 ? 186  LYS A C   1 
ATOM   478  O  O   . LYS A 1 59  ? -9.099  8.812   12.459  1.00 20.66 ? 186  LYS A O   1 
ATOM   479  C  CB  . LYS A 1 59  ? -10.220 6.778   10.109  1.00 19.44 ? 186  LYS A CB  1 
ATOM   480  C  CG  . LYS A 1 59  ? -11.545 7.035   10.848  1.00 24.45 ? 186  LYS A CG  1 
ATOM   481  C  CD  . LYS A 1 59  ? -12.524 5.894   10.510  1.00 28.00 ? 186  LYS A CD  1 
ATOM   482  C  CE  . LYS A 1 59  ? -13.987 6.241   10.775  1.00 35.50 ? 186  LYS A CE  1 
ATOM   483  N  NZ  . LYS A 1 59  ? -14.265 6.304   12.238  1.00 40.52 ? 186  LYS A NZ  1 
ATOM   484  N  N   . ASN A 1 60  ? -7.800  6.960   12.282  1.00 17.76 ? 187  ASN A N   1 
ATOM   485  C  CA  . ASN A 1 60  ? -7.333  6.967   13.678  1.00 19.00 ? 187  ASN A CA  1 
ATOM   486  C  C   . ASN A 1 60  ? -6.134  7.896   14.039  1.00 19.81 ? 187  ASN A C   1 
ATOM   487  O  O   . ASN A 1 60  ? -5.575  7.790   15.164  1.00 21.65 ? 187  ASN A O   1 
ATOM   488  C  CB  . ASN A 1 60  ? -7.062  5.563   14.152  1.00 19.03 ? 187  ASN A CB  1 
ATOM   489  C  CG  . ASN A 1 60  ? -8.333  4.695   14.211  1.00 20.50 ? 187  ASN A CG  1 
ATOM   490  O  OD1 . ASN A 1 60  ? -9.468  5.188   14.257  1.00 22.92 ? 187  ASN A OD1 1 
ATOM   491  N  ND2 . ASN A 1 60  ? -8.130  3.382   14.195  1.00 21.31 ? 187  ASN A ND2 1 
ATOM   492  N  N   . ASN A 1 61  ? -5.710  8.715   13.072  1.00 19.99 ? 188  ASN A N   1 
ATOM   493  C  CA  A ASN A 1 61  ? -4.571  9.643   13.208  0.50 19.92 ? 188  ASN A CA  1 
ATOM   494  C  CA  B ASN A 1 61  ? -4.532  9.629   13.293  0.50 19.94 ? 188  ASN A CA  1 
ATOM   495  C  C   . ASN A 1 61  ? -3.244  8.904   13.567  1.00 19.76 ? 188  ASN A C   1 
ATOM   496  O  O   . ASN A 1 61  ? -2.378  9.377   14.349  1.00 22.29 ? 188  ASN A O   1 
ATOM   497  C  CB  A ASN A 1 61  ? -4.977  10.846  14.127  0.50 21.33 ? 188  ASN A CB  1 
ATOM   498  C  CB  B ASN A 1 61  ? -4.744  10.652  14.450  0.50 21.59 ? 188  ASN A CB  1 
ATOM   499  C  CG  A ASN A 1 61  ? -4.953  12.199  13.406  0.50 20.31 ? 188  ASN A CG  1 
ATOM   500  C  CG  B ASN A 1 61  ? -3.820  11.875  14.326  0.50 20.88 ? 188  ASN A CG  1 
ATOM   501  O  OD1 A ASN A 1 61  ? -4.556  12.320  12.231  0.50 19.86 ? 188  ASN A OD1 1 
ATOM   502  O  OD1 B ASN A 1 61  ? -3.494  12.302  13.219  0.50 21.37 ? 188  ASN A OD1 1 
ATOM   503  N  ND2 A ASN A 1 61  ? -5.314  13.248  14.140  0.50 20.81 ? 188  ASN A ND2 1 
ATOM   504  N  ND2 B ASN A 1 61  ? -3.385  12.422  15.453  0.50 21.27 ? 188  ASN A ND2 1 
ATOM   505  N  N   . ASP A 1 62  ? -3.041  7.728   12.946  1.00 16.46 ? 189  ASP A N   1 
ATOM   506  C  CA  A ASP A 1 62  ? -1.878  6.873   13.180  0.40 15.42 ? 189  ASP A CA  1 
ATOM   507  C  CA  B ASP A 1 62  ? -1.887  6.888   13.165  0.30 15.97 ? 189  ASP A CA  1 
ATOM   508  C  CA  C ASP A 1 62  ? -1.842  6.946   13.203  0.30 15.49 ? 189  ASP A CA  1 
ATOM   509  C  C   . ASP A 1 62  ? -0.698  7.179   12.226  1.00 14.00 ? 189  ASP A C   1 
ATOM   510  O  O   . ASP A 1 62  ? 0.387   6.561   12.388  1.00 16.56 ? 189  ASP A O   1 
ATOM   511  C  CB  A ASP A 1 62  ? -2.228  5.374   13.007  0.40 15.51 ? 189  ASP A CB  1 
ATOM   512  C  CB  B ASP A 1 62  ? -2.306  5.432   12.987  0.30 16.77 ? 189  ASP A CB  1 
ATOM   513  C  CB  C ASP A 1 62  ? -2.152  5.456   13.335  0.30 15.79 ? 189  ASP A CB  1 
ATOM   514  C  CG  A ASP A 1 62  ? -3.142  4.819   14.111  0.40 15.60 ? 189  ASP A CG  1 
ATOM   515  C  CG  B ASP A 1 62  ? -1.893  4.589   14.129  0.30 17.51 ? 189  ASP A CG  1 
ATOM   516  C  CG  C ASP A 1 62  ? -2.036  5.006   14.759  0.30 16.31 ? 189  ASP A CG  1 
ATOM   517  O  OD1 A ASP A 1 62  ? -3.301  5.464   15.173  0.40 15.53 ? 189  ASP A OD1 1 
ATOM   518  O  OD1 B ASP A 1 62  ? -2.181  4.976   15.298  0.30 18.44 ? 189  ASP A OD1 1 
ATOM   519  O  OD1 C ASP A 1 62  ? -1.011  5.374   15.361  0.30 15.43 ? 189  ASP A OD1 1 
ATOM   520  O  OD2 A ASP A 1 62  ? -3.645  3.698   13.908  0.40 15.46 ? 189  ASP A OD2 1 
ATOM   521  O  OD2 B ASP A 1 62  ? -1.288  3.551   13.863  0.30 19.04 ? 189  ASP A OD2 1 
ATOM   522  O  OD2 C ASP A 1 62  ? -2.963  4.348   15.276  0.30 15.44 ? 189  ASP A OD2 1 
ATOM   523  N  N   . TYR A 1 63  ? -0.902  8.077   11.256  1.00 12.22 ? 190  TYR A N   1 
ATOM   524  C  CA  . TYR A 1 63  ? 0.187   8.488   10.335  1.00 12.48 ? 190  TYR A CA  1 
ATOM   525  C  C   . TYR A 1 63  ? 0.732   9.907   10.686  1.00 12.06 ? 190  TYR A C   1 
ATOM   526  O  O   . TYR A 1 63  ? -0.039  10.849  10.876  1.00 13.89 ? 190  TYR A O   1 
ATOM   527  C  CB  . TYR A 1 63  ? -0.280  8.537   8.890   1.00 10.93 ? 190  TYR A CB  1 
ATOM   528  C  CG  . TYR A 1 63  ? -0.442  7.161   8.233   1.00 10.62 ? 190  TYR A CG  1 
ATOM   529  C  CD1 . TYR A 1 63  ? 0.605   6.300   8.112   1.00 9.53  ? 190  TYR A CD1 1 
ATOM   530  C  CD2 . TYR A 1 63  ? -1.682  6.743   7.762   1.00 10.45 ? 190  TYR A CD2 1 
ATOM   531  C  CE1 . TYR A 1 63  ? 0.474   5.060   7.486   1.00 9.54  ? 190  TYR A CE1 1 
ATOM   532  C  CE2 . TYR A 1 63  ? -1.852  5.507   7.131   1.00 10.01 ? 190  TYR A CE2 1 
ATOM   533  C  CZ  . TYR A 1 63  ? -0.783  4.671   6.997   1.00 9.57  ? 190  TYR A CZ  1 
ATOM   534  O  OH  . TYR A 1 63  ? -0.938  3.409   6.418   1.00 10.29 ? 190  TYR A OH  1 
ATOM   535  N  N   . GLN A 1 64  ? 2.051   10.003  10.748  1.00 13.22 ? 191  GLN A N   1 
ATOM   536  C  CA  A GLN A 1 64  ? 2.734   11.295  10.948  0.50 13.48 ? 191  GLN A CA  1 
ATOM   537  C  CA  B GLN A 1 64  ? 2.740   11.290  11.005  0.50 13.47 ? 191  GLN A CA  1 
ATOM   538  C  C   . GLN A 1 64  ? 3.130   11.998  9.658   1.00 14.03 ? 191  GLN A C   1 
ATOM   539  O  O   . GLN A 1 64  ? 3.448   13.190  9.639   1.00 15.66 ? 191  GLN A O   1 
ATOM   540  C  CB  A GLN A 1 64  ? 3.948   11.088  11.824  0.50 14.41 ? 191  GLN A CB  1 
ATOM   541  C  CB  B GLN A 1 64  ? 3.906   11.111  12.049  0.50 14.28 ? 191  GLN A CB  1 
ATOM   542  C  CG  A GLN A 1 64  ? 3.581   10.851  13.263  0.50 15.71 ? 191  GLN A CG  1 
ATOM   543  C  CG  B GLN A 1 64  ? 3.484   10.958  13.555  0.50 15.63 ? 191  GLN A CG  1 
ATOM   544  C  CD  A GLN A 1 64  ? 2.810   12.031  13.774  0.50 16.08 ? 191  GLN A CD  1 
ATOM   545  C  CD  B GLN A 1 64  ? 4.572   10.571  14.614  0.50 16.12 ? 191  GLN A CD  1 
ATOM   546  O  OE1 A GLN A 1 64  ? 3.337   13.160  13.803  0.50 16.95 ? 191  GLN A OE1 1 
ATOM   547  O  OE1 B GLN A 1 64  ? 4.243   9.934   15.632  0.50 18.66 ? 191  GLN A OE1 1 
ATOM   548  N  NE2 A GLN A 1 64  ? 1.563   11.813  14.114  0.50 15.81 ? 191  GLN A NE2 1 
ATOM   549  N  NE2 B GLN A 1 64  ? 5.839   10.936  14.396  0.50 16.71 ? 191  GLN A NE2 1 
ATOM   550  N  N   . SER A 1 65  ? 3.082   11.295  8.514   1.00 11.07 ? 192  SER A N   1 
ATOM   551  C  CA  . SER A 1 65  ? 3.599   11.812  7.235   1.00 10.57 ? 192  SER A CA  1 
ATOM   552  C  C   . SER A 1 65  ? 3.175   10.967  6.019   1.00 9.67  ? 192  SER A C   1 
ATOM   553  O  O   . SER A 1 65  ? 2.751   9.813   6.173   1.00 9.57  ? 192  SER A O   1 
ATOM   554  C  CB  . SER A 1 65  ? 5.118   11.758  7.288   1.00 10.22 ? 192  SER A CB  1 
ATOM   555  O  OG  . SER A 1 65  ? 5.591   10.432  7.294   1.00 9.62  ? 192  SER A OG  1 
ATOM   556  N  N   . ILE A 1 66  ? 3.266   11.562  4.850   1.00 9.31  ? 193  ILE A N   1 
ATOM   557  C  CA  . ILE A 1 66  ? 3.088   10.843  3.583   1.00 9.35  ? 193  ILE A CA  1 
ATOM   558  C  C   . ILE A 1 66  ? 4.145   9.714   3.516   1.00 8.39  ? 193  ILE A C   1 
ATOM   559  O  O   . ILE A 1 66  ? 3.811   8.593   3.072   1.00 7.82  ? 193  ILE A O   1 
ATOM   560  C  CB  . ILE A 1 66  ? 3.167   11.772  2.325   1.00 10.52 ? 193  ILE A CB  1 
ATOM   561  C  CG1 . ILE A 1 66  ? 2.002   12.813  2.345   1.00 12.61 ? 193  ILE A CG1 1 
ATOM   562  C  CG2 . ILE A 1 66  ? 3.089   10.966  1.043   1.00 11.61 ? 193  ILE A CG2 1 
ATOM   563  C  CD1 . ILE A 1 66  ? 2.207   13.897  1.299   1.00 13.82 ? 193  ILE A CD1 1 
ATOM   564  N  N   . GLU A 1 67  ? 5.392   9.972   3.913   1.00 6.97  ? 194  GLU A N   1 
ATOM   565  C  CA  . GLU A 1 67  ? 6.425   8.922   3.930   1.00 7.04  ? 194  GLU A CA  1 
ATOM   566  C  C   . GLU A 1 67  ? 5.958   7.618   4.574   1.00 6.92  ? 194  GLU A C   1 
ATOM   567  O  O   . GLU A 1 67  ? 6.232   6.517   4.103   1.00 6.15  ? 194  GLU A O   1 
ATOM   568  C  CB  . GLU A 1 67  ? 7.700   9.428   4.650   1.00 6.71  ? 194  GLU A CB  1 
ATOM   569  C  CG  . GLU A 1 67  ? 8.873   8.453   4.753   1.00 6.67  ? 194  GLU A CG  1 
ATOM   570  C  CD  . GLU A 1 67  ? 9.541   8.097   3.438   1.00 7.04  ? 194  GLU A CD  1 
ATOM   571  O  OE1 . GLU A 1 67  ? 10.216  7.012   3.352   1.00 5.54  ? 194  GLU A OE1 1 
ATOM   572  O  OE2 . GLU A 1 67  ? 9.470   8.946   2.494   1.00 8.07  ? 194  GLU A OE2 1 
ATOM   573  N  N   . GLU A 1 68  ? 5.322   7.726   5.742   1.00 7.03  ? 195  GLU A N   1 
ATOM   574  C  CA  . GLU A 1 68  ? 4.832   6.539   6.459   1.00 7.80  ? 195  GLU A CA  1 
ATOM   575  C  C   . GLU A 1 68  ? 3.773   5.761   5.642   1.00 7.52  ? 195  GLU A C   1 
ATOM   576  O  O   . GLU A 1 68  ? 3.794   4.505   5.617   1.00 7.27  ? 195  GLU A O   1 
ATOM   577  C  CB  . GLU A 1 68  ? 4.307   6.905   7.885   1.00 8.40  ? 195  GLU A CB  1 
ATOM   578  C  CG  . GLU A 1 68  ? 5.427   7.258   8.901   1.00 8.70  ? 195  GLU A CG  1 
ATOM   579  C  CD  . GLU A 1 68  ? 4.876   7.675   10.275  1.00 9.82  ? 195  GLU A CD  1 
ATOM   580  O  OE1 . GLU A 1 68  ? 3.652   7.705   10.445  1.00 10.61 ? 195  GLU A OE1 1 
ATOM   581  O  OE2 . GLU A 1 68  ? 5.731   7.999   11.090  1.00 11.48 ? 195  GLU A OE2 1 
ATOM   582  N  N   . LEU A 1 69  ? 2.825   6.469   4.999   1.00 7.54  ? 196  LEU A N   1 
ATOM   583  C  CA  . LEU A 1 69  ? 1.828   5.813   4.151   1.00 7.64  ? 196  LEU A CA  1 
ATOM   584  C  C   . LEU A 1 69  ? 2.557   5.134   2.972   1.00 6.92  ? 196  LEU A C   1 
ATOM   585  O  O   . LEU A 1 69  ? 2.199   4.000   2.619   1.00 6.52  ? 196  LEU A O   1 
ATOM   586  C  CB  . LEU A 1 69  ? 0.840   6.850   3.549   1.00 9.41  ? 196  LEU A CB  1 
ATOM   587  C  CG  . LEU A 1 69  ? -0.249  6.290   2.615   1.00 11.90 ? 196  LEU A CG  1 
ATOM   588  C  CD1 . LEU A 1 69  ? -1.378  5.839   3.491   1.00 14.92 ? 196  LEU A CD1 1 
ATOM   589  C  CD2 . LEU A 1 69  ? -0.786  7.335   1.629   1.00 14.32 ? 196  LEU A CD2 1 
ATOM   590  N  N   . LYS A 1 70  ? 3.521   5.805   2.358   1.00 6.20  ? 197  LYS A N   1 
ATOM   591  C  CA  . LYS A 1 70  ? 4.252   5.215   1.202   1.00 5.99  ? 197  LYS A CA  1 
ATOM   592  C  C   . LYS A 1 70  ? 4.970   3.938   1.624   1.00 5.69  ? 197  LYS A C   1 
ATOM   593  O  O   . LYS A 1 70  ? 4.987   2.918   0.863   1.00 5.26  ? 197  LYS A O   1 
ATOM   594  C  CB  . LYS A 1 70  ? 5.240   6.267   0.674   1.00 6.55  ? 197  LYS A CB  1 
ATOM   595  C  CG  . LYS A 1 70  ? 6.118   5.870   -0.523  1.00 6.69  ? 197  LYS A CG  1 
ATOM   596  C  CD  . LYS A 1 70  ? 7.415   5.198   -0.093  1.00 6.81  ? 197  LYS A CD  1 
ATOM   597  C  CE  . LYS A 1 70  ? 8.351   6.076   0.778   1.00 6.94  ? 197  LYS A CE  1 
ATOM   598  N  NZ  . LYS A 1 70  ? 9.744   5.660   0.931   1.00 7.81  ? 197  LYS A NZ  1 
ATOM   599  N  N   . ASP A 1 71  ? 5.591   3.935   2.803   1.00 5.56  ? 198  ASP A N   1 
ATOM   600  C  CA  . ASP A 1 71  ? 6.305   2.714   3.261   1.00 5.65  ? 198  ASP A CA  1 
ATOM   601  C  C   . ASP A 1 71  ? 5.296   1.567   3.535   1.00 6.17  ? 198  ASP A C   1 
ATOM   602  O  O   . ASP A 1 71  ? 5.624   0.381   3.256   1.00 5.75  ? 198  ASP A O   1 
ATOM   603  C  CB  . ASP A 1 71  ? 7.169   3.045   4.492   1.00 6.01  ? 198  ASP A CB  1 
ATOM   604  C  CG  . ASP A 1 71  ? 8.369   3.900   4.171   1.00 6.09  ? 198  ASP A CG  1 
ATOM   605  O  OD1 . ASP A 1 71  ? 8.874   3.841   3.010   1.00 6.72  ? 198  ASP A OD1 1 
ATOM   606  O  OD2 . ASP A 1 71  ? 8.944   4.521   5.129   1.00 6.70  ? 198  ASP A OD2 1 
ATOM   607  N  N   . ASN A 1 72  ? 4.095   1.853   4.101   1.00 5.85  ? 199  ASN A N   1 
ATOM   608  C  CA  . ASN A 1 72  ? 3.086   0.791   4.290   1.00 6.49  ? 199  ASN A CA  1 
ATOM   609  C  C   . ASN A 1 72  ? 2.590   0.265   2.943   1.00 6.21  ? 199  ASN A C   1 
ATOM   610  O  O   . ASN A 1 72  ? 2.338   -0.956  2.757   1.00 6.55  ? 199  ASN A O   1 
ATOM   611  C  CB  . ASN A 1 72  ? 1.879   1.327   5.110   1.00 7.19  ? 199  ASN A CB  1 
ATOM   612  C  CG  . ASN A 1 72  ? 2.093   1.376   6.607   1.00 8.44  ? 199  ASN A CG  1 
ATOM   613  O  OD1 . ASN A 1 72  ? 3.182   1.054   7.173   1.00 12.00 ? 199  ASN A OD1 1 
ATOM   614  N  ND2 . ASN A 1 72  ? 1.064   1.904   7.262   1.00 8.12  ? 199  ASN A ND2 1 
ATOM   615  N  N   . PHE A 1 73  ? 2.430   1.154   1.949   1.00 5.72  ? 200  PHE A N   1 
ATOM   616  C  CA  . PHE A 1 73  ? 2.079   0.721   0.578   1.00 5.73  ? 200  PHE A CA  1 
ATOM   617  C  C   . PHE A 1 73  ? 3.111   -0.235  -0.028  1.00 6.01  ? 200  PHE A C   1 
ATOM   618  O  O   . PHE A 1 73  ? 2.795   -1.308  -0.613  1.00 6.11  ? 200  PHE A O   1 
ATOM   619  C  CB  . PHE A 1 73  ? 1.918   1.982   -0.321  1.00 5.58  ? 200  PHE A CB  1 
ATOM   620  C  CG  . PHE A 1 73  ? 1.681   1.672   -1.780  1.00 5.87  ? 200  PHE A CG  1 
ATOM   621  C  CD1 . PHE A 1 73  ? 0.458   1.148   -2.203  1.00 6.48  ? 200  PHE A CD1 1 
ATOM   622  C  CD2 . PHE A 1 73  ? 2.688   1.846   -2.737  1.00 5.95  ? 200  PHE A CD2 1 
ATOM   623  C  CE1 . PHE A 1 73  ? 0.240   0.784   -3.522  1.00 6.69  ? 200  PHE A CE1 1 
ATOM   624  C  CE2 . PHE A 1 73  ? 2.472   1.513   -4.087  1.00 6.70  ? 200  PHE A CE2 1 
ATOM   625  C  CZ  . PHE A 1 73  ? 1.234   0.984   -4.486  1.00 6.23  ? 200  PHE A CZ  1 
ATOM   626  N  N   . LYS A 1 74  ? 4.374   0.121   0.125   1.00 6.52  ? 201  LYS A N   1 
ATOM   627  C  CA  . LYS A 1 74  ? 5.479   -0.784  -0.280  1.00 7.07  ? 201  LYS A CA  1 
ATOM   628  C  C   . LYS A 1 74  ? 5.445   -2.132  0.441   1.00 6.65  ? 201  LYS A C   1 
ATOM   629  O  O   . LYS A 1 74  ? 5.621   -3.191  -0.237  1.00 7.04  ? 201  LYS A O   1 
ATOM   630  C  CB  A LYS A 1 74  ? 6.837   -0.108  -0.147  0.50 8.91  ? 201  LYS A CB  1 
ATOM   631  C  CB  B LYS A 1 74  ? 6.837   -0.104  -0.136  0.50 7.45  ? 201  LYS A CB  1 
ATOM   632  C  CG  A LYS A 1 74  ? 7.921   -0.777  -0.953  0.50 10.68 ? 201  LYS A CG  1 
ATOM   633  C  CG  B LYS A 1 74  ? 7.964   -0.831  -0.827  0.50 7.75  ? 201  LYS A CG  1 
ATOM   634  C  CD  A LYS A 1 74  ? 9.161   0.097   -1.070  0.50 12.61 ? 201  LYS A CD  1 
ATOM   635  C  CD  B LYS A 1 74  ? 9.298   -0.109  -0.688  0.50 7.92  ? 201  LYS A CD  1 
ATOM   636  C  CE  A LYS A 1 74  ? 10.013  -0.315  -2.253  0.50 14.75 ? 201  LYS A CE  1 
ATOM   637  C  CE  B LYS A 1 74  ? 10.351  -0.795  -1.544  0.50 8.17  ? 201  LYS A CE  1 
ATOM   638  N  NZ  A LYS A 1 74  ? 10.340  -1.763  -2.246  0.50 17.08 ? 201  LYS A NZ  1 
ATOM   639  N  NZ  B LYS A 1 74  ? 11.540  0.041   -1.801  0.50 8.20  ? 201  LYS A NZ  1 
ATOM   640  N  N   . LEU A 1 75  ? 5.194   -2.113  1.756   1.00 6.54  ? 202  LEU A N   1 
ATOM   641  C  CA  . LEU A 1 75  ? 5.127   -3.353  2.545   1.00 6.78  ? 202  LEU A CA  1 
ATOM   642  C  C   . LEU A 1 75  ? 4.005   -4.296  2.017   1.00 6.26  ? 202  LEU A C   1 
ATOM   643  O  O   . LEU A 1 75  ? 4.262   -5.515  1.819   1.00 6.28  ? 202  LEU A O   1 
ATOM   644  C  CB  . LEU A 1 75  ? 4.885   -2.985  4.022   1.00 6.94  ? 202  LEU A CB  1 
ATOM   645  C  CG  . LEU A 1 75  ? 4.502   -4.159  4.952   1.00 7.26  ? 202  LEU A CG  1 
ATOM   646  C  CD1 . LEU A 1 75  ? 5.635   -5.153  5.074   1.00 7.47  ? 202  LEU A CD1 1 
ATOM   647  C  CD2 . LEU A 1 75  ? 4.087   -3.588  6.291   1.00 7.22  ? 202  LEU A CD2 1 
ATOM   648  N  N   . MET A 1 76  ? 2.855   -3.725  1.664   1.00 6.07  ? 203  MET A N   1 
ATOM   649  C  CA  . MET A 1 76  ? 1.736   -4.491  1.110   1.00 6.23  ? 203  MET A CA  1 
ATOM   650  C  C   . MET A 1 76  ? 2.155   -5.199  -0.195  1.00 6.26  ? 203  MET A C   1 
ATOM   651  O  O   . MET A 1 76  ? 1.863   -6.423  -0.424  1.00 6.41  ? 203  MET A O   1 
ATOM   652  C  CB  . MET A 1 76  ? 0.555   -3.497  0.884   1.00 6.96  ? 203  MET A CB  1 
ATOM   653  C  CG  . MET A 1 76  ? -0.588  -4.135  0.151   1.00 8.06  ? 203  MET A CG  1 
ATOM   654  S  SD  . MET A 1 76  ? -1.946  -2.922  -0.079  1.00 8.89  ? 203  MET A SD  1 
ATOM   655  C  CE  . MET A 1 76  ? -1.333  -2.121  -1.516  1.00 8.73  ? 203  MET A CE  1 
ATOM   656  N  N   . CYS A 1 77  ? 2.811   -4.473  -1.090  1.00 6.08  ? 204  CYS A N   1 
ATOM   657  C  CA  . CYS A 1 77  ? 3.228   -5.047  -2.372  1.00 6.48  ? 204  CYS A CA  1 
ATOM   658  C  C   . CYS A 1 77  ? 4.359   -6.091  -2.219  1.00 6.35  ? 204  CYS A C   1 
ATOM   659  O  O   . CYS A 1 77  ? 4.332   -7.153  -2.858  1.00 6.59  ? 204  CYS A O   1 
ATOM   660  C  CB  . CYS A 1 77  ? 3.660   -3.966  -3.380  1.00 6.75  ? 204  CYS A CB  1 
ATOM   661  S  SG  . CYS A 1 77  ? 2.360   -2.786  -3.861  1.00 7.55  ? 204  CYS A SG  1 
ATOM   662  N  N   . THR A 1 78  ? 5.341   -5.789  -1.363  1.00 5.89  ? 205  THR A N   1 
ATOM   663  C  CA  . THR A 1 78  ? 6.465   -6.722  -1.101  1.00 6.18  ? 205  THR A CA  1 
ATOM   664  C  C   . THR A 1 78  ? 6.002   -8.039  -0.455  1.00 5.95  ? 205  THR A C   1 
ATOM   665  O  O   . THR A 1 78  ? 6.510   -9.122  -0.771  1.00 5.67  ? 205  THR A O   1 
ATOM   666  C  CB  A THR A 1 78  ? 7.704   -6.077  -0.504  0.50 6.46  ? 205  THR A CB  1 
ATOM   667  C  CB  B THR A 1 78  ? 7.476   -6.025  -0.113  0.50 6.66  ? 205  THR A CB  1 
ATOM   668  O  OG1 A THR A 1 78  ? 7.401   -5.575  0.791   0.50 6.19  ? 205  THR A OG1 1 
ATOM   669  O  OG1 B THR A 1 78  ? 7.956   -4.799  -0.662  0.50 6.81  ? 205  THR A OG1 1 
ATOM   670  C  CG2 A THR A 1 78  ? 8.140   -4.970  -1.451  0.50 6.49  ? 205  THR A CG2 1 
ATOM   671  C  CG2 B THR A 1 78  ? 8.670   -6.879  0.201   0.50 6.63  ? 205  THR A CG2 1 
ATOM   672  N  N   . ASN A 1 79  ? 5.040   -7.962  0.450   1.00 5.62  ? 206  ASN A N   1 
ATOM   673  C  CA  . ASN A 1 79  ? 4.465   -9.168  1.014   1.00 5.68  ? 206  ASN A CA  1 
ATOM   674  C  C   . ASN A 1 79  ? 3.934   -10.140 -0.052  1.00 5.74  ? 206  ASN A C   1 
ATOM   675  O  O   . ASN A 1 79  ? 4.119   -11.365 0.050   1.00 5.56  ? 206  ASN A O   1 
ATOM   676  C  CB  . ASN A 1 79  ? 3.321   -8.854  2.032   1.00 5.71  ? 206  ASN A CB  1 
ATOM   677  C  CG  . ASN A 1 79  ? 3.792   -8.326  3.371   1.00 5.83  ? 206  ASN A CG  1 
ATOM   678  O  OD1 . ASN A 1 79  ? 4.925   -8.524  3.769   1.00 6.51  ? 206  ASN A OD1 1 
ATOM   679  N  ND2 . ASN A 1 79  ? 2.846   -7.680  4.104   1.00 6.10  ? 206  ASN A ND2 1 
ATOM   680  N  N   . ALA A 1 80  ? 3.265   -9.611  -1.080  1.00 5.47  ? 207  ALA A N   1 
ATOM   681  C  CA  . ALA A 1 80  ? 2.745   -10.462 -2.186  1.00 5.87  ? 207  ALA A CA  1 
ATOM   682  C  C   . ALA A 1 80  ? 3.906   -11.107 -2.956  1.00 5.99  ? 207  ALA A C   1 
ATOM   683  O  O   . ALA A 1 80  ? 3.746   -12.252 -3.449  1.00 6.47  ? 207  ALA A O   1 
ATOM   684  C  CB  . ALA A 1 80  ? 1.856   -9.690  -3.137  1.00 6.52  ? 207  ALA A CB  1 
ATOM   685  N  N   . MET A 1 81  ? 5.081   -10.451 -3.054  1.00 5.65  ? 208  MET A N   1 
ATOM   686  C  CA  A MET A 1 81  ? 6.216   -11.043 -3.772  0.60 6.30  ? 208  MET A CA  1 
ATOM   687  C  CA  B MET A 1 81  ? 6.250   -11.030 -3.755  0.40 5.79  ? 208  MET A CA  1 
ATOM   688  C  C   . MET A 1 81  ? 6.960   -12.093 -2.920  1.00 6.11  ? 208  MET A C   1 
ATOM   689  O  O   . MET A 1 81  ? 7.656   -12.941 -3.469  1.00 7.14  ? 208  MET A O   1 
ATOM   690  C  CB  A MET A 1 81  ? 7.161   -9.958  -4.275  0.60 6.87  ? 208  MET A CB  1 
ATOM   691  C  CB  B MET A 1 81  ? 7.280   -9.969  -4.133  0.40 5.57  ? 208  MET A CB  1 
ATOM   692  C  CG  A MET A 1 81  ? 6.545   -9.080  -5.348  0.60 7.39  ? 208  MET A CG  1 
ATOM   693  C  CG  B MET A 1 81  ? 6.684   -8.737  -4.739  0.40 5.51  ? 208  MET A CG  1 
ATOM   694  S  SD  A MET A 1 81  ? 7.670   -7.705  -5.717  0.60 10.67 ? 208  MET A SD  1 
ATOM   695  S  SD  B MET A 1 81  ? 7.766   -7.343  -5.134  0.40 5.38  ? 208  MET A SD  1 
ATOM   696  C  CE  A MET A 1 81  ? 6.593   -6.449  -6.270  0.60 8.94  ? 208  MET A CE  1 
ATOM   697  C  CE  B MET A 1 81  ? 7.272   -7.726  -6.802  0.40 5.31  ? 208  MET A CE  1 
ATOM   698  N  N   . ILE A 1 82  ? 6.810   -12.066 -1.577  1.00 6.00  ? 209  ILE A N   1 
ATOM   699  C  CA  . ILE A 1 82  ? 7.372   -13.105 -0.685  1.00 6.21  ? 209  ILE A CA  1 
ATOM   700  C  C   . ILE A 1 82  ? 6.494   -14.360 -0.673  1.00 6.35  ? 209  ILE A C   1 
ATOM   701  O  O   . ILE A 1 82  ? 6.983   -15.483 -0.811  1.00 7.53  ? 209  ILE A O   1 
ATOM   702  C  CB  . ILE A 1 82  ? 7.513   -12.549 0.762   1.00 6.31  ? 209  ILE A CB  1 
ATOM   703  C  CG1 . ILE A 1 82  ? 8.604   -11.436 0.823   1.00 6.30  ? 209  ILE A CG1 1 
ATOM   704  C  CG2 . ILE A 1 82  ? 7.823   -13.667 1.778   1.00 6.79  ? 209  ILE A CG2 1 
ATOM   705  C  CD1 . ILE A 1 82  ? 8.616   -10.662 2.101   1.00 6.72  ? 209  ILE A CD1 1 
ATOM   706  N  N   . TYR A 1 83  ? 5.178   -14.165 -0.510  1.00 6.23  ? 210  TYR A N   1 
ATOM   707  C  CA  . TYR A 1 83  ? 4.262   -15.312 -0.425  1.00 6.52  ? 210  TYR A CA  1 
ATOM   708  C  C   . TYR A 1 83  ? 4.032   -16.026 -1.771  1.00 7.00  ? 210  TYR A C   1 
ATOM   709  O  O   . TYR A 1 83  ? 3.953   -17.296 -1.796  1.00 7.93  ? 210  TYR A O   1 
ATOM   710  C  CB  . TYR A 1 83  ? 2.943   -14.910 0.217   1.00 6.63  ? 210  TYR A CB  1 
ATOM   711  C  CG  . TYR A 1 83  ? 1.887   -16.042 0.210   1.00 6.68  ? 210  TYR A CG  1 
ATOM   712  C  CD1 . TYR A 1 83  ? 1.891   -17.019 1.193   1.00 6.77  ? 210  TYR A CD1 1 
ATOM   713  C  CD2 . TYR A 1 83  ? 0.924   -16.137 -0.786  1.00 7.13  ? 210  TYR A CD2 1 
ATOM   714  C  CE1 . TYR A 1 83  ? 0.936   -18.046 1.191   1.00 7.25  ? 210  TYR A CE1 1 
ATOM   715  C  CE2 . TYR A 1 83  ? -0.028  -17.182 -0.797  1.00 6.73  ? 210  TYR A CE2 1 
ATOM   716  C  CZ  . TYR A 1 83  ? -0.014  -18.096 0.233   1.00 7.17  ? 210  TYR A CZ  1 
ATOM   717  O  OH  . TYR A 1 83  ? -0.959  -19.128 0.166   1.00 8.96  ? 210  TYR A OH  1 
ATOM   718  N  N   . ASN A 1 84  ? 3.850   -15.278 -2.855  1.00 7.23  ? 211  ASN A N   1 
ATOM   719  C  CA  . ASN A 1 84  ? 3.508   -15.840 -4.196  1.00 7.77  ? 211  ASN A CA  1 
ATOM   720  C  C   . ASN A 1 84  ? 4.788   -16.033 -5.031  1.00 8.99  ? 211  ASN A C   1 
ATOM   721  O  O   . ASN A 1 84  ? 5.686   -15.195 -4.972  1.00 8.99  ? 211  ASN A O   1 
ATOM   722  C  CB  . ASN A 1 84  ? 2.558   -14.898 -4.930  1.00 7.91  ? 211  ASN A CB  1 
ATOM   723  C  CG  . ASN A 1 84  ? 1.266   -14.634 -4.170  1.00 7.92  ? 211  ASN A CG  1 
ATOM   724  O  OD1 . ASN A 1 84  ? 0.355   -15.487 -4.163  1.00 8.75  ? 211  ASN A OD1 1 
ATOM   725  N  ND2 . ASN A 1 84  ? 1.177   -13.478 -3.504  1.00 6.45  ? 211  ASN A ND2 1 
ATOM   726  N  N   . LYS A 1 85  ? 4.822   -17.109 -5.826  1.00 10.90 ? 212  LYS A N   1 
ATOM   727  C  CA  . LYS A 1 85  ? 5.951   -17.341 -6.723  1.00 12.39 ? 212  LYS A CA  1 
ATOM   728  C  C   . LYS A 1 85  ? 5.945   -16.363 -7.907  1.00 11.91 ? 212  LYS A C   1 
ATOM   729  O  O   . LYS A 1 85  ? 4.863   -15.877 -8.302  1.00 11.01 ? 212  LYS A O   1 
ATOM   730  C  CB  . LYS A 1 85  ? 5.904   -18.804 -7.201  1.00 15.74 ? 212  LYS A CB  1 
ATOM   731  C  CG  . LYS A 1 85  ? 6.353   -19.761 -6.032  1.00 19.66 ? 212  LYS A CG  1 
ATOM   732  C  CD  . LYS A 1 85  ? 5.923   -21.207 -6.239  1.00 25.62 ? 212  LYS A CD  1 
ATOM   733  C  CE  . LYS A 1 85  ? 6.597   -22.138 -5.233  1.00 28.10 ? 212  LYS A CE  1 
ATOM   734  N  NZ  . LYS A 1 85  ? 6.115   -21.885 -3.836  0.50 27.23 ? 212  LYS A NZ  1 
ATOM   735  N  N   . PRO A 1 86  ? 7.105   -16.118 -8.511  1.00 12.24 ? 213  PRO A N   1 
ATOM   736  C  CA  . PRO A 1 86  ? 7.195   -15.181 -9.636  1.00 13.13 ? 213  PRO A CA  1 
ATOM   737  C  C   . PRO A 1 86  ? 6.219   -15.425 -10.809 1.00 13.86 ? 213  PRO A C   1 
ATOM   738  O  O   . PRO A 1 86  ? 5.792   -14.450 -11.395 1.00 13.53 ? 213  PRO A O   1 
ATOM   739  C  CB  . PRO A 1 86  ? 8.685   -15.254 -10.043 1.00 13.66 ? 213  PRO A CB  1 
ATOM   740  C  CG  . PRO A 1 86  ? 9.384   -15.528 -8.770  1.00 14.16 ? 213  PRO A CG  1 
ATOM   741  C  CD  . PRO A 1 86  ? 8.475   -16.516 -8.083  1.00 13.35 ? 213  PRO A CD  1 
ATOM   742  N  N   . GLU A 1 87  ? 5.816   -16.648 -11.101 1.00 15.27 ? 214  GLU A N   1 
ATOM   743  C  CA  A GLU A 1 87  ? 4.933   -16.923 -12.272 0.50 16.62 ? 214  GLU A CA  1 
ATOM   744  C  CA  B GLU A 1 87  ? 4.956   -16.907 -12.270 0.50 16.52 ? 214  GLU A CA  1 
ATOM   745  C  C   . GLU A 1 87  ? 3.446   -16.561 -12.055 1.00 17.13 ? 214  GLU A C   1 
ATOM   746  O  O   . GLU A 1 87  ? 2.616   -16.558 -13.011 1.00 18.63 ? 214  GLU A O   1 
ATOM   747  C  CB  A GLU A 1 87  ? 5.065   -18.401 -12.711 0.50 19.11 ? 214  GLU A CB  1 
ATOM   748  C  CB  B GLU A 1 87  ? 5.181   -18.368 -12.674 0.50 18.83 ? 214  GLU A CB  1 
ATOM   749  C  CG  A GLU A 1 87  ? 4.649   -19.463 -11.686 0.50 20.30 ? 214  GLU A CG  1 
ATOM   750  C  CG  B GLU A 1 87  ? 6.621   -18.657 -13.139 0.50 19.84 ? 214  GLU A CG  1 
ATOM   751  C  CD  A GLU A 1 87  ? 5.799   -20.064 -10.866 0.50 22.34 ? 214  GLU A CD  1 
ATOM   752  C  CD  B GLU A 1 87  ? 7.721   -18.738 -12.062 0.50 20.89 ? 214  GLU A CD  1 
ATOM   753  O  OE1 A GLU A 1 87  ? 5.693   -21.266 -10.513 0.50 23.02 ? 214  GLU A OE1 1 
ATOM   754  O  OE1 B GLU A 1 87  ? 7.514   -19.115 -10.862 0.50 18.02 ? 214  GLU A OE1 1 
ATOM   755  O  OE2 A GLU A 1 87  ? 6.802   -19.360 -10.550 0.50 20.15 ? 214  GLU A OE2 1 
ATOM   756  O  OE2 B GLU A 1 87  ? 8.866   -18.414 -12.453 0.50 23.86 ? 214  GLU A OE2 1 
ATOM   757  N  N   . THR A 1 88  ? 3.074   -16.233 -10.839 1.00 12.58 ? 215  THR A N   1 
ATOM   758  C  CA  . THR A 1 88  ? 1.673   -16.157 -10.470 1.00 11.27 ? 215  THR A CA  1 
ATOM   759  C  C   . THR A 1 88  ? 1.069   -14.793 -10.782 1.00 9.70  ? 215  THR A C   1 
ATOM   760  O  O   . THR A 1 88  ? 1.760   -13.789 -10.849 1.00 9.61  ? 215  THR A O   1 
ATOM   761  C  CB  . THR A 1 88  ? 1.475   -16.466 -8.970  1.00 11.60 ? 215  THR A CB  1 
ATOM   762  O  OG1 . THR A 1 88  ? 2.122   -15.423 -8.173  1.00 10.40 ? 215  THR A OG1 1 
ATOM   763  C  CG2 . THR A 1 88  ? 2.066   -17.839 -8.611  1.00 12.32 ? 215  THR A CG2 1 
ATOM   764  N  N   . ILE A 1 89  ? -0.253  -14.771 -10.884 1.00 9.63  ? 216  ILE A N   1 
ATOM   765  C  CA  . ILE A 1 89  ? -0.936  -13.581 -11.116 1.00 9.61  ? 216  ILE A CA  1 
ATOM   766  C  C   . ILE A 1 89  ? -0.739  -12.519 -9.991  1.00 8.09  ? 216  ILE A C   1 
ATOM   767  O  O   . ILE A 1 89  ? -0.676  -11.280 -10.219 1.00 8.70  ? 216  ILE A O   1 
ATOM   768  C  CB  . ILE A 1 89  ? -2.477  -13.710 -11.465 1.00 9.98  ? 216  ILE A CB  1 
ATOM   769  C  CG1 . ILE A 1 89  ? -3.283  -14.109 -10.234 1.00 10.69 ? 216  ILE A CG1 1 
ATOM   770  C  CG2 . ILE A 1 89  ? -2.673  -14.546 -12.724 1.00 10.76 ? 216  ILE A CG2 1 
ATOM   771  C  CD1 . ILE A 1 89  ? -4.818  -14.211 -10.479 1.00 11.07 ? 216  ILE A CD1 1 
ATOM   772  N  N   . TYR A 1 90  ? -0.618  -12.980 -8.745  1.00 7.82  ? 217  TYR A N   1 
ATOM   773  C  CA  . TYR A 1 90  ? -0.508  -12.077 -7.581  1.00 7.68  ? 217  TYR A CA  1 
ATOM   774  C  C   . TYR A 1 90  ? 0.850   -11.399 -7.467  1.00 7.27  ? 217  TYR A C   1 
ATOM   775  O  O   . TYR A 1 90  ? 0.917   -10.190 -7.151  1.00 7.08  ? 217  TYR A O   1 
ATOM   776  C  CB  . TYR A 1 90  ? -0.866  -12.813 -6.294  1.00 7.71  ? 217  TYR A CB  1 
ATOM   777  C  CG  . TYR A 1 90  ? -2.263  -13.395 -6.364  1.00 8.19  ? 217  TYR A CG  1 
ATOM   778  C  CD1 . TYR A 1 90  ? -3.410  -12.558 -6.485  1.00 8.70  ? 217  TYR A CD1 1 
ATOM   779  C  CD2 . TYR A 1 90  ? -2.438  -14.765 -6.367  1.00 8.80  ? 217  TYR A CD2 1 
ATOM   780  C  CE1 . TYR A 1 90  ? -4.649  -13.134 -6.642  1.00 9.04  ? 217  TYR A CE1 1 
ATOM   781  C  CE2 . TYR A 1 90  ? -3.693  -15.335 -6.480  1.00 9.31  ? 217  TYR A CE2 1 
ATOM   782  C  CZ  . TYR A 1 90  ? -4.793  -14.493 -6.615  1.00 8.91  ? 217  TYR A CZ  1 
ATOM   783  O  OH  . TYR A 1 90  ? -6.099  -15.033 -6.748  1.00 11.48 ? 217  TYR A OH  1 
ATOM   784  N  N   . TYR A 1 91  ? 1.907   -12.111 -7.841  1.00 7.18  ? 218  TYR A N   1 
ATOM   785  C  CA  . TYR A 1 91  ? 3.262   -11.521 -7.924  1.00 7.46  ? 218  TYR A CA  1 
ATOM   786  C  C   . TYR A 1 91  ? 3.319   -10.452 -9.010  1.00 7.37  ? 218  TYR A C   1 
ATOM   787  O  O   . TYR A 1 91  ? 3.807   -9.311  -8.798  1.00 7.93  ? 218  TYR A O   1 
ATOM   788  C  CB  . TYR A 1 91  ? 4.288   -12.664 -8.120  1.00 7.65  ? 218  TYR A CB  1 
ATOM   789  C  CG  . TYR A 1 91  ? 5.776   -12.279 -8.088  1.00 8.02  ? 218  TYR A CG  1 
ATOM   790  C  CD1 . TYR A 1 91  ? 6.354   -11.582 -9.110  1.00 9.29  ? 218  TYR A CD1 1 
ATOM   791  C  CD2 . TYR A 1 91  ? 6.585   -12.653 -7.017  1.00 8.41  ? 218  TYR A CD2 1 
ATOM   792  C  CE1 . TYR A 1 91  ? 7.701   -11.240 -9.087  1.00 10.20 ? 218  TYR A CE1 1 
ATOM   793  C  CE2 . TYR A 1 91  ? 7.922   -12.340 -7.006  1.00 8.77  ? 218  TYR A CE2 1 
ATOM   794  C  CZ  . TYR A 1 91  ? 8.470   -11.625 -8.020  1.00 10.49 ? 218  TYR A CZ  1 
ATOM   795  O  OH  . TYR A 1 91  ? 9.824   -11.286 -8.052  1.00 13.04 ? 218  TYR A OH  1 
ATOM   796  N  N   . LYS A 1 92  ? 2.805   -10.776 -10.209 1.00 7.50  ? 219  LYS A N   1 
ATOM   797  C  CA  A LYS A 1 92  ? 2.751   -9.832  -11.330 0.50 7.79  ? 219  LYS A CA  1 
ATOM   798  C  CA  B LYS A 1 92  ? 2.802   -9.849  -11.324 0.50 7.70  ? 219  LYS A CA  1 
ATOM   799  C  C   . LYS A 1 92  ? 1.905   -8.600  -11.005 1.00 7.18  ? 219  LYS A C   1 
ATOM   800  O  O   . LYS A 1 92  ? 2.282   -7.433  -11.326 1.00 6.97  ? 219  LYS A O   1 
ATOM   801  C  CB  A LYS A 1 92  ? 2.214   -10.495 -12.600 0.50 8.57  ? 219  LYS A CB  1 
ATOM   802  C  CB  B LYS A 1 92  ? 2.476   -10.584 -12.654 0.50 8.36  ? 219  LYS A CB  1 
ATOM   803  C  CG  A LYS A 1 92  ? 3.179   -11.514 -13.146 0.50 9.58  ? 219  LYS A CG  1 
ATOM   804  C  CG  B LYS A 1 92  ? 3.534   -11.656 -12.992 0.50 9.15  ? 219  LYS A CG  1 
ATOM   805  C  CD  A LYS A 1 92  ? 2.557   -12.311 -14.291 0.50 10.66 ? 219  LYS A CD  1 
ATOM   806  C  CD  B LYS A 1 92  ? 3.186   -12.472 -14.243 0.50 10.29 ? 219  LYS A CD  1 
ATOM   807  C  CE  A LYS A 1 92  ? 3.457   -13.454 -14.694 0.50 12.16 ? 219  LYS A CE  1 
ATOM   808  C  CE  B LYS A 1 92  ? 4.129   -13.667 -14.457 0.50 11.49 ? 219  LYS A CE  1 
ATOM   809  N  NZ  A LYS A 1 92  ? 4.848   -12.978 -14.927 0.50 13.43 ? 219  LYS A NZ  1 
ATOM   810  N  NZ  B LYS A 1 92  ? 3.579   -14.473 -15.581 0.50 13.06 ? 219  LYS A NZ  1 
ATOM   811  N  N   . ALA A 1 93  ? 0.762   -8.808  -10.355 1.00 6.66  ? 220  ALA A N   1 
ATOM   812  C  CA  . ALA A 1 93  ? -0.117  -7.682  -9.943  1.00 6.67  ? 220  ALA A CA  1 
ATOM   813  C  C   . ALA A 1 93  ? 0.569   -6.775  -8.937  1.00 7.09  ? 220  ALA A C   1 
ATOM   814  O  O   . ALA A 1 93  ? 0.457   -5.553  -9.017  1.00 7.13  ? 220  ALA A O   1 
ATOM   815  C  CB  . ALA A 1 93  ? -1.439  -8.231  -9.370  1.00 7.05  ? 220  ALA A CB  1 
ATOM   816  N  N   . ALA A 1 94  ? 1.247   -7.372  -7.978  1.00 6.92  ? 221  ALA A N   1 
ATOM   817  C  CA  . ALA A 1 94  ? 2.030   -6.563  -7.011  1.00 6.79  ? 221  ALA A CA  1 
ATOM   818  C  C   . ALA A 1 94  ? 3.109   -5.707  -7.647  1.00 7.02  ? 221  ALA A C   1 
ATOM   819  O  O   . ALA A 1 94  ? 3.310   -4.539  -7.213  1.00 6.71  ? 221  ALA A O   1 
ATOM   820  C  CB  . ALA A 1 94  ? 2.618   -7.474  -5.931  1.00 7.09  ? 221  ALA A CB  1 
ATOM   821  N  N   . LYS A 1 95  ? 3.859   -6.270  -8.608  1.00 7.19  ? 222  LYS A N   1 
ATOM   822  C  CA  A LYS A 1 95  ? 4.870   -5.512  -9.321  0.80 8.31  ? 222  LYS A CA  1 
ATOM   823  C  CA  B LYS A 1 95  ? 4.837   -5.483  -9.349  0.20 7.60  ? 222  LYS A CA  1 
ATOM   824  C  C   . LYS A 1 95  ? 4.229   -4.327  -10.101 1.00 8.16  ? 222  LYS A C   1 
ATOM   825  O  O   . LYS A 1 95  ? 4.757   -3.170  -10.070 1.00 8.16  ? 222  LYS A O   1 
ATOM   826  C  CB  A LYS A 1 95  ? 5.675   -6.449  -10.268 0.80 10.52 ? 222  LYS A CB  1 
ATOM   827  C  CB  B LYS A 1 95  ? 5.533   -6.346  -10.366 0.20 7.87  ? 222  LYS A CB  1 
ATOM   828  C  CG  A LYS A 1 95  ? 6.782   -5.754  -11.087 0.80 12.33 ? 222  LYS A CG  1 
ATOM   829  C  CG  B LYS A 1 95  ? 6.523   -7.234  -9.713  0.20 7.96  ? 222  LYS A CG  1 
ATOM   830  C  CD  A LYS A 1 95  ? 7.501   -6.732  -12.049 0.80 15.12 ? 222  LYS A CD  1 
ATOM   831  C  CD  B LYS A 1 95  ? 7.309   -7.877  -10.784 0.20 8.11  ? 222  LYS A CD  1 
ATOM   832  C  CE  A LYS A 1 95  ? 8.373   -7.726  -11.272 0.80 17.46 ? 222  LYS A CE  1 
ATOM   833  C  CE  B LYS A 1 95  ? 8.628   -7.200  -11.068 0.20 8.34  ? 222  LYS A CE  1 
ATOM   834  N  NZ  A LYS A 1 95  ? 9.215   -8.656  -12.088 0.80 18.09 ? 222  LYS A NZ  1 
ATOM   835  N  NZ  B LYS A 1 95  ? 9.613   -8.299  -11.232 0.20 8.25  ? 222  LYS A NZ  1 
ATOM   836  N  N   . LYS A 1 96  ? 3.143   -4.599  -10.816 1.00 7.34  ? 223  LYS A N   1 
ATOM   837  C  CA  A LYS A 1 96  ? 2.485   -3.560  -11.570 0.50 7.22  ? 223  LYS A CA  1 
ATOM   838  C  CA  B LYS A 1 96  ? 2.432   -3.566  -11.577 0.50 7.60  ? 223  LYS A CA  1 
ATOM   839  C  C   . LYS A 1 96  ? 1.988   -2.446  -10.653 1.00 7.06  ? 223  LYS A C   1 
ATOM   840  O  O   . LYS A 1 96  ? 2.209   -1.226  -10.935 1.00 7.08  ? 223  LYS A O   1 
ATOM   841  C  CB  A LYS A 1 96  ? 1.343   -4.169  -12.383 0.50 7.24  ? 223  LYS A CB  1 
ATOM   842  C  CB  B LYS A 1 96  ? 1.210   -4.160  -12.336 0.50 8.21  ? 223  LYS A CB  1 
ATOM   843  C  CG  A LYS A 1 96  ? 0.673   -3.205  -13.359 0.50 7.48  ? 223  LYS A CG  1 
ATOM   844  C  CG  B LYS A 1 96  ? 0.411   -3.148  -13.200 0.50 9.04  ? 223  LYS A CG  1 
ATOM   845  C  CD  A LYS A 1 96  ? -0.480  -3.927  -14.026 0.50 7.71  ? 223  LYS A CD  1 
ATOM   846  C  CD  B LYS A 1 96  ? -0.820  -3.749  -13.869 0.50 10.00 ? 223  LYS A CD  1 
ATOM   847  C  CE  A LYS A 1 96  ? -1.153  -3.100  -15.098 0.50 7.82  ? 223  LYS A CE  1 
ATOM   848  C  CE  B LYS A 1 96  ? -1.581  -2.721  -14.709 0.50 10.81 ? 223  LYS A CE  1 
ATOM   849  N  NZ  A LYS A 1 96  ? -2.463  -3.649  -15.568 0.50 8.06  ? 223  LYS A NZ  1 
ATOM   850  N  NZ  B LYS A 1 96  ? -0.728  -2.124  -15.781 0.50 12.26 ? 223  LYS A NZ  1 
ATOM   851  N  N   . LEU A 1 97  ? 1.318   -2.803  -9.555  1.00 6.60  ? 224  LEU A N   1 
ATOM   852  C  CA  . LEU A 1 97  ? 0.796   -1.822  -8.606  1.00 6.67  ? 224  LEU A CA  1 
ATOM   853  C  C   . LEU A 1 97  ? 1.910   -1.034  -7.891  1.00 6.74  ? 224  LEU A C   1 
ATOM   854  O  O   . LEU A 1 97  ? 1.779   0.190   -7.697  1.00 6.31  ? 224  LEU A O   1 
ATOM   855  C  CB  . LEU A 1 97  ? -0.113  -2.494  -7.577  1.00 7.00  ? 224  LEU A CB  1 
ATOM   856  C  CG  . LEU A 1 97  ? -0.723  -1.637  -6.454  1.00 7.13  ? 224  LEU A CG  1 
ATOM   857  C  CD1 . LEU A 1 97  ? -1.544  -0.488  -7.011  1.00 7.72  ? 224  LEU A CD1 1 
ATOM   858  C  CD2 . LEU A 1 97  ? -1.553  -2.491  -5.525  1.00 7.13  ? 224  LEU A CD2 1 
ATOM   859  N  N   . LEU A 1 98  ? 2.980   -1.714  -7.493  1.00 7.13  ? 225  LEU A N   1 
ATOM   860  C  CA  . LEU A 1 98  ? 4.102   -1.015  -6.838  1.00 7.30  ? 225  LEU A CA  1 
ATOM   861  C  C   . LEU A 1 98  ? 4.657   0.089   -7.751  1.00 7.22  ? 225  LEU A C   1 
ATOM   862  O  O   . LEU A 1 98  ? 4.849   1.252   -7.301  1.00 7.39  ? 225  LEU A O   1 
ATOM   863  C  CB  . LEU A 1 98  ? 5.221   -1.997  -6.450  1.00 8.18  ? 225  LEU A CB  1 
ATOM   864  C  CG  . LEU A 1 98  ? 6.451   -1.375  -5.729  1.00 8.82  ? 225  LEU A CG  1 
ATOM   865  C  CD1 . LEU A 1 98  ? 6.007   -0.580  -4.521  1.00 9.20  ? 225  LEU A CD1 1 
ATOM   866  C  CD2 . LEU A 1 98  ? 7.409   -2.515  -5.364  1.00 11.31 ? 225  LEU A CD2 1 
ATOM   867  N  N   . HIS A 1 99  ? 4.873   -0.233  -9.013  1.00 7.42  ? 226  HIS A N   1 
ATOM   868  C  CA  . HIS A 1 99  ? 5.382   0.755   -9.949  1.00 7.69  ? 226  HIS A CA  1 
ATOM   869  C  C   . HIS A 1 99  ? 4.384   1.920   -10.240 1.00 7.86  ? 226  HIS A C   1 
ATOM   870  O  O   . HIS A 1 99  ? 4.790   3.130   -10.221 1.00 7.80  ? 226  HIS A O   1 
ATOM   871  C  CB  . HIS A 1 99  ? 5.894   0.106   -11.219 1.00 8.22  ? 226  HIS A CB  1 
ATOM   872  C  CG  . HIS A 1 99  ? 7.256   -0.535  -11.066 1.00 9.04  ? 226  HIS A CG  1 
ATOM   873  N  ND1 . HIS A 1 99  ? 8.395   0.037   -11.616 1.00 11.87 ? 226  HIS A ND1 1 
ATOM   874  C  CD2 . HIS A 1 99  ? 7.687   -1.654  -10.417 1.00 9.58  ? 226  HIS A CD2 1 
ATOM   875  C  CE1 . HIS A 1 99  ? 9.456   -0.692  -11.292 1.00 11.92 ? 226  HIS A CE1 1 
ATOM   876  N  NE2 . HIS A 1 99  ? 9.057   -1.732  -10.566 1.00 9.49  ? 226  HIS A NE2 1 
ATOM   877  N  N   . SER A 1 100 ? 3.128   1.616   -10.480 1.00 7.39  ? 227  SER A N   1 
ATOM   878  C  CA  A SER A 1 100 ? 2.186   2.713   -10.774 0.50 7.30  ? 227  SER A CA  1 
ATOM   879  C  CA  B SER A 1 100 ? 2.128   2.678   -10.740 0.50 8.17  ? 227  SER A CA  1 
ATOM   880  C  C   . SER A 1 100 ? 1.961   3.552   -9.511  1.00 7.80  ? 227  SER A C   1 
ATOM   881  O  O   . SER A 1 100 ? 1.816   4.773   -9.603  1.00 8.57  ? 227  SER A O   1 
ATOM   882  C  CB  A SER A 1 100 ? 0.866   2.216   -11.346 0.50 7.23  ? 227  SER A CB  1 
ATOM   883  C  CB  B SER A 1 100 ? 0.760   2.093   -11.052 0.50 9.26  ? 227  SER A CB  1 
ATOM   884  O  OG  A SER A 1 100 ? 0.250   1.294   -10.462 0.50 7.03  ? 227  SER A OG  1 
ATOM   885  O  OG  B SER A 1 100 ? 0.795   1.285   -12.195 0.50 11.95 ? 227  SER A OG  1 
ATOM   886  N  N   . GLY A 1 101 ? 1.908   2.928   -8.348  1.00 6.99  ? 228  GLY A N   1 
ATOM   887  C  CA  . GLY A 1 101 ? 1.689   3.669   -7.105  1.00 7.20  ? 228  GLY A CA  1 
ATOM   888  C  C   . GLY A 1 101 ? 2.852   4.567   -6.743  1.00 7.75  ? 228  GLY A C   1 
ATOM   889  O  O   . GLY A 1 101 ? 2.667   5.692   -6.245  1.00 7.97  ? 228  GLY A O   1 
ATOM   890  N  N   . MET A 1 102 ? 4.068   4.084   -6.977  1.00 8.06  ? 229  MET A N   1 
ATOM   891  C  CA  . MET A 1 102 ? 5.261   4.921   -6.717  1.00 8.57  ? 229  MET A CA  1 
ATOM   892  C  C   . MET A 1 102 ? 5.316   6.115   -7.686  1.00 9.77  ? 229  MET A C   1 
ATOM   893  O  O   . MET A 1 102 ? 5.876   7.192   -7.331  1.00 9.51  ? 229  MET A O   1 
ATOM   894  C  CB  . MET A 1 102 ? 6.565   4.103   -6.676  1.00 8.98  ? 229  MET A CB  1 
ATOM   895  C  CG  . MET A 1 102 ? 6.674   3.199   -5.468  1.00 8.61  ? 229  MET A CG  1 
ATOM   896  S  SD  . MET A 1 102 ? 6.490   4.062   -3.862  1.00 9.66  ? 229  MET A SD  1 
ATOM   897  C  CE  . MET A 1 102 ? 6.691   2.696   -2.729  1.00 11.58 ? 229  MET A CE  1 
ATOM   898  N  N   . LYS A 1 103 ? 4.785   5.980   -8.901  1.00 9.99  ? 230  LYS A N   1 
ATOM   899  C  CA  A LYS A 1 103 ? 4.692   7.174   -9.783  0.50 10.98 ? 230  LYS A CA  1 
ATOM   900  C  CA  B LYS A 1 103 ? 4.677   7.155   -9.780  0.50 11.07 ? 230  LYS A CA  1 
ATOM   901  C  C   . LYS A 1 103 ? 3.796   8.242   -9.147  1.00 10.59 ? 230  LYS A C   1 
ATOM   902  O  O   . LYS A 1 103 ? 4.072   9.465   -9.292  1.00 12.33 ? 230  LYS A O   1 
ATOM   903  C  CB  A LYS A 1 103 ? 4.243   6.837   -11.229 0.50 11.57 ? 230  LYS A CB  1 
ATOM   904  C  CB  B LYS A 1 103 ? 4.139   6.735   -11.150 0.50 11.74 ? 230  LYS A CB  1 
ATOM   905  C  CG  A LYS A 1 103 ? 5.307   6.114   -12.049 0.50 12.60 ? 230  LYS A CG  1 
ATOM   906  C  CG  B LYS A 1 103 ? 4.276   7.754   -12.227 0.50 13.18 ? 230  LYS A CG  1 
ATOM   907  C  CD  A LYS A 1 103 ? 4.864   5.755   -13.482 0.50 14.41 ? 230  LYS A CD  1 
ATOM   908  C  CD  B LYS A 1 103 ? 4.296   7.053   -13.566 0.50 13.83 ? 230  LYS A CD  1 
ATOM   909  C  CE  A LYS A 1 103 ? 5.941   4.965   -14.183 0.50 16.54 ? 230  LYS A CE  1 
ATOM   910  C  CE  B LYS A 1 103 ? 4.576   5.665   -13.636 0.00 20.11 ? 230  LYS A CE  1 
ATOM   911  N  NZ  A LYS A 1 103 ? 6.948   5.853   -14.819 0.50 18.20 ? 230  LYS A NZ  1 
ATOM   912  N  NZ  B LYS A 1 103 ? 5.842   4.962   -13.891 0.00 23.15 ? 230  LYS A NZ  1 
ATOM   913  N  N   . ILE A 1 104 ? 2.737   7.841   -8.442  1.00 10.17 ? 231  ILE A N   1 
ATOM   914  C  CA  . ILE A 1 104 ? 1.830   8.743   -7.739  1.00 10.68 ? 231  ILE A CA  1 
ATOM   915  C  C   . ILE A 1 104 ? 2.500   9.326   -6.494  1.00 11.85 ? 231  ILE A C   1 
ATOM   916  O  O   . ILE A 1 104 ? 2.343   10.546  -6.225  1.00 13.84 ? 231  ILE A O   1 
ATOM   917  C  CB  A ILE A 1 104 ? 0.505   8.034   -7.259  0.40 11.44 ? 231  ILE A CB  1 
ATOM   918  C  CB  B ILE A 1 104 ? 0.508   8.024   -7.365  0.60 9.88  ? 231  ILE A CB  1 
ATOM   919  C  CG1 A ILE A 1 104 ? -0.508  7.986   -8.380  0.40 12.30 ? 231  ILE A CG1 1 
ATOM   920  C  CG1 B ILE A 1 104 ? -0.274  7.686   -8.637  0.60 9.31  ? 231  ILE A CG1 1 
ATOM   921  C  CG2 A ILE A 1 104 ? -0.184  8.703   -6.062  0.40 11.45 ? 231  ILE A CG2 1 
ATOM   922  C  CG2 B ILE A 1 104 ? -0.337  8.872   -6.435  0.60 10.09 ? 231  ILE A CG2 1 
ATOM   923  C  CD1 A ILE A 1 104 ? -0.137  6.973   -9.389  0.40 13.22 ? 231  ILE A CD1 1 
ATOM   924  C  CD1 B ILE A 1 104 ? -1.286  6.583   -8.430  0.60 8.68  ? 231  ILE A CD1 1 
ATOM   925  N  N   . LEU A 1 105 ? 3.214   8.523   -5.707  1.00 10.43 ? 232  LEU A N   1 
ATOM   926  C  CA  . LEU A 1 105 ? 3.682   8.918   -4.390  1.00 10.96 ? 232  LEU A CA  1 
ATOM   927  C  C   . LEU A 1 105 ? 5.046   9.644   -4.401  1.00 12.71 ? 232  LEU A C   1 
ATOM   928  O  O   . LEU A 1 105 ? 5.290   10.505  -3.517  1.00 12.98 ? 232  LEU A O   1 
ATOM   929  C  CB  . LEU A 1 105 ? 3.830   7.708   -3.450  1.00 9.71  ? 232  LEU A CB  1 
ATOM   930  C  CG  . LEU A 1 105 ? 2.487   7.083   -3.047  1.00 9.27  ? 232  LEU A CG  1 
ATOM   931  C  CD1 . LEU A 1 105 ? 2.667   5.636   -2.566  1.00 9.31  ? 232  LEU A CD1 1 
ATOM   932  C  CD2 . LEU A 1 105 ? 1.814   7.888   -1.941  1.00 10.30 ? 232  LEU A CD2 1 
ATOM   933  N  N   . SER A 1 106 ? 5.937   9.275   -5.314  1.00 12.97 ? 233  SER A N   1 
ATOM   934  C  CA  A SER A 1 106 ? 7.306   9.823   -5.376  0.50 12.94 ? 233  SER A CA  1 
ATOM   935  C  CA  B SER A 1 106 ? 7.289   9.816   -5.248  0.50 13.59 ? 233  SER A CA  1 
ATOM   936  C  C   . SER A 1 106 ? 7.322   11.256  -5.768  1.00 13.36 ? 233  SER A C   1 
ATOM   937  O  O   . SER A 1 106 ? 6.595   11.638  -6.673  1.00 16.80 ? 233  SER A O   1 
ATOM   938  C  CB  A SER A 1 106 ? 8.111   9.125   -6.464  0.50 12.97 ? 233  SER A CB  1 
ATOM   939  C  CB  B SER A 1 106 ? 8.262   8.895   -5.971  0.50 14.63 ? 233  SER A CB  1 
ATOM   940  O  OG  A SER A 1 106 ? 8.324   7.783   -6.132  0.50 12.77 ? 233  SER A OG  1 
ATOM   941  O  OG  B SER A 1 106 ? 8.100   9.000   -7.358  0.50 15.79 ? 233  SER A OG  1 
ATOM   942  N  N   . GLN A 1 107 ? 8.205   12.060  -5.158  1.00 11.10 ? 234  GLN A N   1 
ATOM   943  C  CA  A GLN A 1 107 ? 8.441   13.413  -5.655  0.40 11.69 ? 234  GLN A CA  1 
ATOM   944  C  CA  B GLN A 1 107 ? 8.281   13.511  -5.417  0.30 11.65 ? 234  GLN A CA  1 
ATOM   945  C  CA  C GLN A 1 107 ? 8.229   13.523  -5.330  0.30 11.40 ? 234  GLN A CA  1 
ATOM   946  C  C   . GLN A 1 107 ? 9.661   14.049  -5.102  1.00 10.95 ? 234  GLN A C   1 
ATOM   947  O  O   . GLN A 1 107 ? 10.298  13.581  -4.169  1.00 9.27  ? 234  GLN A O   1 
ATOM   948  C  CB  A GLN A 1 107 ? 7.280   14.347  -5.437  0.40 12.04 ? 234  GLN A CB  1 
ATOM   949  C  CB  B GLN A 1 107 ? 7.271   14.279  -4.560  0.30 12.15 ? 234  GLN A CB  1 
ATOM   950  C  CB  C GLN A 1 107 ? 7.315   14.151  -4.267  0.30 11.62 ? 234  GLN A CB  1 
ATOM   951  C  CG  A GLN A 1 107 ? 6.846   14.517  -4.022  0.40 12.76 ? 234  GLN A CG  1 
ATOM   952  C  CG  B GLN A 1 107 ? 7.458   14.214  -3.049  0.30 13.12 ? 234  GLN A CG  1 
ATOM   953  C  CG  C GLN A 1 107 ? 5.801   14.147  -4.531  0.30 12.50 ? 234  GLN A CG  1 
ATOM   954  C  CD  A GLN A 1 107 ? 5.730   15.533  -4.009  0.40 13.20 ? 234  GLN A CD  1 
ATOM   955  C  CD  B GLN A 1 107 ? 7.493   15.589  -2.360  0.30 14.22 ? 234  GLN A CD  1 
ATOM   956  C  CD  C GLN A 1 107 ? 5.070   15.160  -3.616  0.30 13.36 ? 234  GLN A CD  1 
ATOM   957  O  OE1 A GLN A 1 107 ? 5.805   16.527  -3.336  0.40 14.63 ? 234  GLN A OE1 1 
ATOM   958  O  OE1 B GLN A 1 107 ? 6.508   16.312  -2.334  0.30 15.84 ? 234  GLN A OE1 1 
ATOM   959  O  OE1 C GLN A 1 107 ? 4.958   14.938  -2.406  0.30 15.12 ? 234  GLN A OE1 1 
ATOM   960  N  NE2 A GLN A 1 107 ? 4.680   15.271  -4.808  0.40 14.08 ? 234  GLN A NE2 1 
ATOM   961  N  NE2 B GLN A 1 107 ? 8.616   15.917  -1.768  0.30 14.17 ? 234  GLN A NE2 1 
ATOM   962  N  NE2 C GLN A 1 107 ? 4.625   16.293  -4.191  0.30 13.89 ? 234  GLN A NE2 1 
ATOM   963  N  N   . GLU A 1 108 ? 10.101  15.077  -5.850  1.00 10.79 ? 235  GLU A N   1 
ATOM   964  C  CA  A GLU A 1 108 ? 11.259  15.916  -5.564  0.30 10.19 ? 235  GLU A CA  1 
ATOM   965  C  CA  B GLU A 1 108 ? 11.332  15.766  -5.479  0.20 10.24 ? 235  GLU A CA  1 
ATOM   966  C  CA  C GLU A 1 108 ? 11.281  15.890  -5.559  0.20 10.34 ? 235  GLU A CA  1 
ATOM   967  C  CA  D GLU A 1 108 ? 11.379  15.697  -5.427  0.30 10.07 ? 235  GLU A CA  1 
ATOM   968  C  C   . GLU A 1 108 ? 11.062  16.656  -4.260  1.00 9.62  ? 235  GLU A C   1 
ATOM   969  O  O   . GLU A 1 108 ? 9.960   16.999  -3.957  1.00 9.31  ? 235  GLU A O   1 
ATOM   970  C  CB  A GLU A 1 108 ? 11.389  16.975  -6.690  0.30 9.91  ? 235  GLU A CB  1 
ATOM   971  C  CB  B GLU A 1 108 ? 11.932  16.565  -6.651  0.20 10.27 ? 235  GLU A CB  1 
ATOM   972  C  CB  C GLU A 1 108 ? 11.484  16.906  -6.702  0.20 10.36 ? 235  GLU A CB  1 
ATOM   973  C  CB  D GLU A 1 108 ? 12.249  16.284  -6.590  0.30 9.82  ? 235  GLU A CB  1 
ATOM   974  C  CG  A GLU A 1 108 ? 11.871  16.420  -8.038  0.30 9.74  ? 235  GLU A CG  1 
ATOM   975  C  CG  B GLU A 1 108 ? 13.416  16.319  -6.792  0.20 10.05 ? 235  GLU A CG  1 
ATOM   976  C  CG  C GLU A 1 108 ? 11.875  16.269  -8.035  0.20 10.27 ? 235  GLU A CG  1 
ATOM   977  C  CG  D GLU A 1 108 ? 13.541  17.017  -6.198  0.30 9.57  ? 235  GLU A CG  1 
ATOM   978  C  CD  A GLU A 1 108 ? 12.086  17.504  -9.106  0.30 9.22  ? 235  GLU A CD  1 
ATOM   979  C  CD  B GLU A 1 108 ? 14.184  16.742  -5.539  0.20 9.41  ? 235  GLU A CD  1 
ATOM   980  C  CD  C GLU A 1 108 ? 11.344  17.023  -9.250  0.20 10.19 ? 235  GLU A CD  1 
ATOM   981  C  CD  D GLU A 1 108 ? 14.682  16.156  -5.635  0.30 8.98  ? 235  GLU A CD  1 
ATOM   982  O  OE1 A GLU A 1 108 ? 11.062  18.062  -9.614  0.30 9.30  ? 235  GLU A OE1 1 
ATOM   983  O  OE1 B GLU A 1 108 ? 14.782  15.916  -4.840  0.20 9.26  ? 235  GLU A OE1 1 
ATOM   984  O  OE1 C GLU A 1 108 ? 11.250  16.395  -10.321 0.20 9.31  ? 235  GLU A OE1 1 
ATOM   985  O  OE1 D GLU A 1 108 ? 14.833  16.092  -4.423  0.30 8.37  ? 235  GLU A OE1 1 
ATOM   986  O  OE2 A GLU A 1 108 ? 13.270  17.789  -9.446  0.30 8.57  ? 235  GLU A OE2 1 
ATOM   987  O  OE2 B GLU A 1 108 ? 14.141  17.943  -5.216  0.20 10.47 ? 235  GLU A OE2 1 
ATOM   988  O  OE2 C GLU A 1 108 ? 10.966  18.219  -9.142  0.20 10.22 ? 235  GLU A OE2 1 
ATOM   989  O  OE2 D GLU A 1 108 ? 15.526  15.556  -6.398  0.30 9.18  ? 235  GLU A OE2 1 
ATOM   990  N  N   . ARG A 1 109 ? 12.128  16.940  -3.512  1.00 9.57  ? 236  ARG A N   1 
ATOM   991  C  CA  A ARG A 1 109 ? 12.001  17.896  -2.410  0.60 8.85  ? 236  ARG A CA  1 
ATOM   992  C  CA  B ARG A 1 109 ? 12.134  17.974  -2.453  0.40 9.32  ? 236  ARG A CA  1 
ATOM   993  C  C   . ARG A 1 109 ? 11.480  19.258  -2.908  1.00 8.77  ? 236  ARG A C   1 
ATOM   994  O  O   . ARG A 1 109 ? 11.712  19.654  -4.076  1.00 10.34 ? 236  ARG A O   1 
ATOM   995  C  CB  A ARG A 1 109 ? 13.316  18.022  -1.611  0.60 8.47  ? 236  ARG A CB  1 
ATOM   996  C  CB  B ARG A 1 109 ? 13.589  18.327  -2.087  0.40 9.45  ? 236  ARG A CB  1 
ATOM   997  C  CG  A ARG A 1 109 ? 14.465  18.772  -2.318  0.60 8.00  ? 236  ARG A CG  1 
ATOM   998  C  CG  B ARG A 1 109 ? 13.787  19.641  -1.326  0.40 9.60  ? 236  ARG A CG  1 
ATOM   999  C  CD  A ARG A 1 109 ? 15.743  18.792  -1.473  0.60 7.84  ? 236  ARG A CD  1 
ATOM   1000 C  CD  B ARG A 1 109 ? 15.137  19.634  -0.575  0.40 9.60  ? 236  ARG A CD  1 
ATOM   1001 N  NE  A ARG A 1 109 ? 16.901  19.420  -2.135  0.60 7.83  ? 236  ARG A NE  1 
ATOM   1002 N  NE  B ARG A 1 109 ? 16.262  20.034  -1.425  0.40 9.46  ? 236  ARG A NE  1 
ATOM   1003 C  CZ  A ARG A 1 109 ? 18.148  19.406  -1.698  0.60 8.24  ? 236  ARG A CZ  1 
ATOM   1004 C  CZ  B ARG A 1 109 ? 17.530  20.043  -1.034  0.40 9.15  ? 236  ARG A CZ  1 
ATOM   1005 N  NH1 A ARG A 1 109 ? 19.079  20.032  -2.406  0.60 8.42  ? 236  ARG A NH1 1 
ATOM   1006 N  NH1 B ARG A 1 109 ? 18.501  20.436  -1.844  0.40 9.01  ? 236  ARG A NH1 1 
ATOM   1007 N  NH2 A ARG A 1 109 ? 18.483  18.755  -0.574  0.60 8.74  ? 236  ARG A NH2 1 
ATOM   1008 N  NH2 B ARG A 1 109 ? 17.826  19.647  0.198   0.40 9.01  ? 236  ARG A NH2 1 
ATOM   1009 N  N   . ILE A 1 110 ? 10.776  19.929  -2.030  1.00 8.34  ? 237  ILE A N   1 
ATOM   1010 C  CA  . ILE A 1 110 ? 10.254  21.301  -2.234  1.00 9.96  ? 237  ILE A CA  1 
ATOM   1011 C  C   . ILE A 1 110 ? 10.945  22.187  -1.179  1.00 10.89 ? 237  ILE A C   1 
ATOM   1012 O  O   . ILE A 1 110 ? 10.750  21.985  0.043   1.00 10.00 ? 237  ILE A O   1 
ATOM   1013 C  CB  . ILE A 1 110 ? 8.718   21.377  -2.149  1.00 10.57 ? 237  ILE A CB  1 
ATOM   1014 C  CG1 . ILE A 1 110 ? 8.093   20.429  -3.180  1.00 11.25 ? 237  ILE A CG1 1 
ATOM   1015 C  CG2 . ILE A 1 110 ? 8.206   22.832  -2.379  1.00 11.99 ? 237  ILE A CG2 1 
ATOM   1016 C  CD1 . ILE A 1 110 ? 6.605   20.163  -2.937  1.00 12.19 ? 237  ILE A CD1 1 
ATOM   1017 N  N   . GLN A 1 111 ? 11.765  23.160  -1.639  1.00 12.59 ? 238  GLN A N   1 
ATOM   1018 C  CA  . GLN A 1 111 ? 12.573  24.026  -0.743  1.00 14.44 ? 238  GLN A CA  1 
ATOM   1019 C  C   . GLN A 1 111 ? 11.938  25.438  -0.785  1.00 14.20 ? 238  GLN A C   1 
ATOM   1020 O  O   . GLN A 1 111 ? 11.425  25.898  -1.824  1.00 14.07 ? 238  GLN A O   1 
ATOM   1021 C  CB  . GLN A 1 111 ? 14.049  24.185  -1.291  1.00 14.19 ? 238  GLN A CB  1 
ATOM   1022 C  CG  . GLN A 1 111 ? 14.882  22.952  -1.532  1.00 16.74 ? 238  GLN A CG  1 
ATOM   1023 C  CD  . GLN A 1 111 ? 16.348  23.277  -1.618  1.00 19.95 ? 238  GLN A CD  1 
ATOM   1024 O  OE1 . GLN A 1 111 ? 16.780  23.956  -2.549  1.00 21.44 ? 238  GLN A OE1 1 
ATOM   1025 N  NE2 . GLN A 1 111 ? 17.118  22.797  -0.635  1.00 22.22 ? 238  GLN A NE2 1 
ATOM   1026 N  N   . SER A 1 112 ? 12.091  26.176  0.292   1.00 16.81 ? 239  SER A N   1 
ATOM   1027 C  CA  . SER A 1 112 ? 11.736  27.546  0.350   1.00 19.87 ? 239  SER A CA  1 
ATOM   1028 C  C   . SER A 1 112 ? 12.663  28.430  -0.474  1.00 21.33 ? 239  SER A C   1 
ATOM   1029 O  O   . SER A 1 112 ? 12.271  29.625  -0.643  1.00 22.93 ? 239  SER A O   1 
ATOM   1030 C  CB  . SER A 1 112 ? 11.792  28.009  1.805   1.00 23.10 ? 239  SER A CB  1 
ATOM   1031 O  OG  . SER A 1 112 ? 13.108  27.803  2.314   1.00 28.19 ? 239  SER A OG  1 
ATOM   1032 O  OXT . SER A 1 112 ? 13.780  28.020  -0.865  1.00 14.70 ? 239  SER A OXT 1 
HETATM 1033 N  N3  . 5U6 B 2 .   ? -3.278  -16.047 -2.974  1.00 8.59  ? 700  5U6 A N3  1 
HETATM 1034 C  C4  . 5U6 B 2 .   ? -2.659  -14.864 -2.722  1.00 7.84  ? 700  5U6 A C4  1 
HETATM 1035 C  C5  . 5U6 B 2 .   ? -4.742  -13.613 -2.973  1.00 7.45  ? 700  5U6 A C5  1 
HETATM 1036 C  C6  . 5U6 B 2 .   ? -3.328  -13.634 -2.776  1.00 7.58  ? 700  5U6 A C6  1 
HETATM 1037 C  C7  . 5U6 B 2 .   ? -2.580  -12.432 -2.563  1.00 7.41  ? 700  5U6 A C7  1 
HETATM 1038 C  C10 . 5U6 B 2 .   ? -5.462  -12.395 -3.011  1.00 7.73  ? 700  5U6 A C10 1 
HETATM 1039 C  C13 . 5U6 B 2 .   ? -9.064  -11.325 -2.340  1.00 8.48  ? 700  5U6 A C13 1 
HETATM 1040 C  C17 . 5U6 B 2 .   ? -7.667  -11.519 -2.184  1.00 8.64  ? 700  5U6 A C17 1 
HETATM 1041 C  C20 . 5U6 B 2 .   ? -8.979  -12.560 -4.386  1.00 9.43  ? 700  5U6 A C20 1 
HETATM 1042 C  C21 . 5U6 B 2 .   ? -9.739  -11.846 -3.454  1.00 9.04  ? 700  5U6 A C21 1 
HETATM 1043 C  C24 . 5U6 B 2 .   ? -10.965 -9.582  -4.850  1.00 10.64 ? 700  5U6 A C24 1 
HETATM 1044 C  C26 . 5U6 B 2 .   ? -7.587  -10.143 -0.139  1.00 9.58  ? 700  5U6 A C26 1 
HETATM 1045 C  C18 . 5U6 B 2 .   ? -6.899  -12.203 -3.166  1.00 8.17  ? 700  5U6 A C18 1 
HETATM 1046 C  C1  . 5U6 B 2 .   ? -5.385  -14.858 -3.146  1.00 7.53  ? 700  5U6 A C1  1 
HETATM 1047 N  N8  . 5U6 B 2 .   ? -3.304  -11.283 -2.624  1.00 7.42  ? 700  5U6 A N8  1 
HETATM 1048 C  C2  . 5U6 B 2 .   ? -4.665  -16.054 -3.160  1.00 8.04  ? 700  5U6 A C2  1 
HETATM 1049 C  C16 . 5U6 B 2 .   ? -13.083 -10.814 -4.981  1.00 12.07 ? 700  5U6 A C16 1 
HETATM 1050 O  O25 . 5U6 B 2 .   ? -6.987  -11.059 -1.041  1.00 9.00  ? 700  5U6 A O25 1 
HETATM 1051 C  C9  . 5U6 B 2 .   ? -4.708  -11.249 -2.839  1.00 7.38  ? 700  5U6 A C9  1 
HETATM 1052 C  C12 . 5U6 B 2 .   ? -2.573  -9.972  -2.391  1.00 6.77  ? 700  5U6 A C12 1 
HETATM 1053 C  C19 . 5U6 B 2 .   ? -7.574  -12.762 -4.246  1.00 8.93  ? 700  5U6 A C19 1 
HETATM 1054 C  C14 . 5U6 B 2 .   ? -11.190 -11.671 -3.597  1.00 9.63  ? 700  5U6 A C14 1 
HETATM 1055 O  O22 . 5U6 B 2 .   ? -9.723  -13.056 -5.419  1.00 10.09 ? 700  5U6 A O22 1 
HETATM 1056 N  N15 . 5U6 B 2 .   ? -11.572 -10.944 -4.820  1.00 10.84 ? 700  5U6 A N15 1 
HETATM 1057 O  O11 . 5U6 B 2 .   ? -1.318  -12.393 -2.299  1.00 7.88  ? 700  5U6 A O11 1 
HETATM 1058 C  C23 . 5U6 B 2 .   ? -9.061  -13.890 -6.443  1.00 10.25 ? 700  5U6 A C23 1 
HETATM 1059 ZN ZN  . ZN  C 3 .   ? 10.463  5.533   4.598   0.50 5.53  ? 701  ZN  A ZN  1 
HETATM 1060 ZN ZN  . ZN  D 3 .   ? 10.254  -3.249  -9.883  1.00 10.18 ? 702  ZN  A ZN  1 
HETATM 1061 CL CL  . CL  E 4 .   ? 9.212   -4.452  -8.354  1.00 21.34 ? 703  CL  A CL  1 
HETATM 1062 CL CL  . CL  F 4 .   ? 10.627  -4.442  -11.725 1.00 24.48 ? 704  CL  A CL  1 
HETATM 1063 CL CL  . CL  G 4 .   ? -11.917 -9.464  -0.516  1.00 34.62 ? 705  CL  A CL  1 
HETATM 1064 MG MG  . MG  H 5 .   ? 11.141  12.173  6.679   0.50 8.41  ? 706  MG  A MG  1 
HETATM 1065 C  C1  . EDO I 6 .   ? -3.090  -4.614  -9.760  1.00 14.49 ? 707  EDO A C1  1 
HETATM 1066 O  O1  . EDO I 6 .   ? -3.196  -3.670  -10.839 1.00 15.86 ? 707  EDO A O1  1 
HETATM 1067 C  C2  . EDO I 6 .   ? -4.339  -5.523  -9.781  1.00 13.47 ? 707  EDO A C2  1 
HETATM 1068 O  O2  . EDO I 6 .   ? -5.611  -4.875  -9.584  1.00 13.51 ? 707  EDO A O2  1 
HETATM 1069 C  C1  . EDO J 6 .   ? -5.514  -16.542 10.436  1.00 18.00 ? 708  EDO A C1  1 
HETATM 1070 O  O1  . EDO J 6 .   ? -5.690  -15.174 10.848  1.00 21.05 ? 708  EDO A O1  1 
HETATM 1071 C  C2  . EDO J 6 .   ? -6.714  -16.911 9.549   1.00 15.48 ? 708  EDO A C2  1 
HETATM 1072 O  O2  . EDO J 6 .   ? -6.739  -16.177 8.308   1.00 13.33 ? 708  EDO A O2  1 
HETATM 1073 C  C1  . EDO K 6 .   ? -10.993 -20.251 -1.402  1.00 35.66 ? 709  EDO A C1  1 
HETATM 1074 O  O1  . EDO K 6 .   ? -11.972 -20.816 -2.266  1.00 43.20 ? 709  EDO A O1  1 
HETATM 1075 C  C2  . EDO K 6 .   ? -11.719 -19.217 -0.577  1.00 37.79 ? 709  EDO A C2  1 
HETATM 1076 O  O2  . EDO K 6 .   ? -11.999 -18.050 -1.363  1.00 39.80 ? 709  EDO A O2  1 
HETATM 1077 C  C1  . EDO L 6 .   ? 6.801   -20.067 -0.753  1.00 29.21 ? 710  EDO A C1  1 
HETATM 1078 O  O1  . EDO L 6 .   ? 6.549   -19.661 -2.121  1.00 32.40 ? 710  EDO A O1  1 
HETATM 1079 C  C2  . EDO L 6 .   ? 6.272   -18.987 0.177   1.00 29.77 ? 710  EDO A C2  1 
HETATM 1080 O  O2  . EDO L 6 .   ? 4.808   -18.968 0.170   1.00 28.13 ? 710  EDO A O2  1 
HETATM 1081 C  C1  . EDO M 6 .   ? 10.242  0.002   -7.240  1.00 30.47 ? 711  EDO A C1  1 
HETATM 1082 O  O1  . EDO M 6 .   ? 10.325  0.212   -5.812  1.00 34.97 ? 711  EDO A O1  1 
HETATM 1083 C  C2  . EDO M 6 .   ? 9.050   0.806   -7.766  1.00 29.53 ? 711  EDO A C2  1 
HETATM 1084 O  O2  . EDO M 6 .   ? 9.420   2.108   -8.220  1.00 27.78 ? 711  EDO A O2  1 
HETATM 1085 C  C1  . EDO N 6 .   ? 5.953   -2.986  -13.913 1.00 30.10 ? 712  EDO A C1  1 
HETATM 1086 O  O1  . EDO N 6 .   ? 5.081   -1.962  -14.456 1.00 28.92 ? 712  EDO A O1  1 
HETATM 1087 C  C2  . EDO N 6 .   ? 5.367   -4.402  -14.115 1.00 28.53 ? 712  EDO A C2  1 
HETATM 1088 O  O2  . EDO N 6 .   ? 4.071   -4.451  -14.735 1.00 28.83 ? 712  EDO A O2  1 
HETATM 1089 C  C1  . EDO O 6 .   ? -1.138  8.196   -12.249 1.00 35.90 ? 713  EDO A C1  1 
HETATM 1090 O  O1  . EDO O 6 .   ? 0.263   8.378   -12.545 1.00 35.63 ? 713  EDO A O1  1 
HETATM 1091 C  C2  . EDO O 6 .   ? -2.068  8.502   -13.426 1.00 38.41 ? 713  EDO A C2  1 
HETATM 1092 O  O2  . EDO O 6 .   ? -2.264  7.374   -14.308 1.00 34.67 ? 713  EDO A O2  1 
HETATM 1093 C  C1  A EDO P 6 .   ? 8.132   -11.699 6.655   0.80 25.24 ? 714  EDO A C1  1 
HETATM 1094 C  C1  B EDO P 6 .   ? 8.271   -12.407 6.258   0.20 6.00  ? 714  EDO A C1  1 
HETATM 1095 O  O1  A EDO P 6 .   ? 6.779   -11.510 7.025   0.80 18.56 ? 714  EDO A O1  1 
HETATM 1096 O  O1  B EDO P 6 .   ? 7.091   -11.891 6.912   0.20 5.73  ? 714  EDO A O1  1 
HETATM 1097 C  C2  A EDO P 6 .   ? 8.721   -12.708 7.626   0.80 25.89 ? 714  EDO A C2  1 
HETATM 1098 C  C2  B EDO P 6 .   ? 9.291   -12.834 7.327   0.20 5.99  ? 714  EDO A C2  1 
HETATM 1099 O  O2  A EDO P 6 .   ? 8.298   -14.047 7.297   0.80 25.03 ? 714  EDO A O2  1 
HETATM 1100 O  O2  B EDO P 6 .   ? 8.669   -13.036 8.626   0.20 6.18  ? 714  EDO A O2  1 
HETATM 1101 C  C1  . EDO Q 6 .   ? 1.166   -7.779  -16.336 1.00 45.63 ? 715  EDO A C1  1 
HETATM 1102 O  O1  . EDO Q 6 .   ? 1.653   -6.792  -15.451 1.00 41.38 ? 715  EDO A O1  1 
HETATM 1103 C  C2  . EDO Q 6 .   ? 1.909   -9.062  -16.052 1.00 44.03 ? 715  EDO A C2  1 
HETATM 1104 O  O2  . EDO Q 6 .   ? 2.208   -9.710  -17.288 1.00 49.86 ? 715  EDO A O2  1 
HETATM 1105 C  C1  . EDO R 6 .   ? 13.142  20.439  1.850   1.00 35.63 ? 716  EDO A C1  1 
HETATM 1106 O  O1  . EDO R 6 .   ? 12.310  21.347  2.543   1.00 39.98 ? 716  EDO A O1  1 
HETATM 1107 C  C2  . EDO R 6 .   ? 14.136  19.790  2.825   1.00 40.02 ? 716  EDO A C2  1 
HETATM 1108 O  O2  . EDO R 6 .   ? 14.363  18.397  2.508   1.00 39.58 ? 716  EDO A O2  1 
HETATM 1109 C  C1  . EDO S 6 .   ? 0.723   4.456   -14.846 1.00 32.64 ? 717  EDO A C1  1 
HETATM 1110 O  O1  . EDO S 6 .   ? 1.877   4.197   -14.097 1.00 24.47 ? 717  EDO A O1  1 
HETATM 1111 C  C2  . EDO S 6 .   ? 0.145   3.119   -15.202 1.00 32.44 ? 717  EDO A C2  1 
HETATM 1112 O  O2  . EDO S 6 .   ? -1.199  3.172   -14.765 1.00 31.83 ? 717  EDO A O2  1 
HETATM 1113 O  O   . HOH T 7 .   ? -12.551 2.151   13.879  1.00 31.44 ? 801  HOH A O   1 
HETATM 1114 O  O   . HOH T 7 .   ? 8.127   -16.239 7.546   1.00 23.00 ? 802  HOH A O   1 
HETATM 1115 O  O   . HOH T 7 .   ? 0.996   13.991  13.850  1.00 43.71 ? 803  HOH A O   1 
HETATM 1116 O  O   . HOH T 7 .   ? 3.345   14.573  11.941  1.00 38.31 ? 804  HOH A O   1 
HETATM 1117 O  O   . HOH T 7 .   ? 12.337  1.000   0.210   1.00 36.99 ? 805  HOH A O   1 
HETATM 1118 O  O   . HOH T 7 .   ? 15.033  18.289  -7.385  1.00 36.57 ? 806  HOH A O   1 
HETATM 1119 O  O   . HOH T 7 .   ? -1.804  1.224   13.783  1.00 34.61 ? 807  HOH A O   1 
HETATM 1120 O  O   . HOH T 7 .   ? -7.515  -1.810  11.229  1.00 33.02 ? 808  HOH A O   1 
HETATM 1121 O  O   . HOH T 7 .   ? -4.500  -13.679 9.386   1.00 32.06 ? 809  HOH A O   1 
HETATM 1122 O  O   . HOH T 7 .   ? -0.019  9.913   14.326  1.00 35.19 ? 810  HOH A O   1 
HETATM 1123 O  O   . HOH T 7 .   ? 17.034  18.202  2.001   1.00 29.35 ? 811  HOH A O   1 
HETATM 1124 O  O   . HOH T 7 .   ? -7.330  14.627  14.066  1.00 48.14 ? 812  HOH A O   1 
HETATM 1125 O  O   . HOH T 7 .   ? 5.721   -9.370  6.391   1.00 13.05 ? 813  HOH A O   1 
HETATM 1126 O  O   . HOH T 7 .   ? -8.534  10.574  -7.396  1.00 48.83 ? 814  HOH A O   1 
HETATM 1127 O  O   . HOH T 7 .   ? 7.054   -9.842  -12.466 1.00 22.02 ? 815  HOH A O   1 
HETATM 1128 O  O   . HOH T 7 .   ? 8.799   17.019  -10.215 1.00 41.52 ? 816  HOH A O   1 
HETATM 1129 O  O   . HOH T 7 .   ? -0.816  12.402  13.382  1.00 49.38 ? 817  HOH A O   1 
HETATM 1130 O  O   . HOH T 7 .   ? 3.599   -6.982  -13.799 1.00 14.64 ? 818  HOH A O   1 
HETATM 1131 O  O   . HOH T 7 .   ? 7.507   -17.620 -3.354  1.00 28.97 ? 819  HOH A O   1 
HETATM 1132 O  O   . HOH T 7 .   ? 11.350  20.209  4.651   1.00 46.64 ? 820  HOH A O   1 
HETATM 1133 O  O   . HOH T 7 .   ? -5.806  -5.214  9.618   1.00 35.67 ? 821  HOH A O   1 
HETATM 1134 O  O   . HOH T 7 .   ? 0.727   10.502  -11.136 1.00 38.68 ? 822  HOH A O   1 
HETATM 1135 O  O   . HOH T 7 .   ? -10.067 9.382   6.922   1.00 29.95 ? 823  HOH A O   1 
HETATM 1136 O  O   . HOH T 7 .   ? -9.008  7.190   3.171   1.00 30.26 ? 824  HOH A O   1 
HETATM 1137 O  O   . HOH T 7 .   ? 0.152   -10.825 -0.298  1.00 7.71  ? 825  HOH A O   1 
HETATM 1138 O  O   . HOH T 7 .   ? 13.174  20.045  -10.771 1.00 33.56 ? 826  HOH A O   1 
HETATM 1139 O  O   . HOH T 7 .   ? 2.669   -3.393  -16.681 1.00 37.27 ? 827  HOH A O   1 
HETATM 1140 O  O   . HOH T 7 .   ? 0.667   -15.503 -14.430 1.00 27.11 ? 828  HOH A O   1 
HETATM 1141 O  O   . HOH T 7 .   ? 0.072   -12.699 9.716   1.00 26.80 ? 829  HOH A O   1 
HETATM 1142 O  O   . HOH T 7 .   ? 0.834   -0.034  -15.318 1.00 25.06 ? 830  HOH A O   1 
HETATM 1143 O  O   . HOH T 7 .   ? -9.226  14.712  12.598  1.00 42.79 ? 831  HOH A O   1 
HETATM 1144 O  O   . HOH T 7 .   ? 8.261   8.242   10.305  1.00 13.25 ? 832  HOH A O   1 
HETATM 1145 O  O   . HOH T 7 .   ? -12.465 -0.123  1.671   1.00 32.49 ? 833  HOH A O   1 
HETATM 1146 O  O   . HOH T 7 .   ? -8.257  -1.825  -3.859  1.00 11.49 ? 834  HOH A O   1 
HETATM 1147 O  O   . HOH T 7 .   ? 7.906   -23.346 -2.495  1.00 51.01 ? 835  HOH A O   1 
HETATM 1148 O  O   . HOH T 7 .   ? 0.733   5.805   -11.974 1.00 14.36 ? 836  HOH A O   1 
HETATM 1149 O  O   . HOH T 7 .   ? -3.466  -6.816  6.111   1.00 10.64 ? 837  HOH A O   1 
HETATM 1150 O  O   . HOH T 7 .   ? -4.782  4.133   17.235  1.00 37.95 ? 838  HOH A O   1 
HETATM 1151 O  O   . HOH T 7 .   ? -8.539  -22.701 0.829   1.00 13.98 ? 839  HOH A O   1 
HETATM 1152 O  O   . HOH T 7 .   ? -3.330  -14.349 11.828  1.00 37.11 ? 840  HOH A O   1 
HETATM 1153 O  O   . HOH T 7 .   ? -4.687  18.705  2.604   1.00 22.10 ? 841  HOH A O   1 
HETATM 1154 O  O   . HOH T 7 .   ? -3.677  -21.510 8.795   1.00 17.41 ? 842  HOH A O   1 
HETATM 1155 O  O   . HOH T 7 .   ? -11.598 2.788   8.211   1.00 28.82 ? 843  HOH A O   1 
HETATM 1156 O  O   . HOH T 7 .   ? -2.141  14.813  15.220  1.00 47.44 ? 844  HOH A O   1 
HETATM 1157 O  O   . HOH T 7 .   ? -1.395  0.601   -13.947 1.00 41.56 ? 845  HOH A O   1 
HETATM 1158 O  O   . HOH T 7 .   ? 7.424   -7.451  2.739   1.00 16.94 ? 846  HOH A O   1 
HETATM 1159 O  O   . HOH T 7 .   ? -0.216  -8.101  0.004   1.00 13.24 ? 847  HOH A O   1 
HETATM 1160 O  O   . HOH T 7 .   ? 6.545   10.543  -9.515  1.00 22.96 ? 848  HOH A O   1 
HETATM 1161 O  O   . HOH T 7 .   ? -8.237  -13.945 8.625   1.00 26.24 ? 849  HOH A O   1 
HETATM 1162 O  O   . HOH T 7 .   ? 9.377   -20.110 -9.158  1.00 34.65 ? 850  HOH A O   1 
HETATM 1163 O  O   . HOH T 7 .   ? -11.345 -9.337  -8.993  1.00 12.30 ? 851  HOH A O   1 
HETATM 1164 O  O   . HOH T 7 .   ? -2.471  -7.275  0.982   1.00 13.98 ? 852  HOH A O   1 
HETATM 1165 O  O   . HOH T 7 .   ? 3.697   -11.123 13.653  1.00 33.20 ? 853  HOH A O   1 
HETATM 1166 O  O   . HOH T 7 .   ? -12.667 -3.246  -3.140  1.00 18.42 ? 854  HOH A O   1 
HETATM 1167 O  O   . HOH T 7 .   ? 8.043   10.393  8.479   1.00 17.63 ? 855  HOH A O   1 
HETATM 1168 O  O   . HOH T 7 .   ? 4.795   -10.265 -16.606 1.00 35.60 ? 856  HOH A O   1 
HETATM 1169 O  O   . HOH T 7 .   ? 14.656  29.752  3.442   1.00 33.82 ? 857  HOH A O   1 
HETATM 1170 O  O   . HOH T 7 .   ? 7.148   -12.522 -12.788 1.00 21.26 ? 858  HOH A O   1 
HETATM 1171 O  O   . HOH T 7 .   ? -11.940 4.234   13.523  1.00 40.12 ? 859  HOH A O   1 
HETATM 1172 O  O   . HOH T 7 .   ? -1.688  -20.467 -2.123  1.00 26.37 ? 860  HOH A O   1 
HETATM 1173 O  O   . HOH T 7 .   ? -10.793 10.793  11.579  1.00 31.80 ? 861  HOH A O   1 
HETATM 1174 O  O   . HOH T 7 .   ? -3.051  14.391  11.212  1.00 23.95 ? 862  HOH A O   1 
HETATM 1175 O  O   . HOH T 7 .   ? -6.361  -17.727 -6.228  1.00 19.45 ? 863  HOH A O   1 
HETATM 1176 O  O   . HOH T 7 .   ? 1.039   -14.122 11.337  1.00 32.75 ? 864  HOH A O   1 
HETATM 1177 O  O   . HOH T 7 .   ? -12.761 -16.111 0.449   1.00 34.58 ? 865  HOH A O   1 
HETATM 1178 O  O   . HOH T 7 .   ? 0.071   -17.893 -5.490  1.00 14.80 ? 866  HOH A O   1 
HETATM 1179 O  O   . HOH T 7 .   ? -3.268  -11.084 6.234   1.00 11.13 ? 867  HOH A O   1 
HETATM 1180 O  O   . HOH T 7 .   ? -11.578 -15.252 3.081   1.00 22.58 ? 868  HOH A O   1 
HETATM 1181 O  O   . HOH T 7 .   ? -11.472 18.312  1.264   1.00 47.77 ? 869  HOH A O   1 
HETATM 1182 O  O   . HOH T 7 .   ? -3.701  9.077   -10.468 1.00 20.77 ? 870  HOH A O   1 
HETATM 1183 O  O   . HOH T 7 .   ? -4.925  -7.844  0.092   1.00 8.36  ? 871  HOH A O   1 
HETATM 1184 O  O   . HOH T 7 .   ? -9.802  1.338   -11.534 1.00 25.83 ? 872  HOH A O   1 
HETATM 1185 O  O   . HOH T 7 .   ? 10.426  -4.533  -2.192  1.00 27.29 ? 873  HOH A O   1 
HETATM 1186 O  O   . HOH T 7 .   ? -0.209  -8.466  3.285   1.00 9.17  ? 874  HOH A O   1 
HETATM 1187 O  O   . HOH T 7 .   ? -2.420  11.818  9.826   1.00 28.47 ? 875  HOH A O   1 
HETATM 1188 O  O   . HOH T 7 .   ? 10.265  -7.472  -14.370 1.00 34.44 ? 876  HOH A O   1 
HETATM 1189 O  O   . HOH T 7 .   ? 11.665  8.652   0.817   1.00 11.51 ? 877  HOH A O   1 
HETATM 1190 O  O   . HOH T 7 .   ? -12.658 -2.595  -11.259 1.00 26.12 ? 878  HOH A O   1 
HETATM 1191 O  O   . HOH T 7 .   ? -10.471 -10.036 4.485   1.00 19.86 ? 879  HOH A O   1 
HETATM 1192 O  O   . HOH T 7 .   ? 12.383  -1.090  -4.460  1.00 17.21 ? 880  HOH A O   1 
HETATM 1193 O  O   . HOH T 7 .   ? -4.367  -4.005  -13.345 1.00 17.06 ? 881  HOH A O   1 
HETATM 1194 O  O   . HOH T 7 .   ? 3.620   -21.442 0.708   1.00 34.49 ? 882  HOH A O   1 
HETATM 1195 O  O   . HOH T 7 .   ? -9.495  -7.503  -1.278  1.00 13.44 ? 883  HOH A O   1 
HETATM 1196 O  O   . HOH T 7 .   ? -5.072  6.736   -10.108 1.00 15.40 ? 884  HOH A O   1 
HETATM 1197 O  O   . HOH T 7 .   ? 5.329   -20.209 10.654  1.00 43.36 ? 885  HOH A O   1 
HETATM 1198 O  O   . HOH T 7 .   ? 2.986   -0.347  -13.523 1.00 11.78 ? 886  HOH A O   1 
HETATM 1199 O  O   . HOH T 7 .   ? 7.950   4.627   7.750   1.00 9.10  ? 887  HOH A O   1 
HETATM 1200 O  O   . HOH T 7 .   ? 1.677   -5.464  9.964   1.00 17.67 ? 888  HOH A O   1 
HETATM 1201 O  O   . HOH T 7 .   ? -10.476 5.131   -5.618  1.00 18.82 ? 889  HOH A O   1 
HETATM 1202 O  O   . HOH T 7 .   ? -8.895  -12.548 2.059   1.00 18.07 ? 890  HOH A O   1 
HETATM 1203 O  O   . HOH T 7 .   ? 1.954   12.920  -4.770  1.00 39.88 ? 891  HOH A O   1 
HETATM 1204 O  O   . HOH T 7 .   ? -9.711  6.827   5.969   1.00 24.81 ? 892  HOH A O   1 
HETATM 1205 O  O   . HOH T 7 .   ? 3.930   2.279   -13.814 1.00 16.51 ? 893  HOH A O   1 
HETATM 1206 O  O   . HOH T 7 .   ? -6.162  1.334   -13.381 1.00 34.97 ? 894  HOH A O   1 
HETATM 1207 O  O   . HOH T 7 .   ? 5.681   17.864  -6.289  1.00 38.08 ? 895  HOH A O   1 
HETATM 1208 O  O   . HOH T 7 .   ? -6.814  22.221  2.786   1.00 36.81 ? 896  HOH A O   1 
HETATM 1209 O  O   . HOH T 7 .   ? 9.761   11.755  2.747   1.00 15.32 ? 897  HOH A O   1 
HETATM 1210 O  O   . HOH T 7 .   ? 19.602  23.679  -2.606  1.00 22.67 ? 898  HOH A O   1 
HETATM 1211 O  O   . HOH T 7 .   ? -7.988  -17.724 -3.634  1.00 35.39 ? 899  HOH A O   1 
HETATM 1212 O  O   . HOH T 7 .   ? -3.898  -14.618 7.033   1.00 11.35 ? 900  HOH A O   1 
HETATM 1213 O  O   . HOH T 7 .   ? -1.545  -0.462  -11.794 1.00 20.11 ? 901  HOH A O   1 
HETATM 1214 O  O   . HOH T 7 .   ? -0.664  11.962  -9.528  1.00 24.84 ? 902  HOH A O   1 
HETATM 1215 O  O   . HOH T 7 .   ? 21.310  18.429  -0.516  1.00 27.33 ? 903  HOH A O   1 
HETATM 1216 O  O   . HOH T 7 .   ? -9.740  5.239   -1.385  1.00 21.08 ? 904  HOH A O   1 
HETATM 1217 O  O   . HOH T 7 .   ? -10.219 -1.039  0.695   1.00 15.47 ? 905  HOH A O   1 
HETATM 1218 O  O   . HOH T 7 .   ? -5.855  2.025   13.131  1.00 26.50 ? 906  HOH A O   1 
HETATM 1219 O  O   . HOH T 7 .   ? 8.159   -0.905  3.526   1.00 17.97 ? 907  HOH A O   1 
HETATM 1220 O  O   . HOH T 7 .   ? 7.569   3.778   -10.372 1.00 20.14 ? 908  HOH A O   1 
HETATM 1221 O  O   . HOH T 7 .   ? 11.329  21.013  -8.659  1.00 19.72 ? 909  HOH A O   1 
HETATM 1222 O  O   . HOH T 7 .   ? 3.706   -6.671  12.888  1.00 27.06 ? 910  HOH A O   1 
HETATM 1223 O  O   . HOH T 7 .   ? 0.061   -11.462 -16.556 1.00 34.29 ? 911  HOH A O   1 
HETATM 1224 O  O   . HOH T 7 .   ? -1.794  -4.941  9.624   1.00 25.16 ? 912  HOH A O   1 
HETATM 1225 O  O   . HOH T 7 .   ? 8.875   15.986  -8.284  1.00 31.96 ? 913  HOH A O   1 
HETATM 1226 O  O   . HOH T 7 .   ? 8.415   2.635   -12.847 1.00 31.80 ? 914  HOH A O   1 
HETATM 1227 O  O   . HOH T 7 .   ? 1.096   -0.336  11.119  1.00 38.14 ? 915  HOH A O   1 
HETATM 1228 O  O   . HOH T 7 .   ? -5.730  6.319   17.631  1.00 35.71 ? 916  HOH A O   1 
HETATM 1229 O  O   . HOH T 7 .   ? 15.472  30.351  -0.881  1.00 25.85 ? 917  HOH A O   1 
HETATM 1230 O  O   . HOH T 7 .   ? 5.887   -16.197 -15.633 1.00 42.73 ? 918  HOH A O   1 
HETATM 1231 O  O   . HOH T 7 .   ? -11.074 0.748   6.537   1.00 23.72 ? 919  HOH A O   1 
HETATM 1232 O  O   . HOH T 7 .   ? -10.337 7.492   15.760  1.00 43.15 ? 920  HOH A O   1 
HETATM 1233 O  O   . HOH T 7 .   ? 16.166  26.938  0.346   1.00 33.57 ? 921  HOH A O   1 
HETATM 1234 O  O   . HOH T 7 .   ? -9.335  14.376  0.458   1.00 39.24 ? 922  HOH A O   1 
HETATM 1235 O  O   . HOH T 7 .   ? 8.844   -15.383 -4.455  1.00 12.84 ? 923  HOH A O   1 
HETATM 1236 O  O   . HOH T 7 .   ? 3.257   12.389  -2.699  1.00 22.38 ? 924  HOH A O   1 
HETATM 1237 O  O   . HOH T 7 .   ? -3.200  9.579   10.332  1.00 20.45 ? 925  HOH A O   1 
HETATM 1238 O  O   . HOH T 7 .   ? 15.514  15.944  -9.374  1.00 36.01 ? 926  HOH A O   1 
HETATM 1239 O  O   . HOH T 7 .   ? -1.178  13.732  -6.237  1.00 37.51 ? 927  HOH A O   1 
HETATM 1240 O  O   . HOH T 7 .   ? -2.175  -18.593 -3.855  1.00 14.98 ? 928  HOH A O   1 
HETATM 1241 O  O   . HOH T 7 .   ? -12.735 -0.440  4.559   1.00 34.26 ? 929  HOH A O   1 
HETATM 1242 O  O   . HOH T 7 .   ? -2.854  14.554  -1.631  1.00 19.57 ? 930  HOH A O   1 
HETATM 1243 O  O   . HOH T 7 .   ? 8.736   -3.318  2.085   1.00 17.91 ? 931  HOH A O   1 
HETATM 1244 O  O   . HOH T 7 .   ? 1.549   4.242   14.030  1.00 41.41 ? 932  HOH A O   1 
HETATM 1245 O  O   . HOH T 7 .   ? 3.584   -15.788 14.439  1.00 43.19 ? 933  HOH A O   1 
HETATM 1246 O  O   . HOH T 7 .   ? 4.029   14.416  4.955   1.00 16.45 ? 934  HOH A O   1 
HETATM 1247 O  O   . HOH T 7 .   ? -8.536  20.275  6.821   1.00 41.43 ? 935  HOH A O   1 
HETATM 1248 O  O   . HOH T 7 .   ? -3.328  13.724  -4.215  1.00 35.73 ? 936  HOH A O   1 
HETATM 1249 O  O   . HOH T 7 .   ? 17.976  26.541  -1.679  1.00 26.94 ? 937  HOH A O   1 
HETATM 1250 O  O   . HOH T 7 .   ? -5.557  3.951   -14.122 1.00 35.77 ? 938  HOH A O   1 
HETATM 1251 O  O   . HOH T 7 .   ? -1.519  -17.457 -10.545 1.00 15.63 ? 939  HOH A O   1 
HETATM 1252 O  O   A HOH T 7 .   ? -0.722  -12.435 7.655   0.50 14.53 ? 940  HOH A O   1 
HETATM 1253 O  O   B HOH T 7 .   ? -2.428  -12.646 8.143   0.50 16.18 ? 940  HOH A O   1 
HETATM 1254 O  O   . HOH T 7 .   ? 3.837   15.403  7.652   1.00 33.99 ? 941  HOH A O   1 
HETATM 1255 O  O   . HOH T 7 .   ? -5.556  0.049   11.011  1.00 19.53 ? 942  HOH A O   1 
HETATM 1256 O  O   . HOH T 7 .   ? -2.067  -18.138 12.586  1.00 41.61 ? 943  HOH A O   1 
HETATM 1257 O  O   . HOH T 7 .   ? 10.884  2.896   0.571   1.00 15.19 ? 944  HOH A O   1 
HETATM 1258 O  O   . HOH T 7 .   ? 5.909   -0.132  6.627   1.00 11.80 ? 945  HOH A O   1 
HETATM 1259 O  O   . HOH T 7 .   ? -3.070  -9.007  4.312   1.00 10.80 ? 946  HOH A O   1 
HETATM 1260 O  O   . HOH T 7 .   ? 1.374   1.527   12.948  1.00 47.53 ? 947  HOH A O   1 
HETATM 1261 O  O   . HOH T 7 .   ? 2.605   -19.162 -5.392  1.00 13.72 ? 948  HOH A O   1 
HETATM 1262 O  O   . HOH T 7 .   ? -9.973  -0.772  -5.863  1.00 19.96 ? 949  HOH A O   1 
HETATM 1263 O  O   . HOH T 7 .   ? 8.229   8.646   -10.430 1.00 35.96 ? 950  HOH A O   1 
HETATM 1264 O  O   . HOH T 7 .   ? 3.288   -20.056 -3.055  1.00 24.63 ? 951  HOH A O   1 
HETATM 1265 O  O   . HOH T 7 .   ? -11.710 9.061   0.365   1.00 41.25 ? 952  HOH A O   1 
HETATM 1266 O  O   . HOH T 7 .   ? 6.720   12.832  3.967   1.00 14.61 ? 953  HOH A O   1 
HETATM 1267 O  O   . HOH T 7 .   ? 10.271  0.985   2.834   1.00 22.74 ? 954  HOH A O   1 
HETATM 1268 O  O   . HOH T 7 .   ? 15.578  17.078  -11.557 1.00 38.56 ? 955  HOH A O   1 
HETATM 1269 O  O   . HOH T 7 .   ? -11.435 -1.979  -7.399  1.00 34.98 ? 956  HOH A O   1 
HETATM 1270 O  O   . HOH T 7 .   ? -1.969  18.483  9.363   1.00 21.11 ? 957  HOH A O   1 
HETATM 1271 O  O   . HOH T 7 .   ? 8.389   6.272   -9.230  1.00 30.92 ? 958  HOH A O   1 
HETATM 1272 O  O   . HOH T 7 .   ? -13.365 -6.008  -8.788  1.00 31.03 ? 959  HOH A O   1 
HETATM 1273 O  O   . HOH T 7 .   ? -5.899  6.035   -12.741 1.00 29.85 ? 960  HOH A O   1 
HETATM 1274 O  O   . HOH T 7 .   ? 1.639   14.270  -2.368  1.00 37.30 ? 961  HOH A O   1 
HETATM 1275 O  O   . HOH T 7 .   ? -10.436 14.474  2.767   1.00 34.73 ? 962  HOH A O   1 
HETATM 1276 O  O   . HOH T 7 .   ? 11.186  -18.561 -9.978  1.00 40.31 ? 963  HOH A O   1 
HETATM 1277 O  O   . HOH T 7 .   ? -6.106  17.308  0.442   1.00 35.43 ? 964  HOH A O   1 
HETATM 1278 O  O   . HOH T 7 .   ? 10.332  -10.401 -14.891 1.00 36.58 ? 965  HOH A O   1 
HETATM 1279 O  O   . HOH T 7 .   ? 8.333   -18.759 7.715   1.00 33.34 ? 966  HOH A O   1 
HETATM 1280 O  O   . HOH T 7 .   ? -12.399 2.324   -2.435  1.00 47.39 ? 967  HOH A O   1 
HETATM 1281 O  O   . HOH T 7 .   ? -7.736  20.469  11.259  1.00 35.86 ? 968  HOH A O   1 
HETATM 1282 O  O   . HOH T 7 .   ? 16.129  25.847  2.415   1.00 38.34 ? 969  HOH A O   1 
HETATM 1283 O  O   . HOH T 7 .   ? -10.995 2.812   -6.717  1.00 36.02 ? 970  HOH A O   1 
HETATM 1284 O  O   . HOH T 7 .   ? 0.823   -19.567 -11.971 1.00 42.61 ? 971  HOH A O   1 
HETATM 1285 O  O   . HOH T 7 .   ? -10.018 7.123   0.711   1.00 27.69 ? 972  HOH A O   1 
HETATM 1286 O  O   . HOH T 7 .   ? -11.783 -16.874 -4.836  1.00 44.34 ? 973  HOH A O   1 
HETATM 1287 O  O   . HOH T 7 .   ? -0.185  18.931  7.399   1.00 24.59 ? 974  HOH A O   1 
HETATM 1288 O  O   . HOH T 7 .   ? -12.927 -14.751 -4.325  1.00 33.25 ? 975  HOH A O   1 
HETATM 1289 O  O   . HOH T 7 .   ? -0.279  17.705  4.671   1.00 31.58 ? 976  HOH A O   1 
HETATM 1290 O  O   . HOH T 7 .   ? -13.841 13.908  -0.611  1.00 43.06 ? 977  HOH A O   1 
HETATM 1291 O  O   . HOH T 7 .   ? -12.631 10.147  2.631   1.00 46.81 ? 978  HOH A O   1 
HETATM 1292 O  O   . HOH T 7 .   ? 7.567   -11.308 13.962  1.00 39.37 ? 979  HOH A O   1 
HETATM 1293 O  O   . HOH T 7 .   ? -13.735 -7.903  -7.639  1.00 28.26 ? 980  HOH A O   1 
HETATM 1294 O  O   . HOH T 7 .   ? 14.294  0.516   -5.336  1.00 27.28 ? 981  HOH A O   1 
HETATM 1295 O  O   . HOH T 7 .   ? -3.930  0.211   -13.753 1.00 40.11 ? 982  HOH A O   1 
HETATM 1296 O  O   . HOH T 7 .   ? 2.152   16.498  -7.740  1.00 42.65 ? 983  HOH A O   1 
HETATM 1297 O  O   . HOH T 7 .   ? -11.629 4.809   -3.208  1.00 27.35 ? 984  HOH A O   1 
HETATM 1298 O  O   . HOH T 7 .   ? -12.089 0.850   -4.376  1.00 49.02 ? 985  HOH A O   1 
HETATM 1299 O  O   . HOH T 7 .   ? 7.915   -6.657  -15.414 1.00 45.58 ? 986  HOH A O   1 
HETATM 1300 O  O   . HOH T 7 .   ? -1.273  16.866  11.262  1.00 32.26 ? 987  HOH A O   1 
HETATM 1301 O  O   . HOH T 7 .   ? -12.289 5.449   6.569   1.00 40.56 ? 988  HOH A O   1 
HETATM 1302 O  O   . HOH T 7 .   ? -4.127  -7.376  8.765   1.00 26.05 ? 989  HOH A O   1 
HETATM 1303 O  O   . HOH T 7 .   ? -4.236  -19.415 -5.379  1.00 31.27 ? 990  HOH A O   1 
HETATM 1304 O  O   . HOH T 7 .   ? 5.718   -8.594  -14.518 1.00 20.80 ? 991  HOH A O   1 
HETATM 1305 O  O   . HOH T 7 .   ? 1.127   -6.642  12.131  1.00 44.51 ? 992  HOH A O   1 
HETATM 1306 O  O   . HOH T 7 .   ? -4.565  -10.673 8.577   1.00 35.41 ? 993  HOH A O   1 
HETATM 1307 O  O   . HOH T 7 .   ? -13.451 -1.595  -1.215  1.00 40.14 ? 994  HOH A O   1 
HETATM 1308 O  O   . HOH T 7 .   ? -10.148 -10.098 7.227   1.00 40.56 ? 995  HOH A O   1 
HETATM 1309 O  O   . HOH T 7 .   ? 7.188   15.085  -9.519  1.00 35.10 ? 996  HOH A O   1 
HETATM 1310 O  O   . HOH T 7 .   ? -7.142  -11.684 8.474   1.00 31.18 ? 997  HOH A O   1 
HETATM 1311 O  O   . HOH T 7 .   ? -12.968 -13.814 -0.878  1.00 39.03 ? 998  HOH A O   1 
HETATM 1312 O  O   . HOH T 7 .   ? -8.619  0.274   -14.633 1.00 44.54 ? 999  HOH A O   1 
HETATM 1313 O  O   . HOH T 7 .   ? -7.277  -22.765 -1.966  1.00 22.99 ? 1000 HOH A O   1 
HETATM 1314 O  O   . HOH T 7 .   ? -0.579  15.273  -1.501  1.00 37.52 ? 1001 HOH A O   1 
HETATM 1315 O  O   . HOH T 7 .   ? -0.641  -13.053 -15.033 1.00 37.06 ? 1002 HOH A O   1 
HETATM 1316 O  O   . HOH T 7 .   ? -14.357 -7.405  -4.985  1.00 29.03 ? 1003 HOH A O   1 
HETATM 1317 O  O   . HOH T 7 .   ? -13.080 -2.320  -5.909  1.00 37.95 ? 1004 HOH A O   1 
HETATM 1318 O  O   . HOH T 7 .   ? -12.150 -2.502  -14.059 1.00 36.29 ? 1005 HOH A O   1 
HETATM 1319 O  O   . HOH T 7 .   ? -1.867  -12.635 10.621  1.00 37.33 ? 1006 HOH A O   1 
HETATM 1320 O  O   . HOH T 7 .   ? -4.377  16.909  -1.457  0.50 21.39 ? 1007 HOH A O   1 
HETATM 1321 O  O   . HOH T 7 .   ? -13.593 -6.593  -2.815  1.00 32.92 ? 1008 HOH A O   1 
HETATM 1322 O  O   . HOH T 7 .   ? 2.502   -21.208 -7.151  1.00 23.66 ? 1009 HOH A O   1 
HETATM 1323 O  O   . HOH T 7 .   ? 3.326   -3.551  10.151  1.00 35.53 ? 1010 HOH A O   1 
HETATM 1324 O  O   . HOH T 7 .   ? -1.027  -1.903  11.070  1.00 30.27 ? 1011 HOH A O   1 
HETATM 1325 O  O   . HOH T 7 .   ? -13.377 7.915   -1.765  1.00 54.84 ? 1012 HOH A O   1 
HETATM 1326 O  O   . HOH T 7 .   ? -1.551  -18.366 -7.618  1.00 20.74 ? 1013 HOH A O   1 
HETATM 1327 O  O   . HOH T 7 .   ? -12.057 -6.618  7.140   1.00 44.40 ? 1014 HOH A O   1 
HETATM 1328 O  O   . HOH T 7 .   ? -2.253  -22.925 -2.392  1.00 35.72 ? 1015 HOH A O   1 
HETATM 1329 O  O   . HOH T 7 .   ? -3.208  -0.754  12.288  1.00 24.18 ? 1016 HOH A O   1 
HETATM 1330 O  O   . HOH T 7 .   ? -12.348 -8.322  4.995   1.00 38.58 ? 1017 HOH A O   1 
HETATM 1331 O  O   . HOH T 7 .   ? 2.222   17.566  7.944   1.00 41.78 ? 1018 HOH A O   1 
HETATM 1332 O  O   . HOH T 7 .   ? -5.531  20.581  12.190  1.00 40.66 ? 1019 HOH A O   1 
HETATM 1333 O  O   . HOH T 7 .   ? -10.988 -13.711 9.412   1.00 37.59 ? 1020 HOH A O   1 
HETATM 1334 O  O   . HOH T 7 .   ? -2.960  -10.387 11.105  1.00 40.01 ? 1021 HOH A O   1 
HETATM 1335 O  O   . HOH T 7 .   ? -5.111  -24.114 -2.844  1.00 32.56 ? 1022 HOH A O   1 
HETATM 1336 O  O   . HOH T 7 .   ? -0.755  -20.933 -7.843  1.00 34.34 ? 1023 HOH A O   1 
HETATM 1337 O  O   . HOH T 7 .   ? -16.335 -5.125  -1.303  1.00 42.99 ? 1024 HOH A O   1 
# 
